data_6EXH
#
_entry.id   6EXH
#
_cell.length_a   91.740
_cell.length_b   99.230
_cell.length_c   165.580
_cell.angle_alpha   90.00
_cell.angle_beta   90.00
_cell.angle_gamma   90.00
#
_symmetry.space_group_name_H-M   'P 21 21 21'
#
loop_
_entity.id
_entity.type
_entity.pdbx_description
1 polymer 'L-lysine 4-hydroxylase'
2 non-polymer 'FE (III) ION'
3 non-polymer 4-HYDROXY-LYSINE
4 non-polymer 'SUCCINIC ACID'
5 non-polymer GLYCEROL
6 water water
#
_entity_poly.entity_id   1
_entity_poly.type   'polypeptide(L)'
_entity_poly.pdbx_seq_one_letter_code
;MKSQSIMSVERSAETSLTLEIPTSPLIIKITQQERNILSNVGNLLVKAFGNYENPDYIASLHLHAFQLLPERITRILSQF
GSDFSAEQYGAIVFQGLIEVDQDDLGPTPPNWQGADYGKLNKYGFICSLLHGAVPSKPVQYYAQRKGGGLLHAVIPDEKM
AATQTGSGSKTDLFVHTEDAFLSNQADFLSFLYLRNEERVPSTLYSIRSHGKMNPVMKKLFEPIYQCPKDANYNDEDVAN
SGPTASVLYGNRELPFIRFDAAEQIFNENAGQTSEALGNLMDFWDEAKTLINSDYIPNSGDLIFVNNHLCAHGRSAFIAG
QRIENGEIIKCERRQMLRMMSKTSLIHIRSVTRTDDPYFIMEEHLGKIFDLD
;
_entity_poly.pdbx_strand_id   A,B,C,D
#
# COMPACT_ATOMS: atom_id res chain seq x y z
N LEU A 17 7.46 -37.56 6.88
CA LEU A 17 7.30 -38.87 6.24
C LEU A 17 7.64 -38.85 4.73
N THR A 18 7.13 -39.87 3.99
CA THR A 18 7.28 -40.14 2.56
C THR A 18 7.06 -38.92 1.63
N LEU A 19 7.80 -38.92 0.49
CA LEU A 19 7.75 -37.91 -0.56
C LEU A 19 6.48 -38.11 -1.34
N GLU A 20 5.78 -37.01 -1.66
CA GLU A 20 4.57 -37.04 -2.48
C GLU A 20 4.89 -36.61 -3.92
N ILE A 21 5.33 -37.61 -4.73
CA ILE A 21 5.72 -37.57 -6.16
C ILE A 21 4.54 -37.03 -7.01
N PRO A 22 4.70 -35.89 -7.75
CA PRO A 22 3.59 -35.41 -8.57
C PRO A 22 3.42 -36.25 -9.83
N THR A 23 2.18 -36.64 -10.14
CA THR A 23 1.93 -37.45 -11.34
C THR A 23 1.02 -36.73 -12.36
N SER A 24 0.48 -35.56 -11.98
CA SER A 24 -0.45 -34.78 -12.78
C SER A 24 -0.24 -33.27 -12.55
N PRO A 25 -0.64 -32.39 -13.50
CA PRO A 25 -0.46 -30.94 -13.26
C PRO A 25 -1.47 -30.38 -12.26
N LEU A 26 -1.24 -29.16 -11.75
CA LEU A 26 -2.18 -28.50 -10.85
C LEU A 26 -3.32 -27.96 -11.74
N ILE A 27 -4.57 -28.28 -11.39
CA ILE A 27 -5.73 -27.85 -12.17
C ILE A 27 -6.40 -26.70 -11.41
N ILE A 28 -6.40 -25.50 -12.02
CA ILE A 28 -7.00 -24.29 -11.48
C ILE A 28 -8.28 -24.04 -12.27
N LYS A 29 -9.43 -24.00 -11.58
CA LYS A 29 -10.70 -23.70 -12.24
C LYS A 29 -10.91 -22.18 -12.16
N ILE A 30 -10.67 -21.45 -13.29
CA ILE A 30 -10.84 -20.00 -13.37
C ILE A 30 -12.32 -19.68 -13.20
N THR A 31 -12.64 -18.67 -12.35
CA THR A 31 -14.01 -18.26 -12.04
C THR A 31 -14.54 -17.27 -13.07
N GLN A 32 -15.87 -17.07 -13.10
CA GLN A 32 -16.51 -16.14 -14.00
C GLN A 32 -16.05 -14.71 -13.74
N GLN A 33 -15.83 -14.35 -12.47
CA GLN A 33 -15.40 -13.00 -12.09
C GLN A 33 -13.98 -12.75 -12.60
N GLU A 34 -13.07 -13.75 -12.43
CA GLU A 34 -11.70 -13.72 -12.94
C GLU A 34 -11.68 -13.63 -14.49
N ARG A 35 -12.54 -14.41 -15.20
CA ARG A 35 -12.65 -14.39 -16.68
C ARG A 35 -12.97 -12.99 -17.16
N ASN A 36 -13.99 -12.37 -16.52
CA ASN A 36 -14.50 -11.03 -16.81
C ASN A 36 -13.45 -9.94 -16.58
N ILE A 37 -12.63 -10.07 -15.53
CA ILE A 37 -11.56 -9.14 -15.23
C ILE A 37 -10.51 -9.24 -16.33
N LEU A 38 -10.08 -10.46 -16.68
CA LEU A 38 -9.09 -10.72 -17.72
C LEU A 38 -9.52 -10.17 -19.08
N SER A 39 -10.82 -10.30 -19.42
CA SER A 39 -11.39 -9.77 -20.65
C SER A 39 -11.30 -8.25 -20.65
N ASN A 40 -11.83 -7.59 -19.61
N ASN A 40 -11.84 -7.56 -19.61
CA ASN A 40 -11.84 -6.13 -19.50
CA ASN A 40 -11.78 -6.09 -19.53
C ASN A 40 -10.42 -5.52 -19.31
C ASN A 40 -10.35 -5.59 -19.48
N VAL A 41 -9.47 -6.31 -18.76
CA VAL A 41 -8.06 -5.93 -18.60
C VAL A 41 -7.36 -6.02 -19.98
N GLY A 42 -7.69 -7.08 -20.73
CA GLY A 42 -7.23 -7.32 -22.09
C GLY A 42 -7.71 -6.22 -23.03
N ASN A 43 -9.01 -5.83 -22.93
CA ASN A 43 -9.63 -4.77 -23.73
C ASN A 43 -9.00 -3.41 -23.46
N LEU A 44 -8.72 -3.09 -22.17
CA LEU A 44 -8.07 -1.85 -21.74
C LEU A 44 -6.66 -1.72 -22.31
N LEU A 45 -5.87 -2.83 -22.30
CA LEU A 45 -4.48 -2.89 -22.78
C LEU A 45 -4.38 -2.70 -24.29
N VAL A 46 -5.36 -3.24 -25.03
CA VAL A 46 -5.44 -3.08 -26.48
C VAL A 46 -5.66 -1.60 -26.75
N LYS A 47 -6.64 -0.95 -26.07
CA LYS A 47 -6.93 0.47 -26.22
C LYS A 47 -5.73 1.36 -25.85
N ALA A 48 -5.01 0.99 -24.79
CA ALA A 48 -3.84 1.72 -24.28
C ALA A 48 -2.56 1.57 -25.15
N PHE A 49 -2.17 0.31 -25.51
CA PHE A 49 -0.90 0.02 -26.20
C PHE A 49 -1.02 -0.48 -27.64
N GLY A 50 -2.23 -0.70 -28.10
CA GLY A 50 -2.48 -1.14 -29.46
C GLY A 50 -2.29 -2.62 -29.70
N ASN A 51 -1.12 -3.16 -29.28
CA ASN A 51 -0.66 -4.54 -29.42
C ASN A 51 0.38 -4.90 -28.33
N TYR A 52 0.46 -6.22 -27.99
CA TYR A 52 1.28 -6.80 -26.93
C TYR A 52 2.80 -6.78 -27.23
N GLU A 53 3.20 -6.33 -28.44
CA GLU A 53 4.60 -6.23 -28.85
C GLU A 53 5.11 -4.80 -28.77
N ASN A 54 4.24 -3.85 -28.29
CA ASN A 54 4.56 -2.45 -28.07
C ASN A 54 5.69 -2.36 -27.04
N PRO A 55 6.83 -1.69 -27.37
CA PRO A 55 7.97 -1.64 -26.42
C PRO A 55 7.66 -0.98 -25.10
N ASP A 56 6.71 -0.03 -25.06
CA ASP A 56 6.31 0.64 -23.82
C ASP A 56 5.57 -0.32 -22.87
N TYR A 57 4.82 -1.27 -23.44
CA TYR A 57 4.09 -2.27 -22.70
C TYR A 57 5.06 -3.31 -22.15
N ILE A 58 5.94 -3.84 -23.01
CA ILE A 58 6.95 -4.84 -22.67
C ILE A 58 7.90 -4.36 -21.55
N ALA A 59 8.32 -3.09 -21.61
CA ALA A 59 9.21 -2.48 -20.61
C ALA A 59 8.56 -2.42 -19.24
N SER A 60 7.23 -2.25 -19.19
CA SER A 60 6.42 -2.16 -17.98
C SER A 60 5.54 -3.42 -17.77
N LEU A 61 5.88 -4.56 -18.39
CA LEU A 61 5.10 -5.81 -18.34
C LEU A 61 4.80 -6.30 -16.95
N HIS A 62 5.82 -6.45 -16.12
CA HIS A 62 5.67 -6.95 -14.75
C HIS A 62 4.76 -6.06 -13.90
N LEU A 63 4.84 -4.73 -14.12
CA LEU A 63 3.98 -3.77 -13.44
C LEU A 63 2.50 -4.06 -13.75
N HIS A 64 2.16 -4.20 -15.06
CA HIS A 64 0.82 -4.50 -15.54
C HIS A 64 0.37 -5.88 -15.13
N ALA A 65 1.27 -6.87 -15.20
CA ALA A 65 0.99 -8.25 -14.80
C ALA A 65 0.47 -8.26 -13.33
N PHE A 66 1.29 -7.74 -12.38
CA PHE A 66 1.01 -7.69 -10.94
C PHE A 66 -0.12 -6.77 -10.55
N GLN A 67 -0.42 -5.75 -11.39
CA GLN A 67 -1.47 -4.75 -11.15
C GLN A 67 -2.80 -5.08 -11.76
N LEU A 68 -2.80 -5.71 -12.89
CA LEU A 68 -4.02 -5.96 -13.65
C LEU A 68 -4.54 -7.39 -13.58
N LEU A 69 -3.70 -8.38 -13.26
CA LEU A 69 -4.19 -9.76 -13.21
C LEU A 69 -5.04 -10.02 -11.96
N PRO A 70 -6.07 -10.92 -12.03
CA PRO A 70 -6.80 -11.32 -10.81
C PRO A 70 -5.82 -11.89 -9.80
N GLU A 71 -5.95 -11.43 -8.56
CA GLU A 71 -5.10 -11.75 -7.41
C GLU A 71 -4.64 -13.20 -7.35
N ARG A 72 -5.59 -14.17 -7.44
CA ARG A 72 -5.31 -15.61 -7.32
C ARG A 72 -4.35 -16.11 -8.38
N ILE A 73 -4.50 -15.62 -9.62
CA ILE A 73 -3.64 -15.98 -10.75
C ILE A 73 -2.19 -15.54 -10.47
N THR A 74 -2.01 -14.28 -10.06
CA THR A 74 -0.73 -13.69 -9.68
C THR A 74 0.00 -14.52 -8.56
N ARG A 75 -0.74 -14.99 -7.54
CA ARG A 75 -0.21 -15.79 -6.45
C ARG A 75 0.28 -17.13 -6.96
N ILE A 76 -0.57 -17.83 -7.73
CA ILE A 76 -0.29 -19.12 -8.36
C ILE A 76 1.00 -19.06 -9.18
N LEU A 77 1.09 -18.12 -10.13
CA LEU A 77 2.24 -17.97 -11.03
C LEU A 77 3.50 -17.49 -10.30
N SER A 78 3.39 -16.57 -9.34
CA SER A 78 4.52 -16.09 -8.51
C SER A 78 5.17 -17.23 -7.71
N GLN A 79 4.34 -18.10 -7.08
CA GLN A 79 4.73 -19.28 -6.34
C GLN A 79 5.42 -20.30 -7.28
N PHE A 80 4.83 -20.55 -8.47
CA PHE A 80 5.29 -21.48 -9.51
C PHE A 80 6.67 -21.13 -10.09
N GLY A 81 6.94 -19.86 -10.28
CA GLY A 81 8.18 -19.38 -10.90
C GLY A 81 9.47 -19.73 -10.18
N SER A 82 9.40 -19.81 -8.86
CA SER A 82 10.51 -20.13 -7.98
C SER A 82 10.38 -21.53 -7.32
N ASP A 83 9.40 -22.35 -7.76
CA ASP A 83 9.15 -23.68 -7.18
C ASP A 83 9.74 -24.78 -8.04
N PHE A 84 10.84 -25.37 -7.54
CA PHE A 84 11.55 -26.45 -8.22
C PHE A 84 11.70 -27.62 -7.24
N SER A 85 10.83 -27.66 -6.22
CA SER A 85 10.81 -28.69 -5.17
C SER A 85 10.38 -30.05 -5.74
N ALA A 86 10.56 -31.11 -4.94
CA ALA A 86 10.20 -32.49 -5.26
C ALA A 86 8.71 -32.67 -5.61
N GLU A 87 7.83 -31.85 -4.99
CA GLU A 87 6.37 -31.87 -5.14
C GLU A 87 5.85 -31.09 -6.35
N GLN A 88 6.70 -30.27 -7.01
CA GLN A 88 6.28 -29.48 -8.15
C GLN A 88 6.27 -30.28 -9.45
N TYR A 89 5.09 -30.33 -10.11
CA TYR A 89 4.96 -31.01 -11.38
C TYR A 89 5.67 -30.24 -12.53
N GLY A 90 5.65 -28.91 -12.46
CA GLY A 90 6.22 -28.06 -13.50
C GLY A 90 5.24 -27.70 -14.60
N ALA A 91 3.92 -27.82 -14.31
CA ALA A 91 2.81 -27.51 -15.23
C ALA A 91 1.53 -27.20 -14.45
N ILE A 92 0.77 -26.18 -14.92
CA ILE A 92 -0.53 -25.75 -14.37
C ILE A 92 -1.54 -25.68 -15.54
N VAL A 93 -2.77 -26.18 -15.30
CA VAL A 93 -3.86 -26.09 -16.25
C VAL A 93 -4.80 -25.02 -15.71
N PHE A 94 -4.93 -23.89 -16.43
CA PHE A 94 -5.91 -22.85 -16.05
C PHE A 94 -7.17 -23.11 -16.87
N GLN A 95 -8.14 -23.86 -16.32
CA GLN A 95 -9.41 -24.23 -16.99
C GLN A 95 -10.28 -23.02 -17.11
N GLY A 96 -10.76 -22.77 -18.31
CA GLY A 96 -11.66 -21.67 -18.62
C GLY A 96 -11.06 -20.32 -18.34
N LEU A 97 -9.80 -20.10 -18.75
CA LEU A 97 -9.11 -18.84 -18.55
C LEU A 97 -9.80 -17.73 -19.34
N ILE A 98 -10.26 -18.05 -20.56
CA ILE A 98 -10.95 -17.10 -21.43
C ILE A 98 -12.19 -17.75 -22.06
N GLU A 99 -13.18 -16.95 -22.46
CA GLU A 99 -14.33 -17.45 -23.22
C GLU A 99 -14.02 -17.14 -24.67
N VAL A 100 -13.93 -18.17 -25.48
CA VAL A 100 -13.66 -17.97 -26.91
C VAL A 100 -15.02 -17.94 -27.64
N ASP A 101 -15.31 -16.82 -28.33
CA ASP A 101 -16.52 -16.75 -29.16
C ASP A 101 -16.13 -17.41 -30.49
N GLN A 102 -16.54 -18.66 -30.65
CA GLN A 102 -16.20 -19.46 -31.82
C GLN A 102 -16.65 -18.88 -33.17
N ASP A 103 -17.85 -18.28 -33.22
CA ASP A 103 -18.38 -17.68 -34.45
C ASP A 103 -17.64 -16.38 -34.83
N ASP A 104 -17.12 -15.64 -33.82
CA ASP A 104 -16.34 -14.42 -34.05
C ASP A 104 -14.97 -14.81 -34.57
N LEU A 105 -14.37 -15.89 -33.97
CA LEU A 105 -13.05 -16.45 -34.33
C LEU A 105 -13.01 -16.87 -35.82
N GLY A 106 -14.16 -17.36 -36.30
CA GLY A 106 -14.35 -17.83 -37.66
C GLY A 106 -13.57 -19.09 -37.96
N PRO A 107 -13.61 -19.57 -39.22
CA PRO A 107 -12.88 -20.81 -39.55
C PRO A 107 -11.38 -20.75 -39.30
N THR A 108 -10.78 -21.90 -38.98
CA THR A 108 -9.34 -22.02 -38.74
C THR A 108 -8.62 -21.82 -40.10
N PRO A 109 -7.59 -20.93 -40.15
CA PRO A 109 -6.86 -20.70 -41.41
C PRO A 109 -6.14 -21.97 -41.92
N PRO A 110 -5.78 -22.09 -43.22
CA PRO A 110 -5.13 -23.34 -43.68
C PRO A 110 -3.82 -23.72 -42.96
N ASN A 111 -3.03 -22.71 -42.52
CA ASN A 111 -1.72 -22.83 -41.86
C ASN A 111 -1.52 -21.67 -40.85
N TRP A 112 -0.40 -21.68 -40.06
CA TRP A 112 -0.10 -20.62 -39.09
C TRP A 112 0.07 -19.25 -39.76
N GLN A 113 0.51 -19.24 -41.06
CA GLN A 113 0.74 -18.03 -41.87
C GLN A 113 -0.56 -17.26 -42.11
N GLY A 114 -1.69 -17.96 -42.08
CA GLY A 114 -3.01 -17.39 -42.33
C GLY A 114 -3.71 -16.77 -41.14
N ALA A 115 -3.10 -16.86 -39.95
CA ALA A 115 -3.66 -16.34 -38.69
C ALA A 115 -3.82 -14.82 -38.67
N ASP A 116 -4.96 -14.33 -38.17
CA ASP A 116 -5.25 -12.89 -38.09
C ASP A 116 -4.89 -12.40 -36.71
N TYR A 117 -3.69 -11.81 -36.57
CA TYR A 117 -3.20 -11.33 -35.28
C TYR A 117 -3.91 -10.12 -34.71
N GLY A 118 -4.80 -9.51 -35.48
CA GLY A 118 -5.63 -8.42 -35.00
C GLY A 118 -6.67 -9.03 -34.11
N LYS A 119 -7.17 -10.19 -34.56
CA LYS A 119 -8.17 -10.99 -33.86
C LYS A 119 -7.61 -11.52 -32.55
N LEU A 120 -6.33 -11.97 -32.56
CA LEU A 120 -5.59 -12.61 -31.46
C LEU A 120 -4.86 -11.68 -30.49
N ASN A 121 -4.92 -10.36 -30.75
CA ASN A 121 -4.25 -9.30 -29.98
C ASN A 121 -4.57 -9.30 -28.46
N LYS A 122 -5.85 -9.41 -28.08
CA LYS A 122 -6.34 -9.47 -26.68
C LYS A 122 -5.75 -10.68 -25.98
N TYR A 123 -5.72 -11.83 -26.68
CA TYR A 123 -5.19 -13.10 -26.21
C TYR A 123 -3.69 -13.01 -25.93
N GLY A 124 -2.94 -12.33 -26.79
CA GLY A 124 -1.51 -12.08 -26.61
C GLY A 124 -1.19 -11.16 -25.44
N PHE A 125 -2.12 -10.26 -25.09
CA PHE A 125 -1.96 -9.39 -23.91
C PHE A 125 -2.11 -10.24 -22.67
N ILE A 126 -3.20 -11.03 -22.60
CA ILE A 126 -3.53 -11.93 -21.48
C ILE A 126 -2.40 -12.90 -21.23
N CYS A 127 -1.86 -13.54 -22.27
CA CYS A 127 -0.76 -14.48 -22.21
C CYS A 127 0.54 -13.86 -21.70
N SER A 128 0.89 -12.66 -22.20
CA SER A 128 2.09 -11.94 -21.76
C SER A 128 2.01 -11.51 -20.29
N LEU A 129 0.78 -11.26 -19.76
CA LEU A 129 0.57 -10.91 -18.36
C LEU A 129 0.84 -12.14 -17.49
N LEU A 130 0.40 -13.34 -17.93
CA LEU A 130 0.67 -14.58 -17.22
C LEU A 130 2.18 -14.83 -17.08
N HIS A 131 2.95 -14.63 -18.16
CA HIS A 131 4.41 -14.71 -18.12
C HIS A 131 5.02 -13.61 -17.22
N GLY A 132 4.52 -12.38 -17.31
CA GLY A 132 4.95 -11.25 -16.49
C GLY A 132 4.82 -11.44 -15.00
N ALA A 133 3.81 -12.22 -14.54
CA ALA A 133 3.57 -12.54 -13.11
C ALA A 133 4.48 -13.66 -12.58
N VAL A 134 5.16 -14.41 -13.46
CA VAL A 134 6.05 -15.49 -13.02
C VAL A 134 7.13 -14.96 -12.01
N PRO A 135 7.94 -13.88 -12.23
CA PRO A 135 8.06 -13.01 -13.41
C PRO A 135 8.97 -13.58 -14.51
N SER A 136 8.61 -13.36 -15.75
CA SER A 136 9.31 -13.86 -16.94
C SER A 136 9.02 -12.91 -18.07
N LYS A 137 9.95 -12.77 -18.99
CA LYS A 137 9.81 -11.87 -20.14
C LYS A 137 9.53 -12.63 -21.40
N PRO A 138 8.38 -12.40 -22.11
CA PRO A 138 8.16 -13.09 -23.42
C PRO A 138 9.31 -12.81 -24.38
N VAL A 139 9.68 -13.85 -25.20
CA VAL A 139 10.81 -13.82 -26.16
C VAL A 139 10.41 -14.52 -27.45
N GLN A 140 11.19 -14.28 -28.51
CA GLN A 140 11.03 -14.96 -29.79
C GLN A 140 12.38 -15.50 -30.21
N TYR A 141 12.36 -16.62 -30.95
CA TYR A 141 13.54 -17.34 -31.39
C TYR A 141 13.62 -17.34 -32.89
N TYR A 142 14.85 -17.13 -33.44
CA TYR A 142 15.00 -17.21 -34.90
C TYR A 142 14.85 -18.67 -35.32
N ALA A 143 15.20 -19.62 -34.42
CA ALA A 143 15.08 -21.08 -34.61
C ALA A 143 13.58 -21.46 -34.85
N GLN A 144 12.62 -20.57 -34.42
CA GLN A 144 11.17 -20.72 -34.55
C GLN A 144 10.55 -19.68 -35.48
N ARG A 145 10.28 -20.06 -36.76
CA ARG A 145 9.62 -19.22 -37.77
C ARG A 145 10.30 -17.85 -38.07
N LYS A 146 11.65 -17.82 -38.04
CA LYS A 146 12.48 -16.62 -38.23
C LYS A 146 12.04 -15.54 -37.22
N GLY A 147 11.55 -15.99 -36.07
CA GLY A 147 11.02 -15.17 -35.00
C GLY A 147 9.55 -15.45 -34.82
N GLY A 148 8.75 -15.00 -35.78
CA GLY A 148 7.30 -15.23 -35.79
C GLY A 148 6.50 -14.44 -34.77
N GLY A 149 7.18 -13.57 -34.01
CA GLY A 149 6.56 -12.74 -32.98
C GLY A 149 6.48 -13.42 -31.63
N LEU A 150 5.98 -12.67 -30.60
CA LEU A 150 5.84 -13.16 -29.23
C LEU A 150 4.74 -14.20 -29.04
N LEU A 151 3.75 -14.22 -29.92
CA LEU A 151 2.66 -15.18 -29.88
C LEU A 151 2.57 -15.96 -31.21
N HIS A 152 2.56 -17.29 -31.12
CA HIS A 152 2.51 -18.18 -32.26
C HIS A 152 1.19 -18.91 -32.36
N ALA A 153 0.60 -18.91 -33.56
CA ALA A 153 -0.63 -19.66 -33.80
C ALA A 153 -0.17 -21.05 -34.23
N VAL A 154 -0.60 -22.09 -33.47
CA VAL A 154 -0.27 -23.50 -33.73
C VAL A 154 -1.55 -24.11 -34.38
N ILE A 155 -1.56 -24.19 -35.73
CA ILE A 155 -2.70 -24.69 -36.53
C ILE A 155 -2.29 -25.93 -37.39
N PRO A 156 -3.07 -27.07 -37.39
CA PRO A 156 -2.70 -28.21 -38.25
C PRO A 156 -2.78 -27.89 -39.74
N ASP A 157 -1.71 -28.22 -40.47
CA ASP A 157 -1.59 -28.01 -41.92
C ASP A 157 -1.71 -29.38 -42.60
N GLU A 158 -2.52 -29.48 -43.68
CA GLU A 158 -2.71 -30.73 -44.46
C GLU A 158 -1.39 -31.18 -45.12
N LYS A 159 -0.56 -30.21 -45.57
CA LYS A 159 0.76 -30.39 -46.18
C LYS A 159 1.76 -31.01 -45.20
N MET A 160 1.72 -30.59 -43.93
CA MET A 160 2.58 -31.08 -42.86
C MET A 160 1.77 -31.92 -41.88
N ALA A 161 0.96 -32.87 -42.41
CA ALA A 161 0.09 -33.72 -41.60
C ALA A 161 0.83 -34.72 -40.70
N ALA A 162 1.72 -35.55 -41.28
CA ALA A 162 2.48 -36.53 -40.49
C ALA A 162 3.89 -36.04 -40.11
N THR A 163 4.00 -34.76 -39.70
CA THR A 163 5.26 -34.13 -39.28
C THR A 163 5.35 -33.98 -37.75
N GLN A 164 6.59 -33.94 -37.23
CA GLN A 164 6.88 -33.76 -35.81
C GLN A 164 7.09 -32.26 -35.52
N THR A 165 6.02 -31.49 -35.78
CA THR A 165 5.87 -30.05 -35.61
C THR A 165 4.46 -29.78 -35.05
N GLY A 166 4.23 -28.54 -34.63
CA GLY A 166 2.94 -28.06 -34.14
C GLY A 166 1.93 -28.01 -35.26
N SER A 167 2.44 -27.78 -36.51
CA SER A 167 1.73 -27.76 -37.80
C SER A 167 1.25 -29.18 -38.20
N GLY A 168 1.71 -30.18 -37.43
CA GLY A 168 1.38 -31.59 -37.56
C GLY A 168 0.00 -31.95 -37.03
N SER A 169 -0.48 -33.16 -37.39
CA SER A 169 -1.81 -33.67 -37.02
C SER A 169 -1.89 -35.20 -36.92
N LYS A 170 -1.77 -35.91 -38.08
CA LYS A 170 -1.88 -37.37 -38.35
C LYS A 170 -1.01 -38.27 -37.48
N THR A 171 0.03 -37.69 -36.89
CA THR A 171 0.94 -38.41 -36.02
C THR A 171 1.04 -37.79 -34.62
N ASP A 172 1.39 -38.62 -33.64
CA ASP A 172 1.56 -38.17 -32.26
C ASP A 172 2.88 -37.41 -32.13
N LEU A 173 2.83 -36.29 -31.39
CA LEU A 173 3.95 -35.41 -31.06
C LEU A 173 4.53 -35.89 -29.71
N PHE A 174 5.54 -36.84 -29.78
CA PHE A 174 6.25 -37.44 -28.63
C PHE A 174 6.63 -36.35 -27.66
N VAL A 175 6.63 -36.67 -26.34
CA VAL A 175 6.98 -35.65 -25.34
C VAL A 175 8.40 -35.05 -25.58
N HIS A 176 8.47 -33.73 -25.46
CA HIS A 176 9.66 -32.92 -25.58
C HIS A 176 9.55 -31.66 -24.76
N THR A 177 10.69 -31.14 -24.31
CA THR A 177 10.77 -29.81 -23.71
C THR A 177 10.99 -28.91 -24.96
N GLU A 178 10.54 -27.67 -24.93
CA GLU A 178 10.70 -26.78 -26.08
C GLU A 178 12.17 -26.42 -26.33
N ASP A 179 12.62 -26.57 -27.60
CA ASP A 179 13.95 -26.25 -28.15
C ASP A 179 15.11 -26.89 -27.37
N ALA A 180 15.12 -28.24 -27.27
CA ALA A 180 16.15 -29.00 -26.56
C ALA A 180 17.55 -28.80 -27.16
N PHE A 181 17.61 -28.35 -28.44
CA PHE A 181 18.83 -28.06 -29.22
C PHE A 181 19.47 -26.70 -28.89
N LEU A 182 18.77 -25.84 -28.15
CA LEU A 182 19.29 -24.51 -27.79
C LEU A 182 19.71 -24.50 -26.32
N SER A 183 20.85 -23.86 -26.00
CA SER A 183 21.33 -23.71 -24.63
C SER A 183 20.44 -22.69 -23.88
N ASN A 184 19.76 -21.80 -24.64
CA ASN A 184 18.90 -20.73 -24.16
C ASN A 184 17.42 -20.94 -24.48
N GLN A 185 16.96 -22.22 -24.37
CA GLN A 185 15.57 -22.63 -24.57
C GLN A 185 14.64 -21.88 -23.61
N ALA A 186 13.35 -21.77 -23.96
CA ALA A 186 12.36 -21.05 -23.13
C ALA A 186 12.40 -21.54 -21.66
N ASP A 187 12.18 -20.63 -20.73
CA ASP A 187 12.13 -20.99 -19.31
C ASP A 187 10.71 -21.46 -19.00
N PHE A 188 9.70 -20.74 -19.55
CA PHE A 188 8.26 -20.98 -19.37
C PHE A 188 7.54 -20.88 -20.69
N LEU A 189 6.46 -21.66 -20.82
CA LEU A 189 5.60 -21.73 -22.00
C LEU A 189 4.18 -21.65 -21.56
N SER A 190 3.33 -21.08 -22.41
CA SER A 190 1.88 -21.06 -22.23
C SER A 190 1.26 -21.56 -23.54
N PHE A 191 0.27 -22.46 -23.44
CA PHE A 191 -0.47 -23.01 -24.57
C PHE A 191 -1.92 -22.66 -24.36
N LEU A 192 -2.42 -21.64 -25.06
CA LEU A 192 -3.81 -21.22 -24.97
C LEU A 192 -4.62 -21.95 -26.03
N TYR A 193 -5.58 -22.79 -25.62
CA TYR A 193 -6.40 -23.56 -26.55
C TYR A 193 -7.61 -22.77 -26.93
N LEU A 194 -7.69 -22.39 -28.22
CA LEU A 194 -8.82 -21.63 -28.75
C LEU A 194 -9.87 -22.60 -29.21
N ARG A 195 -9.43 -23.71 -29.83
CA ARG A 195 -10.23 -24.77 -30.41
C ARG A 195 -9.56 -26.12 -30.27
N ASN A 196 -10.33 -27.13 -29.81
CA ASN A 196 -9.84 -28.51 -29.67
C ASN A 196 -11.03 -29.44 -29.80
N GLU A 197 -11.79 -29.26 -30.90
CA GLU A 197 -13.01 -30.00 -31.17
C GLU A 197 -12.76 -31.45 -31.59
N GLU A 198 -11.52 -31.77 -32.03
CA GLU A 198 -11.02 -33.11 -32.37
C GLU A 198 -10.85 -33.92 -31.10
N ARG A 199 -10.75 -33.22 -29.92
CA ARG A 199 -10.59 -33.73 -28.56
C ARG A 199 -9.28 -34.51 -28.45
N VAL A 200 -8.19 -33.79 -28.67
CA VAL A 200 -6.83 -34.30 -28.67
C VAL A 200 -6.31 -34.15 -27.28
N PRO A 201 -5.81 -35.22 -26.67
CA PRO A 201 -5.27 -35.07 -25.33
C PRO A 201 -3.93 -34.34 -25.37
N SER A 202 -3.66 -33.54 -24.34
CA SER A 202 -2.41 -32.83 -24.18
C SER A 202 -1.57 -33.71 -23.27
N THR A 203 -0.52 -34.30 -23.82
CA THR A 203 0.36 -35.16 -23.04
C THR A 203 1.42 -34.31 -22.33
N LEU A 204 1.69 -34.64 -21.06
CA LEU A 204 2.68 -33.95 -20.25
C LEU A 204 3.56 -35.00 -19.57
N TYR A 205 4.84 -34.68 -19.42
CA TYR A 205 5.79 -35.56 -18.73
C TYR A 205 6.69 -34.72 -17.84
N SER A 206 6.66 -35.00 -16.53
CA SER A 206 7.48 -34.29 -15.54
C SER A 206 8.65 -35.15 -15.03
N ILE A 207 9.85 -34.55 -14.94
CA ILE A 207 11.05 -35.23 -14.40
C ILE A 207 10.81 -35.55 -12.87
N ARG A 208 9.92 -34.76 -12.22
CA ARG A 208 9.56 -34.92 -10.81
C ARG A 208 8.71 -36.17 -10.52
N SER A 209 8.05 -36.73 -11.57
CA SER A 209 7.25 -37.94 -11.53
C SER A 209 8.12 -39.18 -11.30
N HIS A 210 9.44 -39.04 -11.55
CA HIS A 210 10.43 -40.10 -11.35
C HIS A 210 10.73 -40.31 -9.88
N GLY A 211 10.52 -39.26 -9.09
CA GLY A 211 10.80 -39.26 -7.66
C GLY A 211 12.28 -39.05 -7.39
N LYS A 212 12.81 -39.77 -6.39
CA LYS A 212 14.22 -39.73 -5.97
C LYS A 212 15.18 -40.07 -7.12
N MET A 213 16.35 -39.44 -7.13
N MET A 213 16.39 -39.48 -7.09
CA MET A 213 17.42 -39.65 -8.10
CA MET A 213 17.43 -39.77 -8.06
C MET A 213 17.85 -41.14 -8.09
C MET A 213 17.76 -41.25 -8.06
N ASN A 214 17.73 -41.82 -9.25
CA ASN A 214 18.04 -43.24 -9.44
C ASN A 214 19.21 -43.42 -10.42
N PRO A 215 19.82 -44.62 -10.54
CA PRO A 215 21.01 -44.74 -11.41
C PRO A 215 20.82 -44.47 -12.89
N VAL A 216 19.60 -44.70 -13.40
CA VAL A 216 19.21 -44.48 -14.80
C VAL A 216 19.25 -42.98 -15.10
N MET A 217 18.68 -42.19 -14.17
CA MET A 217 18.63 -40.74 -14.25
C MET A 217 20.02 -40.11 -14.14
N LYS A 218 20.86 -40.65 -13.25
CA LYS A 218 22.22 -40.14 -13.00
C LYS A 218 23.09 -40.08 -14.23
N LYS A 219 22.93 -41.05 -15.15
CA LYS A 219 23.69 -41.14 -16.41
C LYS A 219 23.38 -39.98 -17.36
N LEU A 220 22.20 -39.34 -17.21
CA LEU A 220 21.73 -38.22 -18.01
C LEU A 220 22.39 -36.89 -17.68
N PHE A 221 23.11 -36.82 -16.56
CA PHE A 221 23.88 -35.65 -16.13
C PHE A 221 25.17 -35.53 -16.94
N GLU A 222 25.60 -36.62 -17.61
CA GLU A 222 26.80 -36.64 -18.46
C GLU A 222 26.56 -35.83 -19.75
N PRO A 223 27.45 -34.92 -20.16
CA PRO A 223 27.19 -34.16 -21.40
C PRO A 223 27.65 -34.92 -22.64
N ILE A 224 27.06 -36.11 -22.81
CA ILE A 224 27.40 -37.08 -23.86
C ILE A 224 26.26 -37.29 -24.88
N TYR A 225 25.22 -36.46 -24.82
CA TYR A 225 24.04 -36.58 -25.67
C TYR A 225 23.92 -35.56 -26.78
N GLN A 226 23.52 -36.03 -27.97
CA GLN A 226 23.26 -35.19 -29.12
C GLN A 226 21.88 -34.56 -28.93
N CYS A 227 21.74 -33.27 -29.24
CA CYS A 227 20.46 -32.58 -29.15
C CYS A 227 20.18 -32.03 -30.57
N PRO A 228 19.72 -32.85 -31.54
CA PRO A 228 19.50 -32.33 -32.91
C PRO A 228 18.43 -31.25 -33.04
N LYS A 229 18.55 -30.39 -34.08
CA LYS A 229 17.58 -29.33 -34.39
C LYS A 229 16.22 -29.93 -34.84
N ASP A 230 15.09 -29.23 -34.52
CA ASP A 230 13.67 -29.50 -34.84
C ASP A 230 13.38 -30.14 -36.21
N ALA A 231 12.25 -30.90 -36.31
CA ALA A 231 11.78 -31.52 -37.55
C ALA A 231 11.26 -30.44 -38.53
N ASN A 240 26.88 -35.54 -37.57
CA ASN A 240 28.21 -36.04 -37.20
C ASN A 240 28.86 -35.23 -36.05
N SER A 241 29.52 -34.10 -36.40
CA SER A 241 30.28 -33.22 -35.53
C SER A 241 29.46 -32.18 -34.76
N GLY A 242 28.23 -32.51 -34.36
CA GLY A 242 27.43 -31.55 -33.61
C GLY A 242 27.84 -31.51 -32.14
N PRO A 243 27.57 -30.42 -31.37
CA PRO A 243 27.92 -30.44 -29.94
C PRO A 243 26.94 -31.28 -29.12
N THR A 244 27.42 -31.79 -27.98
CA THR A 244 26.65 -32.60 -27.05
C THR A 244 26.32 -31.82 -25.78
N ALA A 245 25.26 -32.25 -25.08
CA ALA A 245 24.82 -31.67 -23.82
C ALA A 245 24.24 -32.74 -22.88
N SER A 246 24.01 -32.35 -21.63
CA SER A 246 23.43 -33.17 -20.58
C SER A 246 21.92 -33.17 -20.72
N VAL A 247 21.27 -34.30 -20.51
CA VAL A 247 19.80 -34.36 -20.58
C VAL A 247 19.26 -33.76 -19.27
N LEU A 248 19.90 -34.09 -18.12
CA LEU A 248 19.62 -33.55 -16.80
C LEU A 248 20.72 -32.59 -16.38
N TYR A 249 20.33 -31.45 -15.83
CA TYR A 249 21.25 -30.42 -15.34
C TYR A 249 20.64 -29.76 -14.09
N GLY A 250 21.26 -28.70 -13.56
CA GLY A 250 20.77 -28.02 -12.37
C GLY A 250 21.16 -28.76 -11.10
N ASN A 251 20.24 -28.82 -10.12
CA ASN A 251 20.49 -29.51 -8.87
C ASN A 251 20.54 -31.02 -9.12
N ARG A 252 21.55 -31.68 -8.59
CA ARG A 252 21.81 -33.10 -8.76
C ARG A 252 20.74 -34.01 -8.17
N GLU A 253 20.00 -33.56 -7.14
N GLU A 253 20.01 -33.54 -7.14
CA GLU A 253 18.94 -34.38 -6.54
CA GLU A 253 18.96 -34.29 -6.42
C GLU A 253 17.59 -34.10 -7.18
C GLU A 253 17.56 -34.05 -7.01
N LEU A 254 17.30 -32.82 -7.48
CA LEU A 254 16.04 -32.35 -8.11
C LEU A 254 16.43 -31.60 -9.39
N PRO A 255 16.70 -32.33 -10.48
CA PRO A 255 17.20 -31.67 -11.69
C PRO A 255 16.20 -31.00 -12.61
N PHE A 256 16.77 -30.32 -13.62
CA PHE A 256 16.07 -29.73 -14.73
C PHE A 256 16.33 -30.66 -15.94
N ILE A 257 15.45 -30.61 -16.96
CA ILE A 257 15.56 -31.50 -18.09
C ILE A 257 15.51 -30.77 -19.43
N ARG A 258 16.28 -31.28 -20.40
CA ARG A 258 16.22 -30.91 -21.82
C ARG A 258 16.09 -32.26 -22.55
N PHE A 259 14.90 -32.54 -23.09
CA PHE A 259 14.62 -33.85 -23.68
C PHE A 259 13.70 -33.79 -24.90
N ASP A 260 14.07 -34.55 -25.95
CA ASP A 260 13.24 -34.65 -27.15
C ASP A 260 13.24 -36.11 -27.54
N ALA A 261 12.17 -36.83 -27.15
CA ALA A 261 12.06 -38.27 -27.42
C ALA A 261 12.22 -38.60 -28.93
N ALA A 262 11.58 -37.82 -29.82
CA ALA A 262 11.64 -38.05 -31.28
C ALA A 262 12.95 -37.65 -31.93
N GLU A 263 13.56 -36.54 -31.52
CA GLU A 263 14.80 -36.03 -32.09
C GLU A 263 16.08 -36.69 -31.53
N GLN A 264 16.11 -37.08 -30.25
CA GLN A 264 17.29 -37.68 -29.60
C GLN A 264 17.32 -39.20 -29.65
N ILE A 265 16.14 -39.83 -29.61
CA ILE A 265 16.05 -41.28 -29.58
C ILE A 265 15.55 -41.83 -30.91
N PHE A 266 14.30 -41.49 -31.26
CA PHE A 266 13.61 -42.06 -32.42
C PHE A 266 13.90 -41.39 -33.77
N ASN A 267 15.03 -40.72 -33.90
CA ASN A 267 15.50 -40.13 -35.16
C ASN A 267 16.75 -40.92 -35.55
N GLU A 268 16.76 -41.52 -36.75
CA GLU A 268 17.88 -42.35 -37.25
C GLU A 268 19.17 -41.56 -37.36
N ASN A 269 19.06 -40.28 -37.72
CA ASN A 269 20.18 -39.35 -37.91
C ASN A 269 20.57 -38.59 -36.63
N ALA A 270 20.18 -39.10 -35.45
CA ALA A 270 20.51 -38.45 -34.17
C ALA A 270 22.01 -38.40 -33.95
N GLY A 271 22.72 -39.42 -34.46
CA GLY A 271 24.16 -39.54 -34.37
C GLY A 271 24.64 -39.81 -32.96
N GLN A 272 23.86 -40.59 -32.18
CA GLN A 272 24.19 -40.92 -30.80
C GLN A 272 25.22 -42.01 -30.72
N THR A 273 26.02 -41.98 -29.63
CA THR A 273 26.98 -43.02 -29.30
C THR A 273 26.13 -44.19 -28.76
N SER A 274 26.69 -45.40 -28.77
CA SER A 274 26.02 -46.60 -28.26
C SER A 274 25.72 -46.43 -26.75
N GLU A 275 26.69 -45.83 -26.00
CA GLU A 275 26.58 -45.54 -24.57
C GLU A 275 25.45 -44.55 -24.36
N ALA A 276 25.46 -43.42 -25.09
CA ALA A 276 24.45 -42.36 -25.01
C ALA A 276 23.03 -42.84 -25.39
N LEU A 277 22.89 -43.58 -26.52
CA LEU A 277 21.59 -44.11 -26.94
C LEU A 277 21.03 -45.12 -25.93
N GLY A 278 21.91 -45.92 -25.33
CA GLY A 278 21.51 -46.89 -24.32
C GLY A 278 20.98 -46.21 -23.08
N ASN A 279 21.67 -45.16 -22.61
CA ASN A 279 21.26 -44.39 -21.43
C ASN A 279 19.90 -43.69 -21.69
N LEU A 280 19.70 -43.23 -22.94
CA LEU A 280 18.47 -42.57 -23.38
C LEU A 280 17.32 -43.58 -23.51
N MET A 281 17.61 -44.82 -23.99
CA MET A 281 16.64 -45.92 -24.11
C MET A 281 16.19 -46.34 -22.72
N ASP A 282 17.16 -46.58 -21.79
CA ASP A 282 16.92 -46.95 -20.39
C ASP A 282 16.05 -45.93 -19.71
N PHE A 283 16.33 -44.62 -19.97
CA PHE A 283 15.57 -43.50 -19.44
C PHE A 283 14.13 -43.48 -19.96
N TRP A 284 13.97 -43.56 -21.30
CA TRP A 284 12.69 -43.60 -21.99
C TRP A 284 11.76 -44.69 -21.47
N ASP A 285 12.28 -45.90 -21.18
CA ASP A 285 11.53 -47.03 -20.65
C ASP A 285 10.90 -46.72 -19.31
N GLU A 286 11.58 -45.89 -18.50
CA GLU A 286 11.15 -45.45 -17.20
C GLU A 286 10.18 -44.29 -17.35
N ALA A 287 10.57 -43.27 -18.15
CA ALA A 287 9.81 -42.05 -18.41
C ALA A 287 8.46 -42.25 -19.09
N LYS A 288 8.35 -43.19 -20.07
CA LYS A 288 7.09 -43.39 -20.79
C LYS A 288 5.92 -43.87 -19.91
N THR A 289 6.20 -44.57 -18.83
CA THR A 289 5.18 -45.05 -17.89
C THR A 289 4.60 -43.87 -17.08
N LEU A 290 5.34 -42.74 -17.04
CA LEU A 290 5.04 -41.53 -16.29
C LEU A 290 4.34 -40.42 -17.09
N ILE A 291 4.22 -40.57 -18.43
CA ILE A 291 3.54 -39.60 -19.32
C ILE A 291 2.06 -39.55 -18.94
N ASN A 292 1.52 -38.33 -18.76
CA ASN A 292 0.12 -38.07 -18.39
C ASN A 292 -0.66 -37.55 -19.62
N SER A 293 -1.58 -38.38 -20.15
CA SER A 293 -2.41 -38.05 -21.31
C SER A 293 -3.87 -37.84 -20.92
N ASP A 294 -4.16 -37.73 -19.61
CA ASP A 294 -5.49 -37.58 -19.07
C ASP A 294 -6.22 -36.30 -19.46
N TYR A 295 -5.47 -35.21 -19.63
CA TYR A 295 -6.09 -33.93 -19.91
C TYR A 295 -6.37 -33.64 -21.38
N ILE A 296 -7.67 -33.46 -21.69
CA ILE A 296 -8.14 -33.05 -23.00
C ILE A 296 -8.59 -31.57 -22.87
N PRO A 297 -7.75 -30.60 -23.32
CA PRO A 297 -8.14 -29.20 -23.20
C PRO A 297 -9.40 -28.80 -23.95
N ASN A 298 -10.20 -27.96 -23.30
CA ASN A 298 -11.41 -27.39 -23.88
C ASN A 298 -11.07 -25.98 -24.33
N SER A 299 -11.94 -25.38 -25.09
CA SER A 299 -11.78 -24.03 -25.58
C SER A 299 -11.66 -23.06 -24.38
N GLY A 300 -10.62 -22.23 -24.41
CA GLY A 300 -10.35 -21.25 -23.37
C GLY A 300 -9.43 -21.71 -22.26
N ASP A 301 -8.96 -22.97 -22.33
CA ASP A 301 -8.02 -23.50 -21.34
C ASP A 301 -6.62 -23.10 -21.73
N LEU A 302 -5.79 -22.78 -20.73
CA LEU A 302 -4.39 -22.45 -20.93
C LEU A 302 -3.55 -23.40 -20.07
N ILE A 303 -2.52 -24.01 -20.67
CA ILE A 303 -1.56 -24.84 -19.96
C ILE A 303 -0.26 -24.03 -19.81
N PHE A 304 0.14 -23.75 -18.55
CA PHE A 304 1.35 -22.99 -18.22
C PHE A 304 2.41 -23.99 -17.73
N VAL A 305 3.57 -24.05 -18.38
CA VAL A 305 4.63 -25.04 -18.18
C VAL A 305 5.99 -24.41 -17.83
N ASN A 306 6.72 -25.05 -16.89
CA ASN A 306 8.11 -24.72 -16.56
C ASN A 306 8.89 -25.66 -17.49
N ASN A 307 9.45 -25.11 -18.59
CA ASN A 307 10.16 -25.85 -19.63
C ASN A 307 11.46 -26.57 -19.17
N HIS A 308 11.83 -26.38 -17.90
CA HIS A 308 12.99 -27.06 -17.31
C HIS A 308 12.57 -28.25 -16.50
N LEU A 309 11.25 -28.41 -16.24
CA LEU A 309 10.72 -29.52 -15.44
C LEU A 309 9.79 -30.42 -16.23
N CYS A 310 8.94 -29.84 -17.05
CA CYS A 310 7.88 -30.56 -17.75
C CYS A 310 7.99 -30.53 -19.30
N ALA A 311 7.98 -31.71 -19.91
CA ALA A 311 7.96 -31.91 -21.36
C ALA A 311 6.50 -31.98 -21.81
N HIS A 312 6.21 -31.60 -23.04
CA HIS A 312 4.86 -31.60 -23.59
C HIS A 312 4.79 -32.34 -24.91
N GLY A 313 3.58 -32.62 -25.33
CA GLY A 313 3.24 -33.26 -26.61
C GLY A 313 1.75 -33.25 -26.81
N ARG A 314 1.27 -34.06 -27.74
CA ARG A 314 -0.15 -34.24 -28.07
C ARG A 314 -0.27 -35.45 -28.98
N SER A 315 -1.30 -36.31 -28.72
CA SER A 315 -1.59 -37.54 -29.45
C SER A 315 -1.91 -37.30 -30.93
N ALA A 316 -1.88 -38.38 -31.72
CA ALA A 316 -2.19 -38.38 -33.15
C ALA A 316 -3.69 -38.10 -33.36
N PHE A 317 -4.06 -37.25 -34.38
CA PHE A 317 -5.47 -36.88 -34.68
C PHE A 317 -5.73 -36.50 -36.14
N ILE A 318 -6.93 -36.77 -36.63
CA ILE A 318 -7.28 -36.33 -37.97
C ILE A 318 -7.83 -34.92 -37.75
N ALA A 319 -7.15 -33.88 -38.26
CA ALA A 319 -7.57 -32.49 -38.11
C ALA A 319 -8.96 -32.28 -38.72
N GLY A 320 -9.82 -31.54 -38.03
CA GLY A 320 -11.19 -31.26 -38.45
C GLY A 320 -12.22 -32.34 -38.20
N GLN A 321 -11.92 -33.34 -37.33
CA GLN A 321 -12.87 -34.41 -37.01
C GLN A 321 -12.60 -35.11 -35.65
N ARG A 322 -13.66 -35.72 -35.10
CA ARG A 322 -13.64 -36.58 -33.91
C ARG A 322 -14.67 -37.72 -34.17
N ILE A 323 -14.55 -38.87 -33.47
CA ILE A 323 -15.46 -40.02 -33.67
C ILE A 323 -16.29 -40.30 -32.41
N GLU A 324 -17.63 -40.33 -32.58
CA GLU A 324 -18.58 -40.62 -31.50
C GLU A 324 -19.48 -41.72 -31.98
N ASN A 325 -19.62 -42.78 -31.17
CA ASN A 325 -20.38 -44.01 -31.40
C ASN A 325 -20.25 -44.50 -32.86
N GLY A 326 -18.99 -44.61 -33.29
CA GLY A 326 -18.59 -45.09 -34.61
C GLY A 326 -19.03 -44.24 -35.79
N GLU A 327 -19.20 -42.93 -35.57
CA GLU A 327 -19.59 -41.96 -36.57
C GLU A 327 -18.63 -40.77 -36.53
N ILE A 328 -18.23 -40.29 -37.73
CA ILE A 328 -17.30 -39.17 -37.90
C ILE A 328 -18.04 -37.85 -37.78
N ILE A 329 -17.64 -37.07 -36.79
CA ILE A 329 -18.18 -35.73 -36.55
C ILE A 329 -17.17 -34.72 -37.13
N LYS A 330 -17.53 -34.06 -38.24
CA LYS A 330 -16.69 -33.02 -38.83
C LYS A 330 -16.74 -31.82 -37.89
N CYS A 331 -15.60 -31.15 -37.69
CA CYS A 331 -15.51 -30.01 -36.81
C CYS A 331 -14.48 -29.02 -37.30
N GLU A 332 -14.38 -27.85 -36.63
CA GLU A 332 -13.41 -26.83 -36.97
C GLU A 332 -12.03 -27.31 -36.54
N ARG A 333 -10.98 -26.95 -37.30
CA ARG A 333 -9.65 -27.44 -36.99
C ARG A 333 -9.03 -26.79 -35.75
N ARG A 334 -8.20 -27.58 -35.03
CA ARG A 334 -7.48 -27.22 -33.80
C ARG A 334 -6.71 -25.92 -33.97
N GLN A 335 -6.79 -25.09 -32.96
CA GLN A 335 -6.15 -23.78 -32.97
C GLN A 335 -5.69 -23.50 -31.54
N MET A 336 -4.37 -23.39 -31.37
CA MET A 336 -3.73 -23.16 -30.09
C MET A 336 -2.76 -22.00 -30.25
N LEU A 337 -2.56 -21.18 -29.18
CA LEU A 337 -1.60 -20.07 -29.20
C LEU A 337 -0.44 -20.33 -28.22
N ARG A 338 0.80 -20.36 -28.73
CA ARG A 338 2.01 -20.57 -27.92
C ARG A 338 2.83 -19.28 -27.66
N MET A 339 3.19 -19.06 -26.40
CA MET A 339 4.03 -17.97 -25.95
C MET A 339 5.18 -18.55 -25.08
N MET A 340 6.40 -18.04 -25.27
CA MET A 340 7.61 -18.52 -24.59
C MET A 340 8.28 -17.36 -23.90
N SER A 341 8.90 -17.61 -22.75
CA SER A 341 9.53 -16.52 -22.01
C SER A 341 10.84 -16.90 -21.28
N LYS A 342 11.68 -15.91 -21.02
CA LYS A 342 12.92 -16.08 -20.27
C LYS A 342 12.87 -15.21 -19.03
N THR A 343 13.30 -15.75 -17.89
CA THR A 343 13.31 -15.03 -16.60
C THR A 343 14.41 -13.99 -16.47
N SER A 344 15.45 -14.02 -17.34
CA SER A 344 16.58 -13.09 -17.36
C SER A 344 17.09 -12.78 -18.80
N LEU A 345 17.04 -11.48 -19.15
CA LEU A 345 17.54 -10.95 -20.41
C LEU A 345 19.09 -10.88 -20.36
N ILE A 346 19.67 -10.81 -19.14
CA ILE A 346 21.10 -10.70 -18.90
C ILE A 346 21.87 -11.90 -19.42
N HIS A 347 21.46 -13.11 -18.99
N HIS A 347 21.47 -13.11 -19.02
CA HIS A 347 22.06 -14.40 -19.30
CA HIS A 347 22.20 -14.34 -19.30
C HIS A 347 22.10 -14.71 -20.80
C HIS A 347 22.05 -14.84 -20.77
N ILE A 348 21.00 -14.41 -21.51
CA ILE A 348 20.82 -14.67 -22.96
C ILE A 348 21.42 -13.57 -23.85
N ARG A 349 21.88 -12.45 -23.26
CA ARG A 349 22.37 -11.27 -23.99
C ARG A 349 23.43 -11.54 -25.08
N SER A 350 24.35 -12.50 -24.89
CA SER A 350 25.33 -12.87 -25.91
C SER A 350 24.71 -13.45 -27.21
N VAL A 351 23.48 -14.05 -27.11
CA VAL A 351 22.78 -14.66 -28.24
C VAL A 351 21.60 -13.82 -28.78
N THR A 352 21.27 -12.68 -28.17
CA THR A 352 20.16 -11.87 -28.67
C THR A 352 20.62 -10.76 -29.63
N ARG A 353 19.68 -10.26 -30.49
CA ARG A 353 19.91 -9.17 -31.45
C ARG A 353 20.37 -7.93 -30.69
N THR A 354 21.31 -7.15 -31.27
CA THR A 354 21.80 -5.94 -30.62
C THR A 354 20.63 -4.97 -30.37
N ASP A 355 19.81 -4.73 -31.40
N ASP A 355 19.81 -4.76 -31.40
CA ASP A 355 18.69 -3.80 -31.37
CA ASP A 355 18.63 -3.89 -31.43
C ASP A 355 17.43 -4.37 -30.65
C ASP A 355 17.46 -4.37 -30.57
N ASP A 356 17.42 -5.69 -30.24
CA ASP A 356 16.31 -6.34 -29.51
C ASP A 356 16.79 -7.41 -28.52
N PRO A 357 16.92 -7.10 -27.20
CA PRO A 357 17.36 -8.12 -26.23
C PRO A 357 16.35 -9.26 -25.94
N TYR A 358 15.20 -9.26 -26.63
CA TYR A 358 14.17 -10.29 -26.48
C TYR A 358 14.16 -11.21 -27.70
N PHE A 359 15.05 -10.99 -28.69
CA PHE A 359 15.10 -11.80 -29.91
C PHE A 359 16.35 -12.66 -29.91
N ILE A 360 16.17 -13.96 -29.66
CA ILE A 360 17.24 -14.95 -29.56
C ILE A 360 17.64 -15.49 -30.93
N MET A 361 18.92 -15.26 -31.27
CA MET A 361 19.56 -15.61 -32.54
C MET A 361 20.37 -16.92 -32.50
N GLU A 362 20.26 -17.65 -31.39
CA GLU A 362 20.94 -18.94 -31.20
C GLU A 362 20.34 -19.98 -32.14
N GLU A 363 21.25 -20.80 -32.73
CA GLU A 363 20.94 -21.84 -33.69
C GLU A 363 21.06 -23.22 -33.09
N HIS A 364 22.18 -23.55 -32.44
CA HIS A 364 22.42 -24.86 -31.87
C HIS A 364 23.46 -24.85 -30.76
N LEU A 365 23.05 -25.13 -29.52
CA LEU A 365 23.87 -25.26 -28.30
C LEU A 365 25.08 -24.31 -28.25
N GLY A 366 24.79 -23.01 -28.18
CA GLY A 366 25.80 -21.96 -28.13
C GLY A 366 26.08 -21.28 -29.46
N LYS A 367 25.94 -22.02 -30.59
CA LYS A 367 26.20 -21.52 -31.93
C LYS A 367 25.09 -20.59 -32.37
N ILE A 368 25.44 -19.43 -32.97
CA ILE A 368 24.50 -18.41 -33.44
C ILE A 368 24.32 -18.51 -34.94
N PHE A 369 23.07 -18.29 -35.41
CA PHE A 369 22.75 -18.26 -36.85
C PHE A 369 23.67 -17.31 -37.58
N ASP A 370 24.42 -17.86 -38.56
CA ASP A 370 25.28 -17.08 -39.43
C ASP A 370 24.44 -16.74 -40.63
N LEU A 371 24.04 -15.47 -40.72
CA LEU A 371 23.20 -14.99 -41.82
C LEU A 371 24.05 -14.42 -42.99
N ASP A 372 25.14 -13.69 -42.67
CA ASP A 372 26.10 -13.13 -43.63
C ASP A 372 27.48 -12.89 -42.99
N LEU B 19 23.41 14.18 -25.65
CA LEU B 19 24.03 13.39 -24.60
C LEU B 19 23.53 11.92 -24.62
N GLU B 20 24.16 11.09 -25.48
CA GLU B 20 23.85 9.67 -25.58
C GLU B 20 24.79 8.98 -24.60
N ILE B 21 26.15 9.11 -24.78
CA ILE B 21 27.18 8.52 -23.90
C ILE B 21 26.93 8.94 -22.45
N PRO B 22 26.51 8.00 -21.56
CA PRO B 22 26.26 8.40 -20.17
C PRO B 22 27.55 8.56 -19.40
N THR B 23 27.66 9.64 -18.65
CA THR B 23 28.87 9.92 -17.85
C THR B 23 28.60 9.97 -16.35
N SER B 24 27.32 9.93 -15.95
CA SER B 24 26.88 10.01 -14.56
C SER B 24 25.62 9.16 -14.34
N PRO B 25 25.33 8.72 -13.09
CA PRO B 25 24.12 7.92 -12.86
C PRO B 25 22.85 8.76 -12.90
N LEU B 26 21.68 8.13 -12.98
CA LEU B 26 20.40 8.84 -12.93
C LEU B 26 20.16 9.20 -11.46
N ILE B 27 19.85 10.46 -11.18
CA ILE B 27 19.61 10.90 -9.81
C ILE B 27 18.10 11.07 -9.65
N ILE B 28 17.49 10.27 -8.76
CA ILE B 28 16.06 10.31 -8.43
C ILE B 28 15.95 10.95 -7.05
N LYS B 29 15.21 12.08 -6.97
CA LYS B 29 14.99 12.75 -5.70
C LYS B 29 13.69 12.19 -5.11
N ILE B 30 13.82 11.27 -4.11
CA ILE B 30 12.67 10.64 -3.43
C ILE B 30 11.91 11.73 -2.67
N THR B 31 10.57 11.75 -2.80
CA THR B 31 9.71 12.75 -2.17
C THR B 31 9.37 12.35 -0.72
N GLN B 32 8.89 13.31 0.09
CA GLN B 32 8.50 13.04 1.46
C GLN B 32 7.34 12.03 1.55
N GLN B 33 6.34 12.13 0.65
CA GLN B 33 5.21 11.18 0.65
C GLN B 33 5.66 9.77 0.22
N GLU B 34 6.64 9.65 -0.70
CA GLU B 34 7.25 8.35 -1.07
C GLU B 34 8.02 7.76 0.10
N ARG B 35 8.85 8.59 0.75
CA ARG B 35 9.68 8.28 1.91
C ARG B 35 8.80 7.72 3.03
N ASN B 36 7.68 8.43 3.39
CA ASN B 36 6.77 8.02 4.45
C ASN B 36 6.05 6.71 4.13
N ILE B 37 5.62 6.50 2.84
CA ILE B 37 4.93 5.25 2.40
C ILE B 37 5.88 4.07 2.61
N LEU B 38 7.14 4.23 2.19
CA LEU B 38 8.15 3.19 2.26
C LEU B 38 8.44 2.80 3.69
N SER B 39 8.44 3.80 4.59
CA SER B 39 8.63 3.62 6.04
C SER B 39 7.49 2.83 6.66
N ASN B 40 6.21 3.21 6.36
CA ASN B 40 5.05 2.48 6.89
C ASN B 40 5.02 1.08 6.35
N VAL B 41 5.22 0.91 5.02
CA VAL B 41 5.30 -0.40 4.39
C VAL B 41 6.38 -1.26 5.07
N GLY B 42 7.56 -0.67 5.29
CA GLY B 42 8.70 -1.31 5.97
C GLY B 42 8.33 -1.80 7.34
N ASN B 43 7.70 -0.92 8.15
CA ASN B 43 7.20 -1.24 9.51
C ASN B 43 6.15 -2.37 9.51
N LEU B 44 5.23 -2.39 8.52
CA LEU B 44 4.20 -3.42 8.44
C LEU B 44 4.77 -4.76 8.02
N LEU B 45 5.73 -4.75 7.06
CA LEU B 45 6.38 -5.97 6.61
C LEU B 45 7.14 -6.65 7.76
N VAL B 46 7.73 -5.85 8.64
CA VAL B 46 8.43 -6.33 9.85
C VAL B 46 7.39 -7.04 10.75
N LYS B 47 6.23 -6.38 11.00
CA LYS B 47 5.14 -6.94 11.79
C LYS B 47 4.58 -8.21 11.17
N ALA B 48 4.41 -8.22 9.83
CA ALA B 48 3.83 -9.31 9.04
C ALA B 48 4.70 -10.53 8.89
N PHE B 49 5.99 -10.33 8.58
CA PHE B 49 6.90 -11.45 8.29
C PHE B 49 8.08 -11.58 9.23
N GLY B 50 8.20 -10.68 10.18
CA GLY B 50 9.31 -10.74 11.12
C GLY B 50 10.62 -10.24 10.58
N ASN B 51 11.15 -10.88 9.52
CA ASN B 51 12.42 -10.50 8.91
C ASN B 51 12.42 -10.77 7.41
N TYR B 52 13.22 -9.99 6.64
CA TYR B 52 13.34 -10.05 5.16
C TYR B 52 13.78 -11.40 4.63
N GLU B 53 14.25 -12.32 5.52
CA GLU B 53 14.73 -13.65 5.13
C GLU B 53 13.66 -14.76 5.25
N ASN B 54 12.46 -14.36 5.76
CA ASN B 54 11.28 -15.22 5.90
C ASN B 54 10.92 -15.80 4.54
N PRO B 55 10.86 -17.15 4.41
CA PRO B 55 10.56 -17.76 3.09
C PRO B 55 9.23 -17.37 2.51
N ASP B 56 8.22 -17.05 3.35
CA ASP B 56 6.89 -16.63 2.89
C ASP B 56 6.93 -15.26 2.22
N TYR B 57 7.82 -14.39 2.71
CA TYR B 57 8.02 -13.06 2.17
C TYR B 57 8.77 -13.15 0.84
N ILE B 58 9.90 -13.88 0.82
CA ILE B 58 10.76 -14.07 -0.34
C ILE B 58 9.99 -14.70 -1.53
N ALA B 59 9.15 -15.71 -1.26
CA ALA B 59 8.34 -16.38 -2.27
C ALA B 59 7.34 -15.42 -2.95
N SER B 60 6.84 -14.42 -2.19
CA SER B 60 5.90 -13.43 -2.65
C SER B 60 6.53 -12.04 -2.81
N LEU B 61 7.87 -11.96 -2.96
CA LEU B 61 8.62 -10.69 -3.05
C LEU B 61 8.15 -9.77 -4.15
N HIS B 62 8.07 -10.27 -5.39
CA HIS B 62 7.68 -9.48 -6.54
C HIS B 62 6.26 -8.94 -6.41
N LEU B 63 5.36 -9.71 -5.80
CA LEU B 63 4.00 -9.27 -5.51
C LEU B 63 4.02 -8.03 -4.60
N HIS B 64 4.74 -8.10 -3.45
CA HIS B 64 4.88 -7.01 -2.50
C HIS B 64 5.59 -5.84 -3.11
N ALA B 65 6.67 -6.08 -3.85
CA ALA B 65 7.47 -5.05 -4.50
C ALA B 65 6.61 -4.21 -5.48
N PHE B 66 5.86 -4.86 -6.41
CA PHE B 66 4.99 -4.20 -7.39
C PHE B 66 3.72 -3.59 -6.81
N GLN B 67 3.23 -4.06 -5.65
CA GLN B 67 1.97 -3.54 -5.08
C GLN B 67 2.16 -2.56 -3.92
N LEU B 68 3.29 -2.69 -3.21
CA LEU B 68 3.56 -1.85 -2.05
C LEU B 68 4.53 -0.70 -2.29
N LEU B 69 5.40 -0.78 -3.29
CA LEU B 69 6.32 0.31 -3.55
C LEU B 69 5.61 1.50 -4.20
N PRO B 70 6.01 2.78 -3.91
CA PRO B 70 5.50 3.93 -4.66
C PRO B 70 5.70 3.71 -6.17
N GLU B 71 4.63 3.90 -6.99
CA GLU B 71 4.63 3.59 -8.43
C GLU B 71 5.80 4.18 -9.26
N ARG B 72 6.30 5.38 -8.91
CA ARG B 72 7.41 6.00 -9.63
C ARG B 72 8.68 5.14 -9.47
N ILE B 73 8.94 4.63 -8.25
CA ILE B 73 10.10 3.78 -7.95
C ILE B 73 10.03 2.49 -8.77
N THR B 74 8.86 1.82 -8.77
CA THR B 74 8.57 0.59 -9.50
C THR B 74 8.81 0.74 -11.02
N ARG B 75 8.40 1.89 -11.60
CA ARG B 75 8.57 2.21 -13.02
C ARG B 75 10.04 2.36 -13.36
N ILE B 76 10.76 3.16 -12.56
CA ILE B 76 12.21 3.40 -12.69
C ILE B 76 12.98 2.09 -12.70
N LEU B 77 12.80 1.26 -11.65
CA LEU B 77 13.51 -0.03 -11.51
C LEU B 77 13.11 -1.08 -12.57
N SER B 78 11.81 -1.17 -12.93
CA SER B 78 11.32 -2.06 -13.99
C SER B 78 11.97 -1.76 -15.34
N GLN B 79 12.06 -0.47 -15.69
CA GLN B 79 12.66 0.04 -16.91
C GLN B 79 14.18 -0.30 -16.91
N PHE B 80 14.87 -0.04 -15.77
CA PHE B 80 16.30 -0.24 -15.53
C PHE B 80 16.76 -1.69 -15.70
N GLY B 81 15.96 -2.64 -15.21
CA GLY B 81 16.28 -4.07 -15.24
C GLY B 81 16.53 -4.70 -16.59
N SER B 82 15.83 -4.23 -17.62
N SER B 82 15.80 -4.25 -17.61
CA SER B 82 15.95 -4.72 -18.98
CA SER B 82 15.95 -4.71 -19.00
C SER B 82 16.75 -3.77 -19.89
C SER B 82 16.51 -3.63 -19.94
N ASP B 83 17.16 -2.60 -19.39
CA ASP B 83 17.83 -1.55 -20.18
C ASP B 83 19.33 -1.75 -20.20
N PHE B 84 19.85 -2.16 -21.35
CA PHE B 84 21.28 -2.38 -21.57
C PHE B 84 21.72 -1.59 -22.81
N SER B 85 20.93 -0.55 -23.15
CA SER B 85 21.17 0.31 -24.32
C SER B 85 22.42 1.17 -24.15
N ALA B 86 22.86 1.82 -25.23
CA ALA B 86 24.03 2.69 -25.25
C ALA B 86 23.94 3.86 -24.25
N GLU B 87 22.71 4.33 -23.97
CA GLU B 87 22.37 5.47 -23.11
C GLU B 87 22.26 5.10 -21.63
N GLN B 88 22.22 3.83 -21.31
CA GLN B 88 22.07 3.39 -19.92
C GLN B 88 23.41 3.33 -19.18
N TYR B 89 23.55 4.13 -18.08
CA TYR B 89 24.73 4.18 -17.23
C TYR B 89 24.95 2.87 -16.44
N GLY B 90 23.86 2.24 -16.01
CA GLY B 90 23.92 1.03 -15.19
C GLY B 90 23.95 1.29 -13.69
N ALA B 91 23.54 2.50 -13.27
CA ALA B 91 23.45 2.94 -11.87
C ALA B 91 22.40 4.03 -11.70
N ILE B 92 21.64 4.00 -10.60
CA ILE B 92 20.64 5.01 -10.15
C ILE B 92 20.95 5.39 -8.72
N VAL B 93 20.86 6.69 -8.41
CA VAL B 93 20.99 7.21 -7.06
C VAL B 93 19.58 7.57 -6.60
N PHE B 94 19.06 6.90 -5.58
CA PHE B 94 17.77 7.27 -4.99
C PHE B 94 18.09 8.15 -3.76
N GLN B 95 18.10 9.49 -3.95
CA GLN B 95 18.40 10.48 -2.89
C GLN B 95 17.27 10.54 -1.88
N GLY B 96 17.63 10.43 -0.61
CA GLY B 96 16.70 10.46 0.51
C GLY B 96 15.63 9.39 0.42
N LEU B 97 16.04 8.13 0.16
CA LEU B 97 15.12 7.02 0.05
C LEU B 97 14.47 6.75 1.42
N ILE B 98 15.27 6.85 2.48
CA ILE B 98 14.83 6.61 3.85
C ILE B 98 15.33 7.71 4.80
N GLU B 99 14.64 7.90 5.93
CA GLU B 99 15.03 8.83 6.97
C GLU B 99 15.75 7.96 8.00
N VAL B 100 17.06 8.17 8.18
CA VAL B 100 17.78 7.37 9.17
C VAL B 100 17.75 8.09 10.52
N ASP B 101 17.11 7.41 11.51
CA ASP B 101 16.98 7.74 12.93
C ASP B 101 18.30 7.31 13.55
N GLN B 102 19.22 8.29 13.70
CA GLN B 102 20.58 8.06 14.18
C GLN B 102 20.62 7.53 15.63
N ASP B 103 19.65 7.93 16.48
CA ASP B 103 19.52 7.47 17.86
C ASP B 103 19.07 6.00 17.95
N ASP B 104 18.20 5.55 17.03
CA ASP B 104 17.72 4.16 16.97
C ASP B 104 18.83 3.25 16.45
N LEU B 105 19.56 3.69 15.40
CA LEU B 105 20.67 2.97 14.77
C LEU B 105 21.83 2.74 15.77
N GLY B 106 21.98 3.68 16.70
CA GLY B 106 23.00 3.67 17.73
C GLY B 106 24.41 3.85 17.18
N PRO B 107 25.47 3.75 18.03
CA PRO B 107 26.85 3.88 17.51
C PRO B 107 27.19 2.82 16.45
N THR B 108 28.09 3.16 15.53
CA THR B 108 28.50 2.23 14.48
C THR B 108 29.35 1.14 15.13
N PRO B 109 29.04 -0.15 14.91
CA PRO B 109 29.83 -1.23 15.56
C PRO B 109 31.31 -1.25 15.14
N PRO B 110 32.22 -1.88 15.91
CA PRO B 110 33.65 -1.89 15.51
C PRO B 110 33.94 -2.46 14.12
N ASN B 111 33.23 -3.51 13.70
CA ASN B 111 33.38 -4.17 12.40
C ASN B 111 32.01 -4.65 11.89
N TRP B 112 31.96 -5.39 10.75
CA TRP B 112 30.68 -5.87 10.25
C TRP B 112 30.07 -6.93 11.17
N GLN B 113 30.95 -7.71 11.86
CA GLN B 113 30.58 -8.79 12.78
C GLN B 113 29.76 -8.30 13.98
N GLY B 114 29.99 -7.04 14.37
CA GLY B 114 29.31 -6.42 15.51
C GLY B 114 27.96 -5.79 15.23
N ALA B 115 27.48 -5.82 13.96
CA ALA B 115 26.21 -5.21 13.54
C ALA B 115 24.96 -5.81 14.18
N ASP B 116 24.10 -4.93 14.74
CA ASP B 116 22.84 -5.33 15.34
C ASP B 116 21.79 -5.31 14.22
N TYR B 117 21.56 -6.48 13.61
CA TYR B 117 20.62 -6.65 12.50
C TYR B 117 19.14 -6.57 12.93
N GLY B 118 18.88 -6.21 14.19
CA GLY B 118 17.54 -6.06 14.74
C GLY B 118 16.88 -4.78 14.29
N LYS B 119 17.68 -3.71 14.19
CA LYS B 119 17.21 -2.40 13.72
C LYS B 119 17.32 -2.29 12.17
N LEU B 120 18.30 -3.03 11.60
CA LEU B 120 18.59 -3.12 10.15
C LEU B 120 17.48 -3.84 9.41
N ASN B 121 16.64 -4.57 10.14
CA ASN B 121 15.51 -5.36 9.66
C ASN B 121 14.56 -4.65 8.69
N LYS B 122 14.12 -3.43 9.07
CA LYS B 122 13.22 -2.59 8.29
C LYS B 122 13.87 -2.18 6.95
N TYR B 123 15.18 -1.88 7.01
CA TYR B 123 16.04 -1.49 5.90
C TYR B 123 16.20 -2.61 4.89
N GLY B 124 16.33 -3.84 5.36
CA GLY B 124 16.45 -5.04 4.51
C GLY B 124 15.19 -5.29 3.73
N PHE B 125 14.02 -4.98 4.35
CA PHE B 125 12.71 -5.13 3.70
C PHE B 125 12.62 -4.15 2.56
N ILE B 126 12.93 -2.86 2.82
CA ILE B 126 12.91 -1.79 1.83
C ILE B 126 13.82 -2.12 0.67
N CYS B 127 15.06 -2.57 0.96
CA CYS B 127 16.07 -2.97 -0.04
C CYS B 127 15.61 -4.13 -0.90
N SER B 128 15.03 -5.18 -0.28
CA SER B 128 14.54 -6.36 -1.00
C SER B 128 13.38 -6.03 -1.92
N LEU B 129 12.57 -4.98 -1.58
CA LEU B 129 11.45 -4.53 -2.41
C LEU B 129 12.01 -3.89 -3.68
N LEU B 130 13.08 -3.09 -3.54
CA LEU B 130 13.74 -2.44 -4.68
C LEU B 130 14.29 -3.49 -5.66
N HIS B 131 14.90 -4.57 -5.15
CA HIS B 131 15.37 -5.69 -5.98
C HIS B 131 14.18 -6.44 -6.62
N GLY B 132 13.12 -6.67 -5.86
CA GLY B 132 11.88 -7.31 -6.31
C GLY B 132 11.19 -6.63 -7.48
N ALA B 133 11.29 -5.30 -7.57
CA ALA B 133 10.71 -4.49 -8.67
C ALA B 133 11.57 -4.49 -9.97
N VAL B 134 12.84 -4.93 -9.91
CA VAL B 134 13.71 -4.98 -11.09
C VAL B 134 13.06 -5.81 -12.25
N PRO B 135 12.55 -7.07 -12.13
CA PRO B 135 12.52 -7.96 -10.95
C PRO B 135 13.82 -8.76 -10.81
N SER B 136 14.28 -8.90 -9.57
CA SER B 136 15.48 -9.61 -9.21
C SER B 136 15.25 -10.18 -7.83
N LYS B 137 15.89 -11.31 -7.55
CA LYS B 137 15.74 -12.05 -6.31
C LYS B 137 16.98 -11.92 -5.44
N PRO B 138 16.87 -11.36 -4.21
CA PRO B 138 18.05 -11.27 -3.35
C PRO B 138 18.66 -12.62 -3.07
N VAL B 139 19.99 -12.67 -3.04
CA VAL B 139 20.79 -13.90 -2.86
C VAL B 139 21.94 -13.66 -1.90
N GLN B 140 22.52 -14.76 -1.39
CA GLN B 140 23.72 -14.71 -0.56
C GLN B 140 24.77 -15.64 -1.12
N TYR B 141 26.04 -15.30 -0.95
CA TYR B 141 27.18 -16.04 -1.48
C TYR B 141 28.02 -16.62 -0.37
N TYR B 142 28.46 -17.89 -0.51
CA TYR B 142 29.36 -18.45 0.48
C TYR B 142 30.70 -17.68 0.38
N ALA B 143 31.08 -17.21 -0.88
CA ALA B 143 32.30 -16.43 -1.20
C ALA B 143 32.38 -15.15 -0.37
N GLN B 144 31.23 -14.56 -0.07
CA GLN B 144 31.13 -13.35 0.73
C GLN B 144 30.55 -13.66 2.09
N ARG B 145 31.48 -13.90 3.05
CA ARG B 145 31.29 -14.11 4.49
C ARG B 145 30.56 -15.40 4.87
N LYS B 146 30.73 -16.49 4.07
CA LYS B 146 30.09 -17.81 4.28
C LYS B 146 28.54 -17.66 4.34
N GLY B 147 28.02 -16.73 3.52
CA GLY B 147 26.63 -16.31 3.44
C GLY B 147 26.46 -14.88 3.91
N GLY B 148 26.43 -14.70 5.25
CA GLY B 148 26.27 -13.43 5.96
C GLY B 148 24.87 -12.84 6.00
N GLY B 149 23.97 -13.44 5.23
CA GLY B 149 22.60 -13.00 5.10
C GLY B 149 22.38 -12.22 3.82
N LEU B 150 21.08 -11.92 3.45
CA LEU B 150 20.71 -11.14 2.25
C LEU B 150 21.08 -9.67 2.36
N LEU B 151 21.38 -9.20 3.59
CA LEU B 151 21.77 -7.82 3.83
C LEU B 151 23.09 -7.76 4.66
N HIS B 152 24.13 -7.13 4.09
CA HIS B 152 25.46 -7.03 4.67
C HIS B 152 25.78 -5.64 5.14
N ALA B 153 26.29 -5.53 6.37
CA ALA B 153 26.72 -4.26 6.93
C ALA B 153 28.16 -4.04 6.46
N VAL B 154 28.39 -2.93 5.74
CA VAL B 154 29.72 -2.53 5.25
C VAL B 154 30.21 -1.41 6.22
N ILE B 155 31.03 -1.82 7.19
CA ILE B 155 31.56 -0.94 8.24
C ILE B 155 33.11 -0.83 8.17
N PRO B 156 33.76 0.36 8.36
CA PRO B 156 35.24 0.39 8.39
C PRO B 156 35.79 -0.21 9.69
N ASP B 157 36.79 -1.10 9.57
CA ASP B 157 37.43 -1.76 10.71
C ASP B 157 38.84 -1.18 10.87
N GLU B 158 39.24 -0.80 12.11
CA GLU B 158 40.57 -0.25 12.41
C GLU B 158 41.70 -1.26 12.10
N LYS B 159 41.42 -2.56 12.37
CA LYS B 159 42.30 -3.70 12.13
C LYS B 159 42.60 -3.89 10.63
N MET B 160 41.57 -3.71 9.79
CA MET B 160 41.67 -3.83 8.34
C MET B 160 41.52 -2.44 7.69
N ALA B 161 42.29 -1.45 8.17
CA ALA B 161 42.25 -0.06 7.71
C ALA B 161 42.75 0.11 6.26
N ALA B 162 43.98 -0.35 5.97
CA ALA B 162 44.58 -0.24 4.65
C ALA B 162 44.39 -1.49 3.76
N THR B 163 43.19 -2.15 3.85
CA THR B 163 42.86 -3.35 3.08
C THR B 163 41.88 -3.07 1.93
N GLN B 164 41.89 -3.93 0.89
CA GLN B 164 41.04 -3.80 -0.28
C GLN B 164 39.70 -4.58 -0.11
N THR B 165 38.94 -4.23 0.94
CA THR B 165 37.61 -4.79 1.26
C THR B 165 36.70 -3.63 1.69
N GLY B 166 35.40 -3.90 1.86
CA GLY B 166 34.42 -2.90 2.31
C GLY B 166 34.68 -2.45 3.74
N SER B 167 35.27 -3.36 4.55
CA SER B 167 35.68 -3.16 5.94
C SER B 167 37.12 -2.57 6.02
N GLY B 168 37.42 -1.68 5.07
CA GLY B 168 38.66 -0.92 4.93
C GLY B 168 38.34 0.56 4.87
N SER B 169 39.36 1.42 4.95
CA SER B 169 39.13 2.87 4.96
C SER B 169 40.29 3.71 4.40
N LYS B 170 41.47 3.62 5.07
CA LYS B 170 42.73 4.36 4.83
C LYS B 170 43.22 4.40 3.35
N THR B 171 42.90 3.39 2.52
CA THR B 171 43.28 3.32 1.09
C THR B 171 42.05 3.39 0.17
N ASP B 172 42.24 3.92 -1.08
CA ASP B 172 41.19 4.00 -2.11
C ASP B 172 40.80 2.57 -2.54
N LEU B 173 39.48 2.29 -2.56
CA LEU B 173 38.95 1.01 -3.00
C LEU B 173 38.64 1.17 -4.52
N PHE B 174 39.66 0.83 -5.36
CA PHE B 174 39.67 0.89 -6.84
C PHE B 174 38.36 0.37 -7.39
N VAL B 175 37.87 0.98 -8.50
CA VAL B 175 36.61 0.51 -9.11
C VAL B 175 36.66 -1.00 -9.48
N HIS B 176 35.56 -1.67 -9.16
CA HIS B 176 35.38 -3.09 -9.42
C HIS B 176 33.89 -3.43 -9.51
N THR B 177 33.55 -4.46 -10.30
CA THR B 177 32.20 -4.99 -10.33
C THR B 177 32.22 -6.02 -9.17
N GLU B 178 31.09 -6.28 -8.54
CA GLU B 178 31.06 -7.21 -7.41
C GLU B 178 31.29 -8.66 -7.85
N ASP B 179 32.21 -9.35 -7.16
CA ASP B 179 32.61 -10.75 -7.35
C ASP B 179 33.01 -11.12 -8.79
N ALA B 180 34.00 -10.40 -9.36
CA ALA B 180 34.55 -10.63 -10.70
C ALA B 180 35.11 -12.04 -10.89
N PHE B 181 35.44 -12.73 -9.78
CA PHE B 181 35.99 -14.09 -9.73
C PHE B 181 34.92 -15.18 -9.83
N LEU B 182 33.63 -14.82 -9.75
CA LEU B 182 32.53 -15.78 -9.84
C LEU B 182 31.83 -15.65 -11.20
N SER B 183 31.41 -16.78 -11.81
N SER B 183 31.43 -16.77 -11.82
CA SER B 183 30.68 -16.79 -13.08
CA SER B 183 30.72 -16.70 -13.10
C SER B 183 29.22 -16.34 -12.86
C SER B 183 29.22 -16.37 -12.88
N ASN B 184 28.75 -16.51 -11.62
CA ASN B 184 27.39 -16.20 -11.18
C ASN B 184 27.37 -15.03 -10.19
N GLN B 185 28.19 -13.99 -10.48
CA GLN B 185 28.26 -12.74 -9.72
C GLN B 185 26.89 -12.06 -9.70
N ALA B 186 26.63 -11.20 -8.71
CA ALA B 186 25.35 -10.51 -8.56
C ALA B 186 24.94 -9.82 -9.88
N ASP B 187 23.64 -9.79 -10.16
CA ASP B 187 23.12 -9.11 -11.35
C ASP B 187 22.96 -7.64 -11.01
N PHE B 188 22.41 -7.37 -9.80
CA PHE B 188 22.12 -6.03 -9.26
C PHE B 188 22.59 -5.92 -7.83
N LEU B 189 22.98 -4.73 -7.41
CA LEU B 189 23.45 -4.40 -6.07
C LEU B 189 22.74 -3.16 -5.64
N SER B 190 22.52 -3.03 -4.33
CA SER B 190 22.00 -1.82 -3.72
C SER B 190 22.93 -1.48 -2.57
N PHE B 191 23.32 -0.20 -2.46
CA PHE B 191 24.17 0.31 -1.38
C PHE B 191 23.36 1.35 -0.65
N LEU B 192 22.82 1.00 0.52
CA LEU B 192 22.06 1.92 1.35
C LEU B 192 23.01 2.59 2.34
N TYR B 193 23.15 3.92 2.24
CA TYR B 193 24.03 4.68 3.13
C TYR B 193 23.28 5.12 4.35
N LEU B 194 23.67 4.57 5.50
CA LEU B 194 23.08 4.90 6.79
C LEU B 194 23.82 6.09 7.40
N ARG B 195 25.18 6.08 7.29
CA ARG B 195 26.15 7.07 7.77
C ARG B 195 27.28 7.26 6.74
N ASN B 196 27.69 8.52 6.53
CA ASN B 196 28.80 8.98 5.69
C ASN B 196 29.04 10.40 6.10
N GLU B 197 29.30 10.53 7.40
CA GLU B 197 29.61 11.78 8.08
C GLU B 197 31.07 12.20 7.76
N GLU B 198 31.86 11.25 7.21
CA GLU B 198 33.26 11.40 6.77
C GLU B 198 33.30 12.05 5.38
N ARG B 199 32.13 12.12 4.71
CA ARG B 199 31.86 12.71 3.39
C ARG B 199 32.68 12.05 2.26
N VAL B 200 32.72 10.70 2.28
CA VAL B 200 33.44 9.85 1.34
C VAL B 200 32.66 9.80 0.01
N PRO B 201 33.32 10.15 -1.13
CA PRO B 201 32.61 10.06 -2.41
C PRO B 201 32.46 8.61 -2.86
N SER B 202 31.32 8.32 -3.49
CA SER B 202 31.04 7.00 -4.04
C SER B 202 31.45 7.07 -5.51
N THR B 203 32.53 6.33 -5.85
CA THR B 203 33.04 6.30 -7.21
C THR B 203 32.31 5.25 -8.02
N LEU B 204 31.96 5.61 -9.25
CA LEU B 204 31.25 4.72 -10.17
C LEU B 204 31.94 4.76 -11.52
N TYR B 205 31.98 3.62 -12.20
CA TYR B 205 32.56 3.52 -13.52
C TYR B 205 31.66 2.66 -14.40
N SER B 206 31.16 3.24 -15.50
CA SER B 206 30.30 2.54 -16.46
C SER B 206 31.04 2.21 -17.76
N ILE B 207 30.87 0.96 -18.26
CA ILE B 207 31.44 0.52 -19.54
C ILE B 207 30.80 1.33 -20.69
N ARG B 208 29.57 1.85 -20.47
CA ARG B 208 28.81 2.66 -21.43
C ARG B 208 29.40 4.08 -21.64
N SER B 209 30.24 4.55 -20.67
CA SER B 209 30.93 5.84 -20.70
C SER B 209 32.03 5.84 -21.78
N HIS B 210 32.44 4.65 -22.23
CA HIS B 210 33.43 4.46 -23.27
C HIS B 210 32.85 4.77 -24.63
N GLY B 211 31.53 4.64 -24.77
CA GLY B 211 30.80 4.82 -26.02
C GLY B 211 31.00 3.64 -26.94
N LYS B 212 31.20 3.91 -28.25
CA LYS B 212 31.39 2.93 -29.31
C LYS B 212 32.58 2.00 -29.05
N MET B 213 32.43 0.74 -29.45
N MET B 213 32.46 0.75 -29.52
CA MET B 213 33.42 -0.32 -29.36
CA MET B 213 33.53 -0.24 -29.42
C MET B 213 34.71 0.11 -30.11
C MET B 213 34.78 0.25 -30.12
N ASN B 214 35.84 0.20 -29.37
N ASN B 214 35.90 0.27 -29.38
CA ASN B 214 37.18 0.59 -29.88
CA ASN B 214 37.23 0.66 -29.86
C ASN B 214 38.15 -0.61 -29.83
C ASN B 214 38.21 -0.55 -29.75
N PRO B 215 39.35 -0.58 -30.50
CA PRO B 215 40.25 -1.76 -30.46
C PRO B 215 40.80 -2.19 -29.10
N VAL B 216 40.92 -1.24 -28.16
CA VAL B 216 41.41 -1.49 -26.79
C VAL B 216 40.37 -2.35 -26.04
N MET B 217 39.08 -2.01 -26.18
CA MET B 217 37.97 -2.71 -25.57
C MET B 217 37.77 -4.10 -26.18
N LYS B 218 37.96 -4.22 -27.50
CA LYS B 218 37.79 -5.49 -28.23
C LYS B 218 38.68 -6.63 -27.71
N LYS B 219 39.89 -6.30 -27.24
CA LYS B 219 40.86 -7.27 -26.70
C LYS B 219 40.36 -7.90 -25.42
N LEU B 220 39.43 -7.21 -24.68
CA LEU B 220 38.86 -7.66 -23.40
C LEU B 220 37.80 -8.75 -23.54
N PHE B 221 37.35 -9.01 -24.79
CA PHE B 221 36.41 -10.08 -25.13
C PHE B 221 37.11 -11.44 -25.12
N GLU B 222 38.47 -11.45 -25.21
CA GLU B 222 39.30 -12.66 -25.19
C GLU B 222 39.28 -13.29 -23.79
N PRO B 223 39.04 -14.61 -23.63
CA PRO B 223 39.04 -15.21 -22.29
C PRO B 223 40.47 -15.56 -21.84
N ILE B 224 41.34 -14.53 -21.78
CA ILE B 224 42.77 -14.64 -21.48
C ILE B 224 43.16 -13.97 -20.14
N TYR B 225 42.16 -13.53 -19.36
CA TYR B 225 42.37 -12.79 -18.12
C TYR B 225 42.14 -13.56 -16.84
N GLN B 226 43.03 -13.37 -15.86
CA GLN B 226 42.91 -13.96 -14.54
C GLN B 226 41.93 -13.10 -13.73
N CYS B 227 41.01 -13.75 -12.98
CA CYS B 227 40.04 -13.06 -12.13
C CYS B 227 40.29 -13.56 -10.71
N PRO B 228 41.33 -13.07 -9.99
CA PRO B 228 41.59 -13.61 -8.64
C PRO B 228 40.50 -13.36 -7.63
N LYS B 229 40.40 -14.24 -6.60
CA LYS B 229 39.45 -14.10 -5.48
C LYS B 229 39.75 -12.84 -4.64
N GLY B 242 44.95 -20.87 -12.13
CA GLY B 242 43.50 -20.75 -12.03
C GLY B 242 42.83 -20.53 -13.38
N PRO B 243 41.47 -20.59 -13.47
CA PRO B 243 40.82 -20.36 -14.78
C PRO B 243 40.81 -18.89 -15.19
N THR B 244 40.81 -18.66 -16.53
CA THR B 244 40.83 -17.37 -17.23
C THR B 244 39.51 -17.05 -17.93
N ALA B 245 39.01 -15.82 -17.75
CA ALA B 245 37.74 -15.36 -18.30
C ALA B 245 37.90 -14.05 -19.10
N SER B 246 36.83 -13.65 -19.79
CA SER B 246 36.74 -12.42 -20.58
C SER B 246 36.38 -11.27 -19.66
N VAL B 247 36.98 -10.10 -19.87
CA VAL B 247 36.64 -8.92 -19.07
C VAL B 247 35.29 -8.36 -19.61
N LEU B 248 35.13 -8.34 -20.94
CA LEU B 248 33.91 -7.94 -21.63
C LEU B 248 33.22 -9.18 -22.20
N TYR B 249 31.90 -9.25 -22.04
CA TYR B 249 31.07 -10.36 -22.55
C TYR B 249 29.69 -9.80 -22.95
N GLY B 250 28.76 -10.66 -23.33
CA GLY B 250 27.44 -10.24 -23.78
C GLY B 250 27.46 -9.82 -25.24
N ASN B 251 26.71 -8.76 -25.56
CA ASN B 251 26.64 -8.17 -26.87
C ASN B 251 27.98 -7.52 -27.20
N ARG B 252 28.50 -7.79 -28.40
CA ARG B 252 29.80 -7.32 -28.88
C ARG B 252 29.89 -5.82 -29.07
N GLU B 253 28.76 -5.18 -29.35
CA GLU B 253 28.68 -3.74 -29.57
C GLU B 253 28.46 -2.99 -28.27
N LEU B 254 27.54 -3.51 -27.40
CA LEU B 254 27.16 -2.94 -26.10
C LEU B 254 27.39 -4.02 -25.05
N PRO B 255 28.64 -4.20 -24.59
CA PRO B 255 28.92 -5.31 -23.68
C PRO B 255 28.61 -5.15 -22.21
N PHE B 256 28.79 -6.27 -21.49
CA PHE B 256 28.73 -6.34 -20.05
C PHE B 256 30.19 -6.46 -19.57
N ILE B 257 30.45 -6.13 -18.30
CA ILE B 257 31.80 -6.14 -17.77
C ILE B 257 31.92 -6.90 -16.43
N ARG B 258 33.08 -7.57 -16.26
CA ARG B 258 33.57 -8.17 -15.02
C ARG B 258 34.98 -7.63 -14.89
N PHE B 259 35.18 -6.73 -13.90
CA PHE B 259 36.46 -6.04 -13.77
C PHE B 259 36.81 -5.71 -12.31
N ASP B 260 38.13 -5.77 -11.96
CA ASP B 260 38.68 -5.44 -10.65
C ASP B 260 40.15 -4.94 -10.84
N ALA B 261 40.35 -3.59 -10.96
CA ALA B 261 41.65 -2.98 -11.19
C ALA B 261 42.68 -3.42 -10.16
N ALA B 262 42.30 -3.40 -8.87
CA ALA B 262 43.15 -3.79 -7.74
C ALA B 262 43.59 -5.25 -7.81
N GLU B 263 42.62 -6.21 -8.00
CA GLU B 263 42.87 -7.66 -8.05
C GLU B 263 43.45 -8.16 -9.38
N GLN B 264 43.04 -7.57 -10.52
CA GLN B 264 43.47 -7.98 -11.87
C GLN B 264 44.71 -7.24 -12.39
N ILE B 265 44.86 -5.92 -12.07
CA ILE B 265 45.99 -5.11 -12.56
C ILE B 265 47.03 -4.82 -11.47
N PHE B 266 46.62 -4.20 -10.37
CA PHE B 266 47.54 -3.73 -9.33
C PHE B 266 47.83 -4.73 -8.19
N ASN B 267 47.66 -6.03 -8.44
CA ASN B 267 47.99 -7.09 -7.48
C ASN B 267 49.15 -7.87 -8.09
N GLU B 268 50.28 -7.99 -7.35
CA GLU B 268 51.49 -8.68 -7.80
C GLU B 268 51.23 -10.15 -8.11
N ASN B 269 50.35 -10.78 -7.31
CA ASN B 269 49.97 -12.19 -7.40
C ASN B 269 48.81 -12.48 -8.38
N ALA B 270 48.48 -11.52 -9.27
CA ALA B 270 47.40 -11.68 -10.25
C ALA B 270 47.67 -12.86 -11.20
N GLY B 271 48.94 -13.06 -11.54
CA GLY B 271 49.42 -14.13 -12.41
C GLY B 271 49.00 -13.94 -13.85
N GLN B 272 48.97 -12.68 -14.32
CA GLN B 272 48.59 -12.34 -15.68
C GLN B 272 49.70 -12.59 -16.66
N THR B 273 49.32 -12.86 -17.92
CA THR B 273 50.27 -13.01 -19.01
C THR B 273 50.67 -11.56 -19.39
N SER B 274 51.81 -11.39 -20.08
CA SER B 274 52.27 -10.07 -20.53
C SER B 274 51.24 -9.46 -21.50
N GLU B 275 50.65 -10.30 -22.38
CA GLU B 275 49.62 -9.91 -23.34
C GLU B 275 48.39 -9.43 -22.58
N ALA B 276 47.89 -10.25 -21.63
CA ALA B 276 46.72 -9.96 -20.80
C ALA B 276 46.89 -8.70 -19.94
N LEU B 277 48.04 -8.56 -19.24
CA LEU B 277 48.32 -7.39 -18.41
C LEU B 277 48.42 -6.10 -19.25
N GLY B 278 49.00 -6.20 -20.44
CA GLY B 278 49.11 -5.08 -21.38
C GLY B 278 47.75 -4.59 -21.82
N ASN B 279 46.84 -5.53 -22.19
CA ASN B 279 45.48 -5.23 -22.63
C ASN B 279 44.69 -4.57 -21.48
N LEU B 280 44.92 -5.04 -20.24
CA LEU B 280 44.29 -4.52 -19.02
C LEU B 280 44.83 -3.12 -18.69
N MET B 281 46.15 -2.88 -18.89
CA MET B 281 46.81 -1.58 -18.67
C MET B 281 46.27 -0.56 -19.67
N ASP B 282 46.22 -0.94 -20.98
CA ASP B 282 45.70 -0.11 -22.07
C ASP B 282 44.26 0.28 -21.82
N PHE B 283 43.46 -0.69 -21.30
CA PHE B 283 42.06 -0.48 -20.94
C PHE B 283 41.93 0.50 -19.77
N TRP B 284 42.66 0.24 -18.68
CA TRP B 284 42.67 1.07 -17.49
C TRP B 284 42.97 2.54 -17.76
N ASP B 285 43.93 2.82 -18.68
CA ASP B 285 44.32 4.18 -19.08
C ASP B 285 43.14 4.96 -19.68
N GLU B 286 42.27 4.24 -20.37
CA GLU B 286 41.06 4.77 -21.02
C GLU B 286 39.94 4.90 -19.99
N ALA B 287 39.70 3.82 -19.22
CA ALA B 287 38.67 3.70 -18.20
C ALA B 287 38.80 4.67 -17.01
N LYS B 288 40.03 4.95 -16.54
CA LYS B 288 40.22 5.80 -15.36
C LYS B 288 39.79 7.26 -15.57
N THR B 289 39.83 7.74 -16.82
CA THR B 289 39.41 9.10 -17.17
C THR B 289 37.87 9.21 -17.08
N LEU B 290 37.18 8.05 -17.10
CA LEU B 290 35.73 7.93 -17.10
C LEU B 290 35.08 7.68 -15.72
N ILE B 291 35.90 7.43 -14.67
CA ILE B 291 35.40 7.20 -13.30
C ILE B 291 34.74 8.48 -12.78
N ASN B 292 33.52 8.36 -12.21
CA ASN B 292 32.71 9.48 -11.67
C ASN B 292 32.73 9.46 -10.13
N SER B 293 33.37 10.44 -9.52
CA SER B 293 33.50 10.57 -8.07
C SER B 293 32.71 11.76 -7.53
N ASP B 294 31.82 12.34 -8.35
CA ASP B 294 31.03 13.53 -8.00
C ASP B 294 30.03 13.33 -6.87
N TYR B 295 29.49 12.11 -6.74
CA TYR B 295 28.47 11.86 -5.76
C TYR B 295 28.98 11.48 -4.38
N ILE B 296 28.64 12.33 -3.39
CA ILE B 296 28.93 12.11 -1.98
C ILE B 296 27.60 11.73 -1.31
N PRO B 297 27.34 10.42 -1.06
CA PRO B 297 26.04 10.05 -0.46
C PRO B 297 25.81 10.61 0.93
N ASN B 298 24.56 11.02 1.18
CA ASN B 298 24.10 11.48 2.48
C ASN B 298 23.33 10.33 3.11
N SER B 299 23.05 10.46 4.41
CA SER B 299 22.26 9.47 5.16
C SER B 299 20.89 9.28 4.50
N GLY B 300 20.57 8.02 4.23
CA GLY B 300 19.32 7.60 3.61
C GLY B 300 19.33 7.49 2.09
N ASP B 301 20.48 7.76 1.48
CA ASP B 301 20.61 7.61 0.02
C ASP B 301 20.91 6.14 -0.29
N LEU B 302 20.37 5.66 -1.40
CA LEU B 302 20.62 4.31 -1.87
C LEU B 302 21.11 4.40 -3.32
N ILE B 303 22.21 3.69 -3.63
CA ILE B 303 22.74 3.58 -4.98
C ILE B 303 22.38 2.18 -5.50
N PHE B 304 21.57 2.14 -6.57
CA PHE B 304 21.13 0.89 -7.20
C PHE B 304 21.96 0.69 -8.48
N VAL B 305 22.72 -0.43 -8.58
CA VAL B 305 23.67 -0.72 -9.65
C VAL B 305 23.39 -2.01 -10.43
N ASN B 306 23.55 -1.97 -11.78
CA ASN B 306 23.49 -3.14 -12.65
C ASN B 306 24.95 -3.59 -12.69
N ASN B 307 25.29 -4.66 -11.95
CA ASN B 307 26.64 -5.19 -11.78
C ASN B 307 27.32 -5.70 -13.09
N HIS B 308 26.57 -5.71 -14.20
CA HIS B 308 27.10 -6.12 -15.49
C HIS B 308 27.49 -4.89 -16.32
N LEU B 309 27.10 -3.68 -15.87
CA LEU B 309 27.38 -2.43 -16.57
C LEU B 309 28.27 -1.48 -15.78
N CYS B 310 28.03 -1.37 -14.49
CA CYS B 310 28.68 -0.38 -13.64
C CYS B 310 29.52 -0.97 -12.48
N ALA B 311 30.79 -0.56 -12.42
CA ALA B 311 31.74 -0.91 -11.38
C ALA B 311 31.63 0.16 -10.29
N HIS B 312 31.94 -0.21 -9.04
CA HIS B 312 31.86 0.70 -7.91
C HIS B 312 33.17 0.73 -7.12
N GLY B 313 33.27 1.72 -6.25
CA GLY B 313 34.36 1.92 -5.32
C GLY B 313 34.01 3.02 -4.33
N ARG B 314 35.04 3.47 -3.57
CA ARG B 314 35.02 4.53 -2.57
C ARG B 314 36.45 5.07 -2.43
N SER B 315 36.59 6.42 -2.27
CA SER B 315 37.89 7.08 -2.07
C SER B 315 38.42 6.78 -0.66
N ALA B 316 39.74 6.99 -0.43
CA ALA B 316 40.36 6.79 0.88
C ALA B 316 39.82 7.78 1.90
N PHE B 317 39.76 7.36 3.18
CA PHE B 317 39.27 8.18 4.29
C PHE B 317 39.71 7.70 5.67
N ILE B 318 39.85 8.64 6.61
CA ILE B 318 40.13 8.29 8.00
C ILE B 318 38.72 8.14 8.61
N ALA B 319 38.37 6.90 9.00
CA ALA B 319 37.08 6.55 9.60
C ALA B 319 36.84 7.35 10.89
N GLY B 320 35.59 7.76 11.10
CA GLY B 320 35.15 8.49 12.29
C GLY B 320 35.61 9.94 12.48
N GLN B 321 35.88 10.67 11.37
CA GLN B 321 36.27 12.08 11.40
C GLN B 321 35.97 12.80 10.09
N ILE B 328 39.91 19.01 12.03
CA ILE B 328 38.94 17.95 11.74
C ILE B 328 38.12 17.61 13.00
N ILE B 329 36.84 17.21 12.78
CA ILE B 329 35.82 16.95 13.81
C ILE B 329 35.37 15.49 13.78
N LYS B 330 35.46 14.82 14.95
CA LYS B 330 35.07 13.43 15.20
C LYS B 330 33.58 13.28 14.88
N CYS B 331 33.23 12.16 14.25
CA CYS B 331 31.86 11.84 13.88
C CYS B 331 31.62 10.32 13.98
N GLU B 332 30.35 9.88 13.88
CA GLU B 332 30.06 8.45 13.90
C GLU B 332 30.53 7.78 12.60
N ARG B 333 31.25 6.64 12.74
CA ARG B 333 31.85 5.83 11.66
C ARG B 333 30.87 5.46 10.54
N ARG B 334 31.38 5.45 9.27
CA ARG B 334 30.66 5.13 8.03
C ARG B 334 29.93 3.81 8.15
N GLN B 335 28.71 3.79 7.67
CA GLN B 335 27.88 2.62 7.76
C GLN B 335 27.05 2.54 6.50
N MET B 336 27.19 1.44 5.77
CA MET B 336 26.47 1.20 4.51
C MET B 336 25.92 -0.23 4.52
N LEU B 337 24.75 -0.46 3.92
CA LEU B 337 24.15 -1.80 3.81
C LEU B 337 24.10 -2.27 2.35
N ARG B 338 24.72 -3.43 2.08
CA ARG B 338 24.74 -4.02 0.75
C ARG B 338 23.79 -5.22 0.58
N MET B 339 23.02 -5.18 -0.49
CA MET B 339 22.14 -6.27 -0.90
C MET B 339 22.44 -6.65 -2.38
N MET B 340 22.49 -7.93 -2.70
CA MET B 340 22.81 -8.42 -4.04
C MET B 340 21.68 -9.32 -4.51
N SER B 341 21.42 -9.33 -5.81
CA SER B 341 20.35 -10.15 -6.35
C SER B 341 20.64 -10.75 -7.72
N LYS B 342 19.93 -11.84 -8.04
CA LYS B 342 19.98 -12.53 -9.32
C LYS B 342 18.59 -12.54 -9.92
N THR B 343 18.49 -12.27 -11.23
CA THR B 343 17.21 -12.22 -11.96
C THR B 343 16.62 -13.60 -12.30
N SER B 344 17.45 -14.67 -12.21
CA SER B 344 17.02 -16.03 -12.51
C SER B 344 17.64 -17.06 -11.56
N LEU B 345 16.78 -17.75 -10.79
CA LEU B 345 17.16 -18.83 -9.88
C LEU B 345 17.47 -20.09 -10.70
N ILE B 346 16.85 -20.21 -11.90
CA ILE B 346 17.02 -21.37 -12.80
C ILE B 346 18.48 -21.53 -13.26
N HIS B 347 19.10 -20.45 -13.76
N HIS B 347 19.09 -20.43 -13.77
CA HIS B 347 20.43 -20.52 -14.35
CA HIS B 347 20.45 -20.38 -14.30
C HIS B 347 21.57 -20.74 -13.32
C HIS B 347 21.52 -20.78 -13.29
N ILE B 348 21.41 -20.24 -12.06
CA ILE B 348 22.37 -20.44 -10.97
C ILE B 348 22.13 -21.76 -10.22
N ARG B 349 21.04 -22.49 -10.51
CA ARG B 349 20.62 -23.69 -9.78
C ARG B 349 21.72 -24.76 -9.58
N SER B 350 22.64 -24.94 -10.54
CA SER B 350 23.75 -25.92 -10.37
C SER B 350 24.73 -25.54 -9.27
N VAL B 351 24.82 -24.24 -8.92
CA VAL B 351 25.74 -23.71 -7.91
C VAL B 351 25.06 -23.36 -6.57
N THR B 352 23.73 -23.49 -6.45
CA THR B 352 23.05 -23.16 -5.19
C THR B 352 22.83 -24.39 -4.32
N ARG B 353 22.63 -24.18 -2.98
CA ARG B 353 22.36 -25.24 -2.00
C ARG B 353 21.07 -25.96 -2.40
N THR B 354 21.01 -27.29 -2.20
CA THR B 354 19.82 -28.07 -2.53
C THR B 354 18.60 -27.52 -1.77
N ASP B 355 18.78 -27.32 -0.45
CA ASP B 355 17.80 -26.83 0.51
C ASP B 355 17.44 -25.35 0.35
N ASP B 356 18.29 -24.55 -0.38
CA ASP B 356 18.09 -23.11 -0.58
C ASP B 356 18.54 -22.63 -1.99
N PRO B 357 17.60 -22.44 -2.96
CA PRO B 357 18.01 -21.94 -4.29
C PRO B 357 18.49 -20.47 -4.34
N TYR B 358 18.55 -19.81 -3.20
CA TYR B 358 19.03 -18.42 -3.09
C TYR B 358 20.43 -18.36 -2.50
N PHE B 359 21.03 -19.52 -2.15
CA PHE B 359 22.35 -19.56 -1.52
C PHE B 359 23.38 -20.14 -2.48
N ILE B 360 24.24 -19.26 -3.05
CA ILE B 360 25.26 -19.58 -4.05
C ILE B 360 26.53 -20.08 -3.40
N MET B 361 26.88 -21.31 -3.76
CA MET B 361 28.03 -22.03 -3.24
C MET B 361 29.27 -21.98 -4.15
N GLU B 362 29.21 -21.19 -5.24
CA GLU B 362 30.33 -21.03 -6.19
C GLU B 362 31.51 -20.32 -5.50
N GLU B 363 32.73 -20.81 -5.80
CA GLU B 363 33.99 -20.37 -5.25
C GLU B 363 34.80 -19.56 -6.24
N HIS B 364 35.01 -20.11 -7.47
CA HIS B 364 35.83 -19.45 -8.48
C HIS B 364 35.53 -19.93 -9.90
N LEU B 365 34.97 -19.03 -10.73
CA LEU B 365 34.64 -19.22 -12.15
C LEU B 365 34.17 -20.64 -12.50
N GLY B 366 33.02 -21.03 -11.94
CA GLY B 366 32.39 -22.32 -12.15
C GLY B 366 32.63 -23.33 -11.06
N LYS B 367 33.81 -23.26 -10.39
CA LYS B 367 34.20 -24.17 -9.31
C LYS B 367 33.39 -23.88 -8.05
N ILE B 368 32.88 -24.93 -7.40
CA ILE B 368 32.07 -24.85 -6.18
C ILE B 368 32.92 -25.18 -4.94
N PHE B 369 32.67 -24.51 -3.80
CA PHE B 369 33.31 -24.81 -2.51
C PHE B 369 33.10 -26.28 -2.12
N ASP B 370 34.17 -26.93 -1.64
CA ASP B 370 34.12 -28.29 -1.08
C ASP B 370 34.36 -28.06 0.41
N LEU B 371 33.25 -27.99 1.21
CA LEU B 371 33.31 -27.66 2.64
C LEU B 371 34.03 -28.71 3.51
N ASP B 372 33.97 -30.02 3.10
CA ASP B 372 34.65 -31.19 3.72
C ASP B 372 34.35 -32.50 2.94
N THR C 15 -40.42 21.43 -10.05
CA THR C 15 -39.50 20.82 -9.08
C THR C 15 -38.47 19.89 -9.74
N SER C 16 -38.95 19.11 -10.74
CA SER C 16 -38.24 18.12 -11.56
C SER C 16 -37.07 18.72 -12.36
N LEU C 17 -37.19 20.01 -12.76
CA LEU C 17 -36.26 20.77 -13.59
C LEU C 17 -34.84 20.95 -13.04
N THR C 18 -34.67 20.83 -11.69
CA THR C 18 -33.40 21.06 -10.98
C THR C 18 -32.39 19.90 -11.17
N LEU C 19 -31.12 20.31 -11.35
CA LEU C 19 -29.94 19.48 -11.60
C LEU C 19 -29.09 19.28 -10.36
N GLU C 20 -29.11 20.26 -9.42
CA GLU C 20 -28.39 20.20 -8.14
C GLU C 20 -29.04 19.15 -7.27
N ILE C 21 -30.37 18.97 -7.43
CA ILE C 21 -31.11 17.98 -6.64
C ILE C 21 -30.62 16.57 -6.98
N PRO C 22 -29.84 15.92 -6.07
CA PRO C 22 -29.37 14.56 -6.35
C PRO C 22 -30.50 13.56 -6.18
N THR C 23 -30.64 12.65 -7.14
CA THR C 23 -31.70 11.64 -7.09
C THR C 23 -31.14 10.21 -7.02
N SER C 24 -29.81 10.07 -7.16
CA SER C 24 -29.10 8.79 -7.17
C SER C 24 -27.71 8.93 -6.52
N PRO C 25 -27.11 7.83 -6.02
CA PRO C 25 -25.77 7.96 -5.43
C PRO C 25 -24.67 8.12 -6.48
N LEU C 26 -23.47 8.52 -6.06
CA LEU C 26 -22.31 8.63 -6.95
C LEU C 26 -21.81 7.19 -7.18
N ILE C 27 -21.64 6.78 -8.44
CA ILE C 27 -21.17 5.44 -8.79
C ILE C 27 -19.69 5.54 -9.19
N ILE C 28 -18.80 4.91 -8.41
CA ILE C 28 -17.35 4.87 -8.66
C ILE C 28 -17.03 3.47 -9.16
N LYS C 29 -16.44 3.37 -10.36
CA LYS C 29 -16.07 2.07 -10.91
C LYS C 29 -14.61 1.81 -10.51
N ILE C 30 -14.39 0.97 -9.45
CA ILE C 30 -13.06 0.61 -8.95
C ILE C 30 -12.32 -0.15 -10.05
N THR C 31 -11.04 0.20 -10.28
CA THR C 31 -10.18 -0.41 -11.30
C THR C 31 -9.49 -1.68 -10.76
N GLN C 32 -9.00 -2.54 -11.66
CA GLN C 32 -8.31 -3.77 -11.23
C GLN C 32 -7.01 -3.43 -10.48
N GLN C 33 -6.32 -2.34 -10.86
N GLN C 33 -6.31 -2.34 -10.86
CA GLN C 33 -5.11 -1.86 -10.21
CA GLN C 33 -5.08 -1.88 -10.20
C GLN C 33 -5.44 -1.55 -8.75
C GLN C 33 -5.37 -1.45 -8.76
N GLU C 34 -6.51 -0.78 -8.53
CA GLU C 34 -7.02 -0.37 -7.21
C GLU C 34 -7.41 -1.58 -6.36
N ARG C 35 -8.12 -2.57 -6.93
CA ARG C 35 -8.52 -3.77 -6.16
C ARG C 35 -7.30 -4.56 -5.68
N ASN C 36 -6.29 -4.67 -6.58
CA ASN C 36 -5.06 -5.43 -6.30
C ASN C 36 -4.25 -4.80 -5.16
N ILE C 37 -4.22 -3.46 -5.09
CA ILE C 37 -3.55 -2.73 -4.03
C ILE C 37 -4.33 -2.98 -2.75
N LEU C 38 -5.67 -2.86 -2.79
CA LEU C 38 -6.53 -3.11 -1.62
C LEU C 38 -6.33 -4.49 -1.05
N SER C 39 -6.28 -5.49 -1.92
CA SER C 39 -6.10 -6.88 -1.57
C SER C 39 -4.77 -7.11 -0.90
N ASN C 40 -3.67 -6.60 -1.49
CA ASN C 40 -2.35 -6.81 -0.90
C ASN C 40 -2.24 -6.08 0.43
N VAL C 41 -2.75 -4.85 0.52
CA VAL C 41 -2.77 -4.07 1.76
C VAL C 41 -3.60 -4.83 2.84
N GLY C 42 -4.75 -5.37 2.43
CA GLY C 42 -5.61 -6.16 3.29
C GLY C 42 -4.91 -7.39 3.84
N ASN C 43 -4.22 -8.15 2.95
CA ASN C 43 -3.46 -9.34 3.33
C ASN C 43 -2.28 -8.97 4.26
N LEU C 44 -1.63 -7.83 3.99
CA LEU C 44 -0.48 -7.31 4.72
C LEU C 44 -0.87 -6.90 6.16
N LEU C 45 -2.07 -6.31 6.32
CA LEU C 45 -2.61 -5.87 7.58
C LEU C 45 -2.99 -7.04 8.46
N VAL C 46 -3.51 -8.12 7.86
CA VAL C 46 -3.89 -9.37 8.55
C VAL C 46 -2.60 -9.97 9.16
N LYS C 47 -1.53 -10.08 8.36
CA LYS C 47 -0.25 -10.61 8.82
C LYS C 47 0.40 -9.69 9.91
N ALA C 48 0.31 -8.36 9.74
CA ALA C 48 0.85 -7.37 10.67
C ALA C 48 0.10 -7.24 12.00
N PHE C 49 -1.26 -7.22 11.98
CA PHE C 49 -2.04 -6.97 13.18
C PHE C 49 -2.96 -8.09 13.58
N GLY C 50 -2.99 -9.15 12.82
CA GLY C 50 -3.83 -10.30 13.13
C GLY C 50 -5.29 -10.08 12.82
N ASN C 51 -5.92 -9.08 13.45
CA ASN C 51 -7.34 -8.76 13.27
C ASN C 51 -7.58 -7.25 13.35
N TYR C 52 -8.63 -6.75 12.65
CA TYR C 52 -8.98 -5.31 12.53
C TYR C 52 -9.42 -4.66 13.83
N GLU C 53 -9.62 -5.45 14.90
CA GLU C 53 -10.00 -4.93 16.22
C GLU C 53 -8.80 -4.81 17.18
N ASN C 54 -7.58 -5.07 16.65
CA ASN C 54 -6.30 -4.92 17.34
C ASN C 54 -6.14 -3.42 17.72
N PRO C 55 -5.91 -3.10 19.01
CA PRO C 55 -5.80 -1.69 19.42
C PRO C 55 -4.67 -0.92 18.75
N ASP C 56 -3.58 -1.61 18.36
CA ASP C 56 -2.43 -0.97 17.70
C ASP C 56 -2.81 -0.53 16.30
N TYR C 57 -3.70 -1.29 15.63
CA TYR C 57 -4.19 -0.98 14.31
C TYR C 57 -5.17 0.18 14.36
N ILE C 58 -6.15 0.12 15.28
CA ILE C 58 -7.19 1.13 15.48
C ILE C 58 -6.59 2.51 15.84
N ALA C 59 -5.56 2.54 16.68
CA ALA C 59 -4.89 3.77 17.10
C ALA C 59 -4.18 4.45 15.93
N SER C 60 -3.67 3.64 14.97
CA SER C 60 -2.99 4.10 13.76
C SER C 60 -3.84 3.94 12.47
N LEU C 61 -5.19 3.85 12.60
CA LEU C 61 -6.09 3.65 11.49
C LEU C 61 -5.98 4.68 10.39
N HIS C 62 -6.04 5.98 10.76
CA HIS C 62 -6.01 7.05 9.78
C HIS C 62 -4.68 7.07 9.02
N LEU C 63 -3.58 6.72 9.70
CA LEU C 63 -2.25 6.63 9.09
C LEU C 63 -2.26 5.61 7.96
N HIS C 64 -2.73 4.37 8.26
CA HIS C 64 -2.82 3.29 7.30
C HIS C 64 -3.79 3.65 6.18
N ALA C 65 -4.99 4.19 6.51
CA ALA C 65 -6.02 4.62 5.54
C ALA C 65 -5.48 5.62 4.49
N PHE C 66 -4.83 6.72 4.94
CA PHE C 66 -4.26 7.77 4.08
C PHE C 66 -2.97 7.42 3.37
N GLN C 67 -2.13 6.59 3.97
CA GLN C 67 -0.88 6.18 3.34
C GLN C 67 -1.04 4.97 2.37
N LEU C 68 -1.89 3.94 2.75
CA LEU C 68 -2.06 2.68 2.04
C LEU C 68 -3.22 2.58 1.04
N LEU C 69 -4.33 3.35 1.21
CA LEU C 69 -5.43 3.27 0.25
C LEU C 69 -5.06 3.91 -1.09
N PRO C 70 -5.56 3.35 -2.27
CA PRO C 70 -5.37 4.00 -3.57
C PRO C 70 -5.84 5.46 -3.49
N GLU C 71 -5.02 6.41 -3.97
CA GLU C 71 -5.28 7.85 -3.80
C GLU C 71 -6.65 8.36 -4.26
N ARG C 72 -7.25 7.75 -5.32
CA ARG C 72 -8.57 8.16 -5.81
C ARG C 72 -9.63 7.90 -4.74
N ILE C 73 -9.56 6.74 -4.07
CA ILE C 73 -10.49 6.34 -3.01
C ILE C 73 -10.42 7.32 -1.83
N THR C 74 -9.19 7.60 -1.37
CA THR C 74 -8.88 8.54 -0.29
C THR C 74 -9.46 9.95 -0.58
N ARG C 75 -9.33 10.44 -1.83
CA ARG C 75 -9.83 11.75 -2.25
C ARG C 75 -11.34 11.79 -2.21
N ILE C 76 -12.00 10.77 -2.78
CA ILE C 76 -13.45 10.61 -2.81
C ILE C 76 -14.03 10.66 -1.40
N LEU C 77 -13.52 9.80 -0.50
CA LEU C 77 -13.99 9.71 0.89
C LEU C 77 -13.67 10.94 1.74
N SER C 78 -12.48 11.54 1.57
CA SER C 78 -12.06 12.77 2.27
C SER C 78 -13.00 13.94 1.94
N GLN C 79 -13.33 14.11 0.63
CA GLN C 79 -14.23 15.11 0.10
C GLN C 79 -15.67 14.89 0.63
N PHE C 80 -16.15 13.63 0.62
CA PHE C 80 -17.47 13.18 1.08
C PHE C 80 -17.74 13.45 2.56
N GLY C 81 -16.73 13.24 3.41
CA GLY C 81 -16.84 13.41 4.86
C GLY C 81 -17.24 14.77 5.36
N SER C 82 -16.84 15.82 4.64
CA SER C 82 -17.12 17.22 4.95
C SER C 82 -18.11 17.89 3.96
N ASP C 83 -18.73 17.10 3.06
CA ASP C 83 -19.68 17.60 2.04
C ASP C 83 -21.12 17.39 2.47
N PHE C 84 -21.80 18.48 2.80
CA PHE C 84 -23.21 18.44 3.23
C PHE C 84 -23.99 19.45 2.37
N SER C 85 -23.45 19.77 1.18
CA SER C 85 -24.05 20.70 0.21
C SER C 85 -25.36 20.16 -0.40
N ALA C 86 -26.10 21.02 -1.11
CA ALA C 86 -27.36 20.70 -1.77
C ALA C 86 -27.23 19.58 -2.81
N GLU C 87 -26.04 19.47 -3.45
CA GLU C 87 -25.70 18.49 -4.48
C GLU C 87 -25.27 17.13 -3.94
N GLN C 88 -25.01 17.02 -2.62
CA GLN C 88 -24.56 15.78 -1.99
C GLN C 88 -25.71 14.80 -1.73
N TYR C 89 -25.65 13.62 -2.35
CA TYR C 89 -26.66 12.59 -2.13
C TYR C 89 -26.53 11.97 -0.73
N GLY C 90 -25.28 11.84 -0.24
CA GLY C 90 -25.00 11.21 1.04
C GLY C 90 -24.75 9.72 0.96
N ALA C 91 -24.43 9.22 -0.25
CA ALA C 91 -24.14 7.81 -0.54
C ALA C 91 -23.27 7.68 -1.79
N ILE C 92 -22.29 6.76 -1.74
CA ILE C 92 -21.39 6.40 -2.84
C ILE C 92 -21.43 4.89 -3.02
N VAL C 93 -21.48 4.44 -4.27
CA VAL C 93 -21.41 3.03 -4.63
C VAL C 93 -19.99 2.81 -5.18
N PHE C 94 -19.18 2.02 -4.48
CA PHE C 94 -17.86 1.64 -5.00
C PHE C 94 -18.03 0.26 -5.66
N GLN C 95 -18.26 0.25 -6.99
CA GLN C 95 -18.47 -0.96 -7.79
C GLN C 95 -17.18 -1.71 -7.93
N GLY C 96 -17.23 -3.00 -7.62
CA GLY C 96 -16.08 -3.90 -7.69
C GLY C 96 -14.93 -3.47 -6.81
N LEU C 97 -15.22 -3.13 -5.55
CA LEU C 97 -14.19 -2.69 -4.60
C LEU C 97 -13.23 -3.84 -4.30
N ILE C 98 -13.77 -5.05 -4.18
CA ILE C 98 -12.99 -6.25 -3.89
C ILE C 98 -13.40 -7.42 -4.79
N GLU C 99 -12.48 -8.40 -4.94
CA GLU C 99 -12.75 -9.68 -5.63
C GLU C 99 -13.19 -10.65 -4.54
N VAL C 100 -14.44 -11.16 -4.63
CA VAL C 100 -14.86 -12.12 -3.61
C VAL C 100 -14.58 -13.54 -4.07
N ASP C 101 -13.71 -14.25 -3.33
CA ASP C 101 -13.40 -15.66 -3.53
C ASP C 101 -14.54 -16.42 -2.86
N GLN C 102 -15.53 -16.81 -3.68
CA GLN C 102 -16.74 -17.48 -3.19
C GLN C 102 -16.45 -18.81 -2.51
N ASP C 103 -15.46 -19.59 -3.01
CA ASP C 103 -15.07 -20.88 -2.44
C ASP C 103 -14.39 -20.75 -1.07
N ASP C 104 -13.63 -19.66 -0.85
CA ASP C 104 -12.96 -19.39 0.43
C ASP C 104 -13.99 -18.94 1.46
N LEU C 105 -14.95 -18.08 1.05
CA LEU C 105 -16.04 -17.55 1.90
C LEU C 105 -16.93 -18.70 2.43
N GLY C 106 -17.04 -19.77 1.65
CA GLY C 106 -17.81 -20.96 1.99
C GLY C 106 -19.31 -20.71 2.02
N PRO C 107 -20.15 -21.72 2.35
CA PRO C 107 -21.59 -21.50 2.39
C PRO C 107 -21.98 -20.42 3.42
N THR C 108 -23.11 -19.76 3.18
CA THR C 108 -23.58 -18.72 4.07
C THR C 108 -24.10 -19.41 5.36
N PRO C 109 -23.62 -18.98 6.55
CA PRO C 109 -24.07 -19.61 7.80
C PRO C 109 -25.59 -19.46 8.04
N PRO C 110 -26.23 -20.28 8.92
CA PRO C 110 -27.69 -20.18 9.09
C PRO C 110 -28.25 -18.79 9.47
N ASN C 111 -27.48 -18.04 10.28
CA ASN C 111 -27.81 -16.70 10.77
C ASN C 111 -26.50 -15.91 10.89
N TRP C 112 -26.55 -14.69 11.43
CA TRP C 112 -25.36 -13.86 11.62
C TRP C 112 -24.44 -14.39 12.72
N GLN C 113 -25.01 -15.14 13.68
CA GLN C 113 -24.30 -15.73 14.83
C GLN C 113 -23.21 -16.70 14.43
N GLY C 114 -23.46 -17.47 13.36
CA GLY C 114 -22.56 -18.49 12.86
C GLY C 114 -21.52 -18.05 11.85
N ALA C 115 -21.38 -16.72 11.67
CA ALA C 115 -20.40 -16.15 10.72
C ALA C 115 -18.97 -16.52 11.10
N ASP C 116 -18.16 -16.85 10.08
CA ASP C 116 -16.76 -17.25 10.25
C ASP C 116 -15.89 -16.02 10.03
N TYR C 117 -15.52 -15.32 11.13
CA TYR C 117 -14.75 -14.07 11.04
C TYR C 117 -13.30 -14.24 10.55
N GLY C 118 -12.83 -15.48 10.38
CA GLY C 118 -11.50 -15.76 9.82
C GLY C 118 -11.46 -15.41 8.35
N LYS C 119 -12.53 -15.80 7.62
CA LYS C 119 -12.73 -15.48 6.20
C LYS C 119 -13.08 -13.99 5.97
N LEU C 120 -13.65 -13.31 6.99
CA LEU C 120 -14.07 -11.92 6.90
C LEU C 120 -13.04 -10.91 7.37
N ASN C 121 -11.93 -11.38 7.94
CA ASN C 121 -10.88 -10.58 8.54
C ASN C 121 -10.27 -9.52 7.61
N LYS C 122 -9.88 -9.91 6.40
CA LYS C 122 -9.31 -9.00 5.39
C LYS C 122 -10.34 -7.93 5.01
N TYR C 123 -11.60 -8.34 4.84
CA TYR C 123 -12.70 -7.47 4.49
C TYR C 123 -12.92 -6.42 5.54
N GLY C 124 -12.77 -6.82 6.80
CA GLY C 124 -12.87 -5.95 7.96
C GLY C 124 -11.81 -4.86 7.96
N PHE C 125 -10.61 -5.22 7.51
CA PHE C 125 -9.45 -4.31 7.38
C PHE C 125 -9.71 -3.29 6.28
N ILE C 126 -10.13 -3.76 5.10
CA ILE C 126 -10.44 -2.93 3.93
C ILE C 126 -11.54 -1.93 4.27
N CYS C 127 -12.62 -2.37 4.93
CA CYS C 127 -13.73 -1.53 5.34
C CYS C 127 -13.33 -0.46 6.34
N SER C 128 -12.51 -0.83 7.35
CA SER C 128 -12.02 0.11 8.37
C SER C 128 -11.12 1.17 7.77
N LEU C 129 -10.40 0.85 6.65
CA LEU C 129 -9.54 1.82 5.94
C LEU C 129 -10.43 2.85 5.25
N LEU C 130 -11.55 2.42 4.64
CA LEU C 130 -12.50 3.33 3.99
C LEU C 130 -13.07 4.32 5.01
N HIS C 131 -13.43 3.87 6.22
CA HIS C 131 -13.89 4.74 7.31
C HIS C 131 -12.77 5.68 7.78
N GLY C 132 -11.56 5.14 7.92
CA GLY C 132 -10.35 5.88 8.31
C GLY C 132 -10.02 7.06 7.43
N ALA C 133 -10.33 6.97 6.11
CA ALA C 133 -10.09 8.03 5.11
C ALA C 133 -11.17 9.14 5.11
N VAL C 134 -12.33 8.91 5.74
CA VAL C 134 -13.39 9.93 5.81
C VAL C 134 -12.86 11.29 6.40
N PRO C 135 -12.15 11.41 7.58
CA PRO C 135 -11.78 10.38 8.59
C PRO C 135 -12.91 10.12 9.56
N SER C 136 -13.10 8.86 9.91
CA SER C 136 -14.12 8.38 10.82
C SER C 136 -13.55 7.16 11.50
N LYS C 137 -13.97 6.91 12.73
CA LYS C 137 -13.49 5.83 13.56
C LYS C 137 -14.55 4.75 13.72
N PRO C 138 -14.28 3.49 13.30
CA PRO C 138 -15.25 2.41 13.49
C PRO C 138 -15.62 2.22 14.95
N VAL C 139 -16.92 1.98 15.21
CA VAL C 139 -17.49 1.81 16.55
C VAL C 139 -18.46 0.62 16.60
N GLN C 140 -18.78 0.18 17.83
CA GLN C 140 -19.79 -0.87 18.03
C GLN C 140 -20.81 -0.35 19.05
N TYR C 141 -22.06 -0.81 18.93
CA TYR C 141 -23.18 -0.39 19.76
C TYR C 141 -23.72 -1.53 20.57
N TYR C 142 -24.03 -1.27 21.86
CA TYR C 142 -24.66 -2.31 22.67
C TYR C 142 -26.11 -2.54 22.14
N ALA C 143 -26.75 -1.48 21.56
CA ALA C 143 -28.10 -1.46 20.99
C ALA C 143 -28.22 -2.32 19.72
N GLN C 144 -27.06 -2.78 19.20
CA GLN C 144 -26.95 -3.64 18.03
C GLN C 144 -26.07 -4.87 18.35
N ARG C 145 -26.72 -5.98 18.75
CA ARG C 145 -26.11 -7.28 19.08
C ARG C 145 -25.20 -7.25 20.29
N LYS C 146 -25.53 -6.40 21.30
CA LYS C 146 -24.75 -6.25 22.55
C LYS C 146 -23.25 -5.99 22.25
N GLY C 147 -23.01 -5.29 21.15
CA GLY C 147 -21.70 -4.98 20.61
C GLY C 147 -21.55 -5.61 19.24
N GLY C 148 -21.22 -6.91 19.23
CA GLY C 148 -21.07 -7.75 18.05
C GLY C 148 -19.79 -7.55 17.25
N GLY C 149 -18.97 -6.58 17.69
CA GLY C 149 -17.71 -6.17 17.08
C GLY C 149 -17.89 -5.12 16.01
N LEU C 150 -16.74 -4.64 15.45
CA LEU C 150 -16.68 -3.57 14.45
C LEU C 150 -17.26 -3.92 13.08
N LEU C 151 -17.31 -5.19 12.75
CA LEU C 151 -17.85 -5.67 11.48
C LEU C 151 -18.96 -6.71 11.76
N HIS C 152 -20.14 -6.47 11.17
CA HIS C 152 -21.31 -7.30 11.32
C HIS C 152 -21.66 -8.04 10.05
N ALA C 153 -21.89 -9.35 10.16
CA ALA C 153 -22.38 -10.14 9.03
C ALA C 153 -23.91 -9.97 8.99
N VAL C 154 -24.44 -9.48 7.88
CA VAL C 154 -25.89 -9.32 7.65
C VAL C 154 -26.32 -10.47 6.74
N ILE C 155 -26.89 -11.53 7.36
CA ILE C 155 -27.30 -12.79 6.74
C ILE C 155 -28.81 -13.05 6.98
N PRO C 156 -29.56 -13.49 5.92
CA PRO C 156 -30.99 -13.82 6.11
C PRO C 156 -31.19 -15.09 6.95
N ASP C 157 -32.08 -15.01 7.93
CA ASP C 157 -32.40 -16.09 8.87
C ASP C 157 -33.82 -16.57 8.59
N GLU C 158 -34.01 -17.91 8.48
CA GLU C 158 -35.34 -18.54 8.24
C GLU C 158 -36.32 -18.24 9.39
N LYS C 159 -35.79 -18.20 10.65
CA LYS C 159 -36.51 -17.92 11.90
C LYS C 159 -37.06 -16.50 11.91
N MET C 160 -36.28 -15.54 11.39
CA MET C 160 -36.66 -14.14 11.30
C MET C 160 -36.87 -13.72 9.83
N ALA C 161 -37.67 -14.52 9.07
CA ALA C 161 -37.94 -14.33 7.63
C ALA C 161 -38.78 -13.09 7.29
N ALA C 162 -39.91 -12.87 8.00
CA ALA C 162 -40.79 -11.70 7.80
C ALA C 162 -40.62 -10.64 8.92
N THR C 163 -39.37 -10.37 9.32
CA THR C 163 -39.04 -9.38 10.35
C THR C 163 -38.44 -8.11 9.74
N GLN C 164 -38.63 -6.98 10.44
CA GLN C 164 -38.10 -5.68 10.03
C GLN C 164 -36.67 -5.49 10.59
N THR C 165 -35.78 -6.39 10.15
CA THR C 165 -34.38 -6.45 10.57
C THR C 165 -33.48 -6.94 9.38
N GLY C 166 -32.16 -6.93 9.62
CA GLY C 166 -31.12 -7.37 8.70
C GLY C 166 -31.07 -8.87 8.50
N SER C 167 -31.65 -9.60 9.48
CA SER C 167 -31.84 -11.05 9.47
C SER C 167 -33.09 -11.33 8.60
N GLY C 168 -33.91 -10.31 8.37
CA GLY C 168 -35.12 -10.34 7.56
C GLY C 168 -34.85 -10.60 6.10
N SER C 169 -35.87 -11.11 5.37
CA SER C 169 -35.76 -11.43 3.94
C SER C 169 -37.09 -11.28 3.20
N LYS C 170 -38.12 -12.08 3.60
CA LYS C 170 -39.47 -12.19 3.04
C LYS C 170 -40.23 -10.86 2.89
N THR C 171 -39.95 -9.86 3.75
CA THR C 171 -40.63 -8.54 3.70
C THR C 171 -39.70 -7.40 3.27
N ASP C 172 -40.31 -6.34 2.68
CA ASP C 172 -39.62 -5.12 2.26
C ASP C 172 -39.14 -4.32 3.48
N LEU C 173 -37.81 -4.17 3.58
CA LEU C 173 -37.14 -3.43 4.64
C LEU C 173 -37.20 -1.94 4.26
N PHE C 174 -38.23 -1.22 4.82
CA PHE C 174 -38.52 0.21 4.60
C PHE C 174 -37.31 1.06 4.91
N VAL C 175 -37.13 2.18 4.17
CA VAL C 175 -35.99 3.08 4.35
C VAL C 175 -35.93 3.63 5.77
N HIS C 176 -34.70 3.67 6.29
CA HIS C 176 -34.38 4.13 7.64
C HIS C 176 -32.90 4.47 7.71
N THR C 177 -32.57 5.50 8.53
CA THR C 177 -31.18 5.82 8.83
C THR C 177 -30.87 4.82 9.96
N GLU C 178 -29.62 4.37 10.06
CA GLU C 178 -29.29 3.38 11.08
C GLU C 178 -29.38 3.97 12.48
N ASP C 179 -30.08 3.27 13.40
CA ASP C 179 -30.28 3.58 14.82
C ASP C 179 -30.89 4.99 15.09
N ALA C 180 -32.07 5.28 14.48
CA ALA C 180 -32.83 6.52 14.65
C ALA C 180 -33.24 6.79 16.10
N PHE C 181 -33.26 5.71 16.93
CA PHE C 181 -33.60 5.74 18.36
C PHE C 181 -32.45 6.19 19.26
N LEU C 182 -31.22 6.30 18.72
CA LEU C 182 -30.04 6.74 19.49
C LEU C 182 -29.66 8.17 19.10
N SER C 183 -29.25 9.00 20.06
CA SER C 183 -28.79 10.38 19.84
C SER C 183 -27.38 10.36 19.21
N ASN C 184 -26.65 9.23 19.40
CA ASN C 184 -25.28 9.00 18.93
C ASN C 184 -25.19 7.90 17.88
N GLN C 185 -26.17 7.89 16.94
CA GLN C 185 -26.25 6.96 15.83
C GLN C 185 -25.01 7.09 14.94
N ALA C 186 -24.67 6.05 14.15
CA ALA C 186 -23.48 6.09 13.30
C ALA C 186 -23.43 7.35 12.42
N ASP C 187 -22.23 7.86 12.15
CA ASP C 187 -22.05 9.03 11.29
C ASP C 187 -22.01 8.55 9.84
N PHE C 188 -21.27 7.42 9.62
CA PHE C 188 -21.05 6.78 8.34
C PHE C 188 -21.22 5.28 8.47
N LEU C 189 -21.69 4.64 7.39
CA LEU C 189 -21.92 3.20 7.28
C LEU C 189 -21.32 2.73 6.00
N SER C 190 -20.86 1.49 5.98
CA SER C 190 -20.39 0.82 4.77
C SER C 190 -21.11 -0.52 4.72
N PHE C 191 -21.63 -0.87 3.55
CA PHE C 191 -22.30 -2.15 3.30
C PHE C 191 -21.51 -2.84 2.22
N LEU C 192 -20.69 -3.84 2.58
CA LEU C 192 -19.91 -4.61 1.63
C LEU C 192 -20.71 -5.84 1.22
N TYR C 193 -21.05 -5.94 -0.05
CA TYR C 193 -21.83 -7.08 -0.56
C TYR C 193 -20.91 -8.19 -0.99
N LEU C 194 -20.94 -9.30 -0.26
CA LEU C 194 -20.11 -10.47 -0.54
C LEU C 194 -20.85 -11.37 -1.53
N ARG C 195 -22.18 -11.48 -1.35
CA ARG C 195 -23.09 -12.32 -2.09
C ARG C 195 -24.45 -11.63 -2.17
N ASN C 196 -24.98 -11.51 -3.38
CA ASN C 196 -26.31 -10.99 -3.67
C ASN C 196 -26.77 -11.68 -4.96
N GLU C 197 -26.76 -13.04 -4.89
CA GLU C 197 -27.17 -13.95 -5.95
C GLU C 197 -28.71 -13.99 -6.07
N GLU C 198 -29.42 -13.57 -4.98
CA GLU C 198 -30.88 -13.42 -4.90
C GLU C 198 -31.35 -12.18 -5.74
N ARG C 199 -30.35 -11.32 -6.10
CA ARG C 199 -30.41 -10.09 -6.90
C ARG C 199 -31.33 -9.04 -6.25
N VAL C 200 -31.18 -8.89 -4.94
CA VAL C 200 -31.93 -7.99 -4.05
C VAL C 200 -31.51 -6.52 -4.27
N PRO C 201 -32.45 -5.65 -4.71
CA PRO C 201 -32.08 -4.22 -4.88
C PRO C 201 -31.86 -3.52 -3.53
N SER C 202 -30.87 -2.60 -3.53
CA SER C 202 -30.53 -1.79 -2.37
C SER C 202 -31.25 -0.46 -2.54
N THR C 203 -32.25 -0.22 -1.68
CA THR C 203 -33.03 1.02 -1.72
C THR C 203 -32.29 2.10 -0.89
N LEU C 204 -32.27 3.33 -1.44
CA LEU C 204 -31.63 4.47 -0.79
C LEU C 204 -32.58 5.66 -0.85
N TYR C 205 -32.59 6.47 0.21
CA TYR C 205 -33.41 7.67 0.26
C TYR C 205 -32.59 8.82 0.85
N SER C 206 -32.41 9.90 0.08
CA SER C 206 -31.66 11.07 0.52
C SER C 206 -32.57 12.26 0.83
N ILE C 207 -32.33 12.95 1.95
CA ILE C 207 -33.06 14.16 2.33
C ILE C 207 -32.80 15.29 1.30
N ARG C 208 -31.64 15.22 0.60
CA ARG C 208 -31.22 16.18 -0.43
C ARG C 208 -32.05 16.08 -1.71
N SER C 209 -32.72 14.92 -1.93
CA SER C 209 -33.60 14.64 -3.06
C SER C 209 -34.87 15.49 -3.00
N HIS C 210 -35.18 16.03 -1.81
CA HIS C 210 -36.34 16.89 -1.56
C HIS C 210 -36.11 18.28 -2.13
N GLY C 211 -34.85 18.66 -2.23
CA GLY C 211 -34.45 19.99 -2.69
C GLY C 211 -34.64 21.02 -1.60
N LYS C 212 -35.09 22.24 -2.00
CA LYS C 212 -35.30 23.38 -1.12
C LYS C 212 -36.30 23.08 -0.03
N MET C 213 -35.95 23.54 1.16
CA MET C 213 -36.74 23.46 2.38
C MET C 213 -38.20 23.97 2.11
N ASN C 214 -39.19 23.09 2.37
CA ASN C 214 -40.62 23.35 2.19
C ASN C 214 -41.39 23.22 3.53
N PRO C 215 -42.67 23.69 3.63
CA PRO C 215 -43.39 23.66 4.93
C PRO C 215 -43.62 22.29 5.57
N VAL C 216 -43.71 21.23 4.75
CA VAL C 216 -43.90 19.84 5.21
C VAL C 216 -42.64 19.39 5.98
N MET C 217 -41.46 19.69 5.42
N MET C 217 -41.46 19.68 5.40
CA MET C 217 -40.16 19.35 5.98
CA MET C 217 -40.14 19.35 5.95
C MET C 217 -39.88 20.17 7.24
C MET C 217 -39.89 20.15 7.23
N LYS C 218 -40.29 21.45 7.26
CA LYS C 218 -40.08 22.37 8.41
C LYS C 218 -40.68 21.87 9.73
N LYS C 219 -41.81 21.16 9.65
CA LYS C 219 -42.51 20.58 10.81
C LYS C 219 -41.67 19.46 11.47
N LEU C 220 -40.75 18.81 10.70
CA LEU C 220 -39.87 17.74 11.18
C LEU C 220 -38.71 18.21 12.06
N PHE C 221 -38.45 19.52 12.10
CA PHE C 221 -37.45 20.16 12.95
C PHE C 221 -37.93 20.21 14.41
N GLU C 222 -39.25 20.04 14.63
CA GLU C 222 -39.86 20.04 15.98
C GLU C 222 -39.48 18.75 16.73
N PRO C 223 -39.01 18.81 17.99
CA PRO C 223 -38.68 17.57 18.71
C PRO C 223 -39.92 16.94 19.36
N ILE C 224 -40.93 16.62 18.51
CA ILE C 224 -42.25 16.09 18.89
C ILE C 224 -42.48 14.63 18.42
N TYR C 225 -41.43 13.96 17.91
CA TYR C 225 -41.52 12.63 17.32
C TYR C 225 -40.95 11.51 18.17
N GLN C 226 -41.67 10.38 18.23
CA GLN C 226 -41.21 9.18 18.91
C GLN C 226 -40.24 8.45 17.99
N CYS C 227 -39.14 7.95 18.55
CA CYS C 227 -38.15 7.20 17.77
C CYS C 227 -38.02 5.83 18.44
N PRO C 228 -38.96 4.88 18.23
CA PRO C 228 -38.87 3.59 18.93
C PRO C 228 -37.63 2.74 18.56
N LYS C 229 -37.19 1.87 19.49
CA LYS C 229 -36.06 0.94 19.31
C LYS C 229 -36.39 -0.08 18.19
N ASP C 230 -35.37 -0.52 17.39
CA ASP C 230 -35.52 -1.41 16.21
C ASP C 230 -36.26 -2.77 16.52
N ALA C 231 -36.82 -3.41 15.46
CA ALA C 231 -37.67 -4.61 15.53
C ALA C 231 -37.02 -5.86 16.16
N ASN C 232 -35.66 -5.87 16.37
CA ASN C 232 -34.92 -6.96 17.03
C ASN C 232 -35.34 -7.10 18.51
N TYR C 233 -35.86 -6.00 19.10
CA TYR C 233 -36.35 -5.88 20.47
C TYR C 233 -37.75 -6.50 20.58
N ALA C 239 -43.85 0.84 27.07
CA ALA C 239 -44.97 0.80 28.01
C ALA C 239 -45.50 2.21 28.28
N ASN C 240 -44.67 3.09 28.90
CA ASN C 240 -45.02 4.48 29.17
C ASN C 240 -44.35 5.42 28.11
N SER C 241 -44.58 6.76 28.19
CA SER C 241 -44.07 7.73 27.22
C SER C 241 -42.55 7.94 27.25
N GLY C 242 -41.89 7.40 26.23
CA GLY C 242 -40.45 7.51 25.98
C GLY C 242 -40.06 8.91 25.51
N PRO C 243 -38.75 9.21 25.33
CA PRO C 243 -38.38 10.56 24.88
C PRO C 243 -38.63 10.79 23.40
N THR C 244 -38.81 12.06 23.10
CA THR C 244 -39.12 12.57 21.79
C THR C 244 -37.89 13.24 21.14
N ALA C 245 -37.79 13.23 19.79
CA ALA C 245 -36.71 13.87 19.04
C ALA C 245 -37.18 14.49 17.71
N SER C 246 -36.30 15.34 17.10
N SER C 246 -36.27 15.26 17.09
CA SER C 246 -36.53 16.01 15.82
CA SER C 246 -36.37 15.96 15.82
C SER C 246 -36.15 15.05 14.69
C SER C 246 -36.14 14.96 14.69
N VAL C 247 -36.97 14.96 13.62
CA VAL C 247 -36.70 14.09 12.46
C VAL C 247 -35.57 14.77 11.61
N LEU C 248 -35.66 16.09 11.44
CA LEU C 248 -34.67 16.92 10.76
C LEU C 248 -33.92 17.77 11.80
N TYR C 249 -32.60 17.89 11.67
CA TYR C 249 -31.74 18.66 12.56
C TYR C 249 -30.57 19.25 11.75
N GLY C 250 -29.63 19.91 12.41
CA GLY C 250 -28.50 20.53 11.73
C GLY C 250 -28.86 21.86 11.11
N ASN C 251 -28.32 22.14 9.92
CA ASN C 251 -28.59 23.38 9.16
C ASN C 251 -30.08 23.39 8.72
N ARG C 252 -30.78 24.49 8.96
CA ARG C 252 -32.19 24.65 8.67
C ARG C 252 -32.54 24.60 7.19
N GLU C 253 -31.60 25.02 6.32
CA GLU C 253 -31.77 25.03 4.88
C GLU C 253 -31.43 23.67 4.25
N LEU C 254 -30.29 23.07 4.68
CA LEU C 254 -29.74 21.80 4.22
C LEU C 254 -29.58 20.88 5.44
N PRO C 255 -30.69 20.24 5.89
CA PRO C 255 -30.62 19.47 7.14
C PRO C 255 -30.04 18.07 7.09
N PHE C 256 -29.92 17.48 8.30
CA PHE C 256 -29.57 16.11 8.53
C PHE C 256 -30.87 15.40 8.93
N ILE C 257 -30.92 14.06 8.79
CA ILE C 257 -32.12 13.31 9.08
C ILE C 257 -31.88 12.09 9.98
N ARG C 258 -32.89 11.80 10.84
CA ARG C 258 -33.03 10.59 11.64
C ARG C 258 -34.46 10.11 11.36
N PHE C 259 -34.58 9.03 10.60
CA PHE C 259 -35.88 8.55 10.15
C PHE C 259 -35.96 7.03 10.04
N ASP C 260 -37.12 6.45 10.43
CA ASP C 260 -37.37 5.01 10.33
C ASP C 260 -38.81 4.82 9.93
N ALA C 261 -39.07 4.69 8.62
CA ALA C 261 -40.43 4.55 8.11
C ALA C 261 -41.23 3.46 8.86
N ALA C 262 -40.60 2.30 9.04
CA ALA C 262 -41.16 1.12 9.69
C ALA C 262 -41.58 1.35 11.14
N GLU C 263 -40.66 1.89 11.95
CA GLU C 263 -40.76 2.07 13.38
C GLU C 263 -41.52 3.32 13.83
N GLN C 264 -41.42 4.44 13.08
CA GLN C 264 -42.06 5.72 13.42
C GLN C 264 -43.46 5.90 12.83
N ILE C 265 -43.69 5.40 11.61
CA ILE C 265 -44.97 5.52 10.87
C ILE C 265 -45.83 4.23 10.89
N PHE C 266 -45.34 3.13 10.28
CA PHE C 266 -46.01 1.83 10.08
C PHE C 266 -46.16 0.92 11.32
N ASN C 267 -45.63 1.34 12.49
CA ASN C 267 -45.68 0.55 13.73
C ASN C 267 -46.83 1.04 14.59
N GLU C 268 -47.77 0.13 14.93
CA GLU C 268 -48.94 0.43 15.76
C GLU C 268 -48.57 0.99 17.14
N ASN C 269 -47.50 0.45 17.72
CA ASN C 269 -46.98 0.78 19.04
C ASN C 269 -45.98 1.96 19.06
N ALA C 270 -45.94 2.77 17.97
CA ALA C 270 -45.06 3.93 17.86
C ALA C 270 -45.34 4.96 18.97
N GLY C 271 -46.63 5.09 19.34
CA GLY C 271 -47.10 6.00 20.38
C GLY C 271 -46.99 7.45 20.01
N GLN C 272 -47.24 7.77 18.72
CA GLN C 272 -47.16 9.12 18.19
C GLN C 272 -48.39 9.94 18.53
N THR C 273 -48.21 11.26 18.59
CA THR C 273 -49.31 12.19 18.78
C THR C 273 -49.98 12.30 17.40
N SER C 274 -51.25 12.77 17.35
CA SER C 274 -51.97 12.94 16.07
C SER C 274 -51.24 13.98 15.19
N GLU C 275 -50.72 15.07 15.82
CA GLU C 275 -49.95 16.13 15.18
C GLU C 275 -48.69 15.53 14.58
N ALA C 276 -47.89 14.78 15.41
CA ALA C 276 -46.64 14.13 15.01
C ALA C 276 -46.83 13.09 13.89
N LEU C 277 -47.84 12.21 14.03
CA LEU C 277 -48.14 11.20 13.01
C LEU C 277 -48.57 11.83 11.67
N GLY C 278 -49.33 12.92 11.73
CA GLY C 278 -49.77 13.66 10.56
C GLY C 278 -48.60 14.27 9.81
N ASN C 279 -47.66 14.89 10.55
CA ASN C 279 -46.47 15.52 9.98
C ASN C 279 -45.59 14.46 9.33
N LEU C 280 -45.51 13.26 9.95
CA LEU C 280 -44.75 12.11 9.45
C LEU C 280 -45.39 11.52 8.20
N MET C 281 -46.74 11.46 8.15
CA MET C 281 -47.53 10.97 7.01
C MET C 281 -47.33 11.91 5.83
N ASP C 282 -47.47 13.24 6.05
CA ASP C 282 -47.29 14.29 5.05
C ASP C 282 -45.88 14.24 4.46
N PHE C 283 -44.89 13.98 5.32
CA PHE C 283 -43.50 13.84 4.94
C PHE C 283 -43.28 12.60 4.07
N TRP C 284 -43.76 11.42 4.55
CA TRP C 284 -43.67 10.14 3.87
C TRP C 284 -44.21 10.18 2.44
N ASP C 285 -45.35 10.89 2.23
CA ASP C 285 -45.99 11.05 0.91
C ASP C 285 -45.05 11.72 -0.08
N GLU C 286 -44.23 12.64 0.41
CA GLU C 286 -43.26 13.38 -0.38
C GLU C 286 -42.00 12.54 -0.58
N ALA C 287 -41.48 11.97 0.53
CA ALA C 287 -40.27 11.16 0.58
C ALA C 287 -40.32 9.84 -0.22
N LYS C 288 -41.47 9.14 -0.24
CA LYS C 288 -41.57 7.85 -0.93
C LYS C 288 -41.38 7.93 -2.44
N THR C 289 -41.72 9.08 -3.04
CA THR C 289 -41.56 9.29 -4.48
C THR C 289 -40.06 9.43 -4.84
N LEU C 290 -39.24 9.71 -3.82
CA LEU C 290 -37.82 9.98 -3.93
C LEU C 290 -36.89 8.78 -3.63
N ILE C 291 -37.44 7.66 -3.11
CA ILE C 291 -36.66 6.43 -2.82
C ILE C 291 -36.11 5.85 -4.14
N ASN C 292 -34.80 5.54 -4.17
CA ASN C 292 -34.08 4.99 -5.33
C ASN C 292 -33.79 3.49 -5.15
N SER C 293 -34.46 2.65 -5.95
CA SER C 293 -34.32 1.20 -5.89
C SER C 293 -33.57 0.62 -7.10
N ASP C 294 -32.96 1.50 -7.91
CA ASP C 294 -32.28 1.15 -9.16
C ASP C 294 -31.05 0.27 -9.00
N TYR C 295 -30.32 0.44 -7.89
CA TYR C 295 -29.07 -0.30 -7.70
C TYR C 295 -29.21 -1.69 -7.12
N ILE C 296 -28.81 -2.70 -7.91
CA ILE C 296 -28.74 -4.11 -7.48
C ILE C 296 -27.25 -4.45 -7.28
N PRO C 297 -26.75 -4.44 -6.02
CA PRO C 297 -25.33 -4.73 -5.81
C PRO C 297 -24.87 -6.11 -6.26
N ASN C 298 -23.68 -6.17 -6.87
CA ASN C 298 -23.03 -7.40 -7.28
C ASN C 298 -21.96 -7.73 -6.22
N SER C 299 -21.43 -8.93 -6.28
CA SER C 299 -20.39 -9.37 -5.36
C SER C 299 -19.15 -8.42 -5.46
N GLY C 300 -18.70 -7.93 -4.31
CA GLY C 300 -17.56 -7.04 -4.21
C GLY C 300 -17.88 -5.56 -4.21
N ASP C 301 -19.18 -5.20 -4.33
CA ASP C 301 -19.60 -3.81 -4.31
C ASP C 301 -19.77 -3.37 -2.87
N LEU C 302 -19.36 -2.13 -2.58
CA LEU C 302 -19.52 -1.53 -1.28
C LEU C 302 -20.32 -0.23 -1.44
N ILE C 303 -21.34 -0.06 -0.59
CA ILE C 303 -22.13 1.18 -0.52
C ILE C 303 -21.69 1.94 0.72
N PHE C 304 -21.10 3.14 0.52
CA PHE C 304 -20.64 4.00 1.61
C PHE C 304 -21.66 5.13 1.81
N VAL C 305 -22.25 5.23 3.01
CA VAL C 305 -23.37 6.14 3.34
C VAL C 305 -23.06 7.13 4.47
N ASN C 306 -23.49 8.40 4.31
CA ASN C 306 -23.46 9.43 5.35
C ASN C 306 -24.82 9.25 6.01
N ASN C 307 -24.85 8.61 7.19
CA ASN C 307 -26.06 8.28 7.95
C ASN C 307 -26.89 9.51 8.42
N HIS C 308 -26.40 10.71 8.17
CA HIS C 308 -27.12 11.94 8.51
C HIS C 308 -27.82 12.50 7.28
N LEU C 309 -27.50 11.99 6.09
CA LEU C 309 -28.11 12.45 4.83
C LEU C 309 -28.94 11.38 4.14
N CYS C 310 -28.48 10.14 4.14
CA CYS C 310 -29.08 9.04 3.39
C CYS C 310 -29.59 7.87 4.22
N ALA C 311 -30.88 7.53 4.07
CA ALA C 311 -31.53 6.39 4.69
C ALA C 311 -31.36 5.16 3.73
N HIS C 312 -31.35 3.96 4.28
CA HIS C 312 -31.17 2.75 3.50
C HIS C 312 -32.26 1.73 3.78
N GLY C 313 -32.34 0.73 2.92
CA GLY C 313 -33.25 -0.40 3.00
C GLY C 313 -32.83 -1.44 1.96
N ARG C 314 -33.70 -2.40 1.70
CA ARG C 314 -33.56 -3.44 0.67
C ARG C 314 -34.92 -4.03 0.47
N SER C 315 -35.19 -4.52 -0.77
CA SER C 315 -36.47 -5.13 -1.15
C SER C 315 -36.67 -6.54 -0.59
N ALA C 316 -37.91 -7.04 -0.68
CA ALA C 316 -38.27 -8.37 -0.21
C ALA C 316 -37.66 -9.42 -1.15
N PHE C 317 -37.30 -10.59 -0.58
CA PHE C 317 -36.70 -11.71 -1.31
C PHE C 317 -36.78 -13.04 -0.55
N ILE C 318 -36.82 -14.15 -1.27
CA ILE C 318 -36.74 -15.47 -0.63
C ILE C 318 -35.24 -15.77 -0.62
N ALA C 319 -34.64 -15.96 0.58
CA ALA C 319 -33.22 -16.28 0.70
C ALA C 319 -32.84 -17.58 -0.08
N GLY C 320 -31.67 -17.57 -0.70
CA GLY C 320 -31.15 -18.71 -1.43
C GLY C 320 -31.80 -18.98 -2.77
N GLN C 321 -32.51 -17.98 -3.33
CA GLN C 321 -33.15 -18.12 -4.63
C GLN C 321 -33.43 -16.80 -5.35
N ARG C 322 -33.60 -16.90 -6.69
CA ARG C 322 -33.91 -15.80 -7.61
C ARG C 322 -34.84 -16.37 -8.67
N ILE C 323 -35.86 -15.60 -9.11
CA ILE C 323 -36.71 -16.16 -10.16
C ILE C 323 -36.61 -15.25 -11.40
N GLU C 324 -35.82 -15.71 -12.40
CA GLU C 324 -35.61 -15.00 -13.66
C GLU C 324 -35.99 -15.91 -14.82
N ASN C 325 -36.78 -15.35 -15.77
CA ASN C 325 -37.31 -16.01 -16.97
C ASN C 325 -38.19 -17.23 -16.62
N GLY C 326 -38.88 -17.12 -15.49
CA GLY C 326 -39.78 -18.14 -14.94
C GLY C 326 -39.11 -19.44 -14.56
N GLU C 327 -37.98 -19.34 -13.85
CA GLU C 327 -37.19 -20.47 -13.40
C GLU C 327 -36.67 -20.15 -12.00
N ILE C 328 -36.96 -21.01 -10.99
CA ILE C 328 -36.42 -20.79 -9.66
C ILE C 328 -34.96 -21.17 -9.76
N ILE C 329 -34.10 -20.21 -9.50
CA ILE C 329 -32.67 -20.43 -9.53
C ILE C 329 -32.20 -20.50 -8.08
N LYS C 330 -31.86 -21.71 -7.61
CA LYS C 330 -31.34 -21.87 -6.24
C LYS C 330 -29.93 -21.30 -6.23
N CYS C 331 -29.57 -20.61 -5.13
CA CYS C 331 -28.27 -19.96 -5.01
C CYS C 331 -27.81 -19.90 -3.56
N GLU C 332 -26.56 -19.42 -3.34
CA GLU C 332 -26.03 -19.23 -1.99
C GLU C 332 -26.73 -18.03 -1.38
N ARG C 333 -26.98 -18.07 -0.06
CA ARG C 333 -27.73 -17.00 0.58
C ARG C 333 -26.92 -15.69 0.71
N ARG C 334 -27.66 -14.56 0.64
CA ARG C 334 -27.17 -13.20 0.71
C ARG C 334 -26.28 -13.02 1.92
N GLN C 335 -25.17 -12.33 1.70
CA GLN C 335 -24.19 -12.08 2.72
C GLN C 335 -23.60 -10.71 2.46
N MET C 336 -23.85 -9.81 3.40
CA MET C 336 -23.40 -8.43 3.38
C MET C 336 -22.68 -8.15 4.70
N LEU C 337 -21.62 -7.30 4.68
CA LEU C 337 -20.90 -6.91 5.89
C LEU C 337 -21.10 -5.43 6.20
N ARG C 338 -21.62 -5.13 7.40
CA ARG C 338 -21.87 -3.76 7.85
C ARG C 338 -20.82 -3.27 8.86
N MET C 339 -20.31 -2.07 8.62
CA MET C 339 -19.39 -1.36 9.51
C MET C 339 -19.93 0.04 9.72
N MET C 340 -19.86 0.54 10.98
CA MET C 340 -20.38 1.84 11.39
C MET C 340 -19.28 2.63 12.04
N SER C 341 -19.28 3.95 11.86
CA SER C 341 -18.23 4.79 12.43
C SER C 341 -18.69 6.16 12.89
N LYS C 342 -17.93 6.74 13.81
CA LYS C 342 -18.15 8.10 14.35
C LYS C 342 -16.92 8.94 14.08
N THR C 343 -17.13 10.18 13.62
CA THR C 343 -16.04 11.14 13.30
C THR C 343 -15.35 11.76 14.53
N SER C 344 -15.94 11.65 15.73
CA SER C 344 -15.44 12.19 16.97
C SER C 344 -15.77 11.31 18.19
N LEU C 345 -14.70 10.81 18.84
CA LEU C 345 -14.78 10.04 20.08
C LEU C 345 -15.12 10.97 21.27
N ILE C 346 -14.80 12.28 21.16
CA ILE C 346 -15.05 13.32 22.17
C ILE C 346 -16.54 13.50 22.44
N HIS C 347 -17.35 13.72 21.39
CA HIS C 347 -18.78 13.98 21.43
C HIS C 347 -19.62 12.82 22.05
N ILE C 348 -19.25 11.57 21.77
CA ILE C 348 -19.91 10.35 22.25
C ILE C 348 -19.37 9.85 23.60
N ARG C 349 -18.32 10.49 24.14
CA ARG C 349 -17.63 10.05 25.36
C ARG C 349 -18.52 9.79 26.57
N SER C 350 -19.58 10.58 26.79
CA SER C 350 -20.51 10.35 27.91
C SER C 350 -21.28 9.01 27.81
N VAL C 351 -21.43 8.45 26.60
CA VAL C 351 -22.18 7.21 26.37
C VAL C 351 -21.29 5.98 26.08
N THR C 352 -19.96 6.15 26.00
CA THR C 352 -19.09 5.01 25.70
C THR C 352 -18.55 4.38 26.98
N ARG C 353 -18.14 3.08 26.91
CA ARG C 353 -17.54 2.33 28.02
C ARG C 353 -16.29 3.07 28.51
N THR C 354 -16.07 3.10 29.84
CA THR C 354 -14.89 3.76 30.40
C THR C 354 -13.61 3.18 29.79
N ASP C 355 -13.52 1.83 29.77
CA ASP C 355 -12.42 1.02 29.25
C ASP C 355 -12.27 1.05 27.72
N ASP C 356 -13.33 1.44 26.97
CA ASP C 356 -13.36 1.45 25.50
C ASP C 356 -14.13 2.66 24.93
N PRO C 357 -13.44 3.75 24.47
CA PRO C 357 -14.17 4.89 23.89
C PRO C 357 -14.81 4.66 22.51
N TYR C 358 -14.71 3.43 22.00
CA TYR C 358 -15.29 3.02 20.72
C TYR C 358 -16.53 2.19 20.93
N PHE C 359 -16.92 1.90 22.21
CA PHE C 359 -18.08 1.05 22.50
C PHE C 359 -19.20 1.88 23.10
N ILE C 360 -20.25 2.13 22.29
CA ILE C 360 -21.40 2.96 22.67
C ILE C 360 -22.45 2.15 23.42
N MET C 361 -22.70 2.60 24.66
CA MET C 361 -23.61 1.99 25.63
C MET C 361 -24.99 2.64 25.68
N GLU C 362 -25.27 3.57 24.75
CA GLU C 362 -26.56 4.27 24.69
C GLU C 362 -27.66 3.29 24.26
N GLU C 363 -28.82 3.41 24.91
CA GLU C 363 -30.00 2.57 24.72
C GLU C 363 -31.08 3.29 23.95
N HIS C 364 -31.47 4.51 24.38
CA HIS C 364 -32.54 5.26 23.74
C HIS C 364 -32.47 6.76 24.01
N LEU C 365 -32.19 7.56 22.96
CA LEU C 365 -32.13 9.03 22.95
C LEU C 365 -31.56 9.66 24.23
N GLY C 366 -30.29 9.38 24.50
CA GLY C 366 -29.59 9.88 25.69
C GLY C 366 -29.49 8.89 26.84
N LYS C 367 -30.52 8.02 27.01
CA LYS C 367 -30.57 7.01 28.06
C LYS C 367 -29.55 5.89 27.78
N ILE C 368 -28.80 5.49 28.82
CA ILE C 368 -27.77 4.45 28.74
C ILE C 368 -28.31 3.12 29.30
N PHE C 369 -27.94 1.99 28.66
CA PHE C 369 -28.24 0.63 29.09
C PHE C 369 -27.91 0.49 30.58
N ASP C 370 -28.80 -0.13 31.38
CA ASP C 370 -28.54 -0.24 32.80
C ASP C 370 -27.57 -1.35 33.15
N LEU C 371 -27.81 -2.59 32.65
CA LEU C 371 -26.97 -3.77 32.92
C LEU C 371 -26.84 -3.96 34.44
N ASP C 372 -27.99 -4.24 35.09
CA ASP C 372 -28.09 -4.42 36.54
C ASP C 372 -27.77 -5.87 36.94
N LEU D 17 -1.61 -1.39 38.12
CA LEU D 17 -1.69 -1.15 39.56
C LEU D 17 -1.10 0.23 39.96
N THR D 18 -1.94 1.08 40.62
CA THR D 18 -1.64 2.45 41.08
C THR D 18 -1.14 3.32 39.92
N LEU D 19 -2.10 3.84 39.11
CA LEU D 19 -1.82 4.64 37.91
C LEU D 19 -1.03 5.93 38.20
N GLU D 20 -0.26 6.35 37.18
CA GLU D 20 0.61 7.52 37.22
C GLU D 20 -0.10 8.78 36.70
N ILE D 21 -0.54 9.61 37.67
CA ILE D 21 -1.22 10.90 37.52
C ILE D 21 -0.30 11.88 36.76
N PRO D 22 -0.73 12.42 35.59
CA PRO D 22 0.12 13.37 34.86
C PRO D 22 0.19 14.75 35.51
N THR D 23 1.40 15.28 35.75
CA THR D 23 1.53 16.59 36.39
C THR D 23 2.17 17.64 35.47
N SER D 24 2.67 17.20 34.31
CA SER D 24 3.35 18.03 33.33
C SER D 24 3.05 17.55 31.90
N PRO D 25 3.17 18.41 30.85
CA PRO D 25 2.89 17.94 29.49
C PRO D 25 4.01 17.04 28.96
N LEU D 26 3.76 16.36 27.84
CA LEU D 26 4.77 15.53 27.20
C LEU D 26 5.67 16.50 26.44
N ILE D 27 7.00 16.41 26.65
CA ILE D 27 7.96 17.28 25.98
C ILE D 27 8.63 16.48 24.88
N ILE D 28 8.40 16.90 23.61
CA ILE D 28 8.98 16.27 22.43
C ILE D 28 10.07 17.20 21.92
N LYS D 29 11.32 16.72 21.84
CA LYS D 29 12.43 17.50 21.31
C LYS D 29 12.51 17.23 19.81
N ILE D 30 11.99 18.18 18.97
CA ILE D 30 11.99 18.06 17.50
C ILE D 30 13.45 18.10 17.03
N THR D 31 13.83 17.17 16.12
CA THR D 31 15.18 17.04 15.60
C THR D 31 15.41 17.97 14.42
N GLN D 32 16.68 18.18 14.05
CA GLN D 32 17.01 19.04 12.90
C GLN D 32 16.45 18.44 11.60
N GLN D 33 16.47 17.09 11.46
CA GLN D 33 15.98 16.38 10.28
C GLN D 33 14.49 16.56 10.14
N GLU D 34 13.75 16.52 11.26
CA GLU D 34 12.31 16.76 11.32
C GLU D 34 11.98 18.22 10.98
N ARG D 35 12.81 19.16 11.48
CA ARG D 35 12.68 20.59 11.18
C ARG D 35 12.85 20.78 9.68
N ASN D 36 13.87 20.09 9.07
CA ASN D 36 14.12 20.12 7.63
C ASN D 36 12.92 19.62 6.84
N ILE D 37 12.26 18.55 7.29
CA ILE D 37 11.08 17.97 6.64
C ILE D 37 9.94 19.01 6.65
N LEU D 38 9.60 19.52 7.84
CA LEU D 38 8.54 20.51 8.06
C LEU D 38 8.67 21.79 7.24
N SER D 39 9.91 22.25 7.05
CA SER D 39 10.23 23.42 6.26
C SER D 39 9.96 23.14 4.78
N ASN D 40 10.50 22.02 4.24
CA ASN D 40 10.35 21.68 2.82
C ASN D 40 8.90 21.43 2.46
N VAL D 41 8.22 20.72 3.33
CA VAL D 41 6.79 20.41 3.25
C VAL D 41 5.97 21.70 3.24
N GLY D 42 6.32 22.65 4.11
CA GLY D 42 5.68 23.96 4.24
C GLY D 42 5.86 24.78 2.97
N ASN D 43 7.11 24.82 2.45
CA ASN D 43 7.46 25.52 1.20
C ASN D 43 6.72 24.94 -0.01
N LEU D 44 6.60 23.58 -0.11
CA LEU D 44 5.89 22.87 -1.18
C LEU D 44 4.40 23.18 -1.20
N LEU D 45 3.78 23.28 -0.01
CA LEU D 45 2.36 23.59 0.17
C LEU D 45 2.01 25.02 -0.23
N VAL D 46 2.92 25.96 0.06
CA VAL D 46 2.80 27.38 -0.30
C VAL D 46 2.78 27.46 -1.84
N LYS D 47 3.73 26.76 -2.51
CA LYS D 47 3.82 26.71 -3.97
C LYS D 47 2.58 26.07 -4.60
N ALA D 48 2.11 24.95 -4.01
CA ALA D 48 0.96 24.17 -4.48
C ALA D 48 -0.41 24.84 -4.26
N PHE D 49 -0.65 25.42 -3.07
CA PHE D 49 -1.97 25.95 -2.75
C PHE D 49 -2.02 27.44 -2.49
N GLY D 50 -0.88 28.11 -2.52
CA GLY D 50 -0.83 29.54 -2.29
C GLY D 50 -0.97 29.93 -0.83
N ASN D 51 -2.11 29.59 -0.19
CA ASN D 51 -2.41 29.90 1.21
C ASN D 51 -3.16 28.73 1.90
N TYR D 52 -2.99 28.61 3.25
CA TYR D 52 -3.56 27.53 4.07
C TYR D 52 -5.10 27.54 4.19
N GLU D 53 -5.77 28.59 3.72
CA GLU D 53 -7.22 28.68 3.73
C GLU D 53 -7.83 28.31 2.38
N ASN D 54 -6.98 27.87 1.42
CA ASN D 54 -7.38 27.40 0.10
C ASN D 54 -8.31 26.20 0.30
N PRO D 55 -9.55 26.23 -0.29
CA PRO D 55 -10.48 25.11 -0.12
C PRO D 55 -9.98 23.76 -0.59
N ASP D 56 -9.14 23.73 -1.63
CA ASP D 56 -8.57 22.50 -2.18
C ASP D 56 -7.60 21.85 -1.20
N TYR D 57 -6.90 22.68 -0.41
CA TYR D 57 -5.96 22.23 0.60
C TYR D 57 -6.71 21.67 1.80
N ILE D 58 -7.68 22.44 2.31
CA ILE D 58 -8.53 22.09 3.45
C ILE D 58 -9.28 20.76 3.23
N ALA D 59 -9.83 20.57 2.02
CA ALA D 59 -10.56 19.36 1.65
C ALA D 59 -9.67 18.11 1.66
N SER D 60 -8.37 18.27 1.37
CA SER D 60 -7.37 17.21 1.34
C SER D 60 -6.36 17.32 2.50
N LEU D 61 -6.72 18.03 3.60
CA LEU D 61 -5.83 18.28 4.73
C LEU D 61 -5.24 17.01 5.36
N HIS D 62 -6.09 16.06 5.70
CA HIS D 62 -5.67 14.80 6.34
C HIS D 62 -4.74 13.98 5.45
N LEU D 63 -4.97 14.01 4.14
CA LEU D 63 -4.08 13.36 3.18
C LEU D 63 -2.66 13.95 3.28
N HIS D 64 -2.54 15.28 3.21
CA HIS D 64 -1.26 16.00 3.33
C HIS D 64 -0.62 15.81 4.70
N ALA D 65 -1.37 15.96 5.83
CA ALA D 65 -0.86 15.73 7.20
C ALA D 65 -0.19 14.35 7.30
N PHE D 66 -0.92 13.27 6.99
CA PHE D 66 -0.43 11.89 7.08
C PHE D 66 0.67 11.49 6.08
N GLN D 67 0.76 12.16 4.91
CA GLN D 67 1.77 11.84 3.92
C GLN D 67 3.00 12.72 3.98
N LEU D 68 2.84 13.97 4.42
CA LEU D 68 3.91 14.95 4.44
C LEU D 68 4.58 15.16 5.80
N LEU D 69 3.91 14.94 6.91
CA LEU D 69 4.53 15.18 8.20
C LEU D 69 5.60 14.16 8.57
N PRO D 70 6.68 14.55 9.33
CA PRO D 70 7.65 13.55 9.83
C PRO D 70 6.92 12.47 10.62
N GLU D 71 7.23 11.18 10.38
CA GLU D 71 6.46 10.05 10.95
C GLU D 71 6.28 10.05 12.48
N ARG D 72 7.30 10.53 13.23
CA ARG D 72 7.24 10.59 14.69
C ARG D 72 6.17 11.56 15.14
N ILE D 73 6.06 12.72 14.48
CA ILE D 73 5.03 13.74 14.76
C ILE D 73 3.62 13.17 14.54
N THR D 74 3.40 12.54 13.37
CA THR D 74 2.14 11.88 12.97
C THR D 74 1.69 10.83 14.03
N ARG D 75 2.64 10.02 14.55
CA ARG D 75 2.36 8.99 15.54
C ARG D 75 1.93 9.62 16.85
N ILE D 76 2.70 10.63 17.33
CA ILE D 76 2.43 11.37 18.56
C ILE D 76 1.00 11.96 18.52
N LEU D 77 0.67 12.73 17.46
CA LEU D 77 -0.63 13.38 17.31
C LEU D 77 -1.79 12.41 17.09
N SER D 78 -1.59 11.34 16.32
CA SER D 78 -2.60 10.28 16.08
C SER D 78 -3.00 9.58 17.39
N GLN D 79 -1.99 9.25 18.23
CA GLN D 79 -2.13 8.62 19.54
C GLN D 79 -2.87 9.56 20.48
N PHE D 80 -2.47 10.86 20.51
CA PHE D 80 -3.02 11.92 21.34
C PHE D 80 -4.53 12.21 21.09
N GLY D 81 -4.95 12.19 19.84
CA GLY D 81 -6.31 12.50 19.43
C GLY D 81 -7.41 11.64 20.02
N SER D 82 -7.10 10.37 20.27
CA SER D 82 -7.99 9.37 20.84
C SER D 82 -7.59 8.94 22.29
N ASP D 83 -6.64 9.66 22.93
CA ASP D 83 -6.14 9.36 24.29
C ASP D 83 -6.78 10.24 25.31
N PHE D 84 -7.70 9.67 26.10
CA PHE D 84 -8.41 10.37 27.15
C PHE D 84 -8.28 9.53 28.44
N SER D 85 -7.21 8.70 28.51
CA SER D 85 -6.90 7.83 29.63
C SER D 85 -6.46 8.63 30.86
N ALA D 86 -6.38 7.97 32.03
CA ALA D 86 -5.97 8.56 33.30
C ALA D 86 -4.57 9.18 33.25
N GLU D 87 -3.68 8.63 32.42
CA GLU D 87 -2.27 9.03 32.28
C GLU D 87 -2.05 10.19 31.30
N GLN D 88 -3.01 10.48 30.40
CA GLN D 88 -2.90 11.56 29.44
C GLN D 88 -3.05 12.91 30.10
N TYR D 89 -2.07 13.84 29.91
CA TYR D 89 -2.09 15.19 30.43
C TYR D 89 -3.07 16.10 29.61
N GLY D 90 -3.17 15.87 28.30
CA GLY D 90 -3.99 16.66 27.40
C GLY D 90 -3.24 17.83 26.77
N ALA D 91 -1.87 17.78 26.80
CA ALA D 91 -0.99 18.80 26.21
C ALA D 91 0.36 18.21 25.87
N ILE D 92 0.94 18.63 24.72
CA ILE D 92 2.28 18.26 24.21
C ILE D 92 3.03 19.53 23.88
N VAL D 93 4.32 19.60 24.24
CA VAL D 93 5.21 20.68 23.90
C VAL D 93 6.15 20.14 22.81
N PHE D 94 6.04 20.68 21.58
CA PHE D 94 6.96 20.31 20.52
C PHE D 94 8.08 21.38 20.50
N GLN D 95 9.19 21.11 21.21
CA GLN D 95 10.35 22.00 21.31
C GLN D 95 11.07 22.07 19.99
N GLY D 96 11.32 23.30 19.54
CA GLY D 96 12.02 23.59 18.29
C GLY D 96 11.35 23.00 17.07
N LEU D 97 10.01 23.17 16.96
CA LEU D 97 9.24 22.65 15.83
C LEU D 97 9.66 23.32 14.55
N ILE D 98 9.91 24.64 14.61
CA ILE D 98 10.33 25.46 13.47
C ILE D 98 11.50 26.36 13.84
N GLU D 99 12.28 26.77 12.80
CA GLU D 99 13.33 27.78 13.00
C GLU D 99 12.74 29.12 12.58
N VAL D 100 12.65 30.05 13.52
CA VAL D 100 12.08 31.35 13.22
C VAL D 100 13.17 32.31 12.78
N ASP D 101 13.06 32.83 11.55
CA ASP D 101 13.98 33.84 11.04
C ASP D 101 13.45 35.17 11.57
N GLN D 102 14.06 35.65 12.66
CA GLN D 102 13.62 36.87 13.35
C GLN D 102 13.65 38.13 12.47
N ASP D 103 14.65 38.26 11.58
CA ASP D 103 14.76 39.40 10.66
C ASP D 103 13.69 39.39 9.55
N ASP D 104 13.26 38.18 9.12
CA ASP D 104 12.21 38.03 8.10
C ASP D 104 10.86 38.34 8.71
N LEU D 105 10.60 37.87 9.95
CA LEU D 105 9.38 38.12 10.71
C LEU D 105 9.16 39.63 10.97
N GLY D 106 10.27 40.38 11.09
CA GLY D 106 10.28 41.82 11.33
C GLY D 106 9.75 42.20 12.70
N PRO D 107 9.61 43.50 13.02
CA PRO D 107 9.07 43.89 14.35
C PRO D 107 7.63 43.41 14.57
N THR D 108 7.19 43.34 15.83
CA THR D 108 5.84 42.86 16.16
C THR D 108 4.76 43.92 15.83
N PRO D 109 3.70 43.57 15.05
CA PRO D 109 2.64 44.57 14.75
C PRO D 109 2.00 45.15 16.02
N PRO D 110 1.55 46.44 16.05
CA PRO D 110 0.96 46.98 17.30
C PRO D 110 -0.09 46.08 17.97
N ASN D 111 -1.00 45.57 17.17
CA ASN D 111 -2.05 44.68 17.63
C ASN D 111 -2.19 43.51 16.65
N TRP D 112 -3.11 42.59 16.93
CA TRP D 112 -3.36 41.49 16.01
C TRP D 112 -3.88 41.97 14.66
N GLN D 113 -4.56 43.16 14.66
CA GLN D 113 -5.16 43.80 13.47
C GLN D 113 -4.13 44.18 12.42
N GLY D 114 -2.91 44.48 12.88
CA GLY D 114 -1.82 44.90 12.02
C GLY D 114 -0.99 43.81 11.37
N ALA D 115 -1.29 42.53 11.70
CA ALA D 115 -0.55 41.36 11.24
C ALA D 115 -0.55 41.16 9.72
N ASP D 116 0.65 40.86 9.18
CA ASP D 116 0.85 40.57 7.76
C ASP D 116 0.92 39.05 7.59
N TYR D 117 -0.22 38.47 7.17
CA TYR D 117 -0.38 37.02 6.99
C TYR D 117 0.41 36.41 5.84
N GLY D 118 1.08 37.25 5.06
CA GLY D 118 1.95 36.80 3.99
C GLY D 118 3.19 36.18 4.59
N LYS D 119 3.68 36.79 5.70
CA LYS D 119 4.84 36.35 6.48
C LYS D 119 4.51 35.09 7.31
N LEU D 120 3.23 34.94 7.69
CA LEU D 120 2.75 33.82 8.52
C LEU D 120 2.21 32.61 7.74
N ASN D 121 2.18 32.69 6.40
CA ASN D 121 1.62 31.70 5.48
C ASN D 121 2.17 30.23 5.64
N LYS D 122 3.52 30.03 5.58
CA LYS D 122 4.13 28.72 5.80
C LYS D 122 3.78 28.20 7.21
N TYR D 123 3.83 29.06 8.23
CA TYR D 123 3.51 28.70 9.62
C TYR D 123 2.09 28.14 9.77
N GLY D 124 1.12 28.77 9.10
CA GLY D 124 -0.27 28.34 9.07
C GLY D 124 -0.44 26.99 8.40
N PHE D 125 0.41 26.69 7.39
CA PHE D 125 0.41 25.38 6.70
C PHE D 125 0.88 24.30 7.66
N ILE D 126 2.05 24.54 8.31
CA ILE D 126 2.65 23.63 9.29
C ILE D 126 1.69 23.36 10.42
N CYS D 127 1.03 24.38 10.98
CA CYS D 127 0.04 24.27 12.06
C CYS D 127 -1.18 23.46 11.67
N SER D 128 -1.74 23.73 10.47
CA SER D 128 -2.90 23.00 9.95
C SER D 128 -2.61 21.52 9.72
N LEU D 129 -1.33 21.17 9.39
CA LEU D 129 -0.90 19.77 9.19
C LEU D 129 -0.92 19.05 10.54
N LEU D 130 -0.45 19.73 11.62
CA LEU D 130 -0.46 19.14 12.96
C LEU D 130 -1.89 18.81 13.38
N HIS D 131 -2.88 19.70 13.12
CA HIS D 131 -4.31 19.46 13.37
C HIS D 131 -4.83 18.31 12.49
N GLY D 132 -4.44 18.30 11.22
CA GLY D 132 -4.81 17.27 10.26
C GLY D 132 -4.44 15.85 10.63
N ALA D 133 -3.31 15.66 11.35
CA ALA D 133 -2.80 14.37 11.84
C ALA D 133 -3.49 13.87 13.10
N VAL D 134 -4.24 14.72 13.81
CA VAL D 134 -4.95 14.31 15.04
C VAL D 134 -5.90 13.07 14.78
N PRO D 135 -6.84 13.03 13.76
CA PRO D 135 -7.22 14.05 12.76
C PRO D 135 -8.25 15.04 13.29
N SER D 136 -8.09 16.31 12.96
CA SER D 136 -8.94 17.42 13.35
C SER D 136 -8.91 18.44 12.23
N LYS D 137 -10.01 19.19 12.08
CA LYS D 137 -10.20 20.19 11.05
C LYS D 137 -10.14 21.58 11.59
N PRO D 138 -9.18 22.44 11.11
CA PRO D 138 -9.14 23.85 11.60
C PRO D 138 -10.44 24.59 11.35
N VAL D 139 -10.85 25.42 12.31
CA VAL D 139 -12.12 26.17 12.30
C VAL D 139 -11.90 27.61 12.76
N GLN D 140 -12.88 28.49 12.46
CA GLN D 140 -12.88 29.87 12.95
C GLN D 140 -14.22 30.16 13.62
N TYR D 141 -14.20 31.06 14.61
CA TYR D 141 -15.37 31.41 15.43
C TYR D 141 -15.76 32.83 15.25
N TYR D 142 -17.08 33.10 15.20
CA TYR D 142 -17.58 34.47 15.14
C TYR D 142 -17.32 35.13 16.49
N ALA D 143 -17.30 34.32 17.59
CA ALA D 143 -17.02 34.76 18.96
C ALA D 143 -15.58 35.30 19.13
N GLN D 144 -14.63 34.82 18.29
CA GLN D 144 -13.23 35.27 18.29
C GLN D 144 -12.92 36.11 17.03
N ARG D 145 -12.81 37.44 17.16
CA ARG D 145 -12.46 38.40 16.09
C ARG D 145 -13.37 38.33 14.86
N LYS D 146 -14.65 37.90 15.04
CA LYS D 146 -15.67 37.75 13.97
C LYS D 146 -15.20 36.75 12.88
N GLY D 147 -14.39 35.79 13.31
CA GLY D 147 -13.75 34.76 12.51
C GLY D 147 -12.26 34.92 12.65
N GLY D 148 -11.74 35.93 11.94
CA GLY D 148 -10.33 36.32 11.92
C GLY D 148 -9.40 35.38 11.16
N GLY D 149 -9.96 34.34 10.56
CA GLY D 149 -9.21 33.34 9.80
C GLY D 149 -8.81 32.15 10.65
N LEU D 150 -8.30 31.07 10.01
CA LEU D 150 -7.88 29.83 10.68
C LEU D 150 -6.65 29.98 11.59
N LEU D 151 -5.84 31.02 11.38
CA LEU D 151 -4.65 31.29 12.17
C LEU D 151 -4.72 32.72 12.73
N HIS D 152 -4.58 32.82 14.05
CA HIS D 152 -4.64 34.08 14.77
C HIS D 152 -3.30 34.49 15.32
N ALA D 153 -2.91 35.73 15.07
CA ALA D 153 -1.70 36.33 15.63
C ALA D 153 -2.09 36.84 17.03
N VAL D 154 -1.45 36.29 18.08
CA VAL D 154 -1.66 36.67 19.49
C VAL D 154 -0.52 37.57 19.90
N ILE D 155 -0.82 38.88 19.92
CA ILE D 155 0.15 39.94 20.16
C ILE D 155 -0.28 40.81 21.34
N PRO D 156 0.66 41.24 22.23
CA PRO D 156 0.26 42.15 23.31
C PRO D 156 -0.02 43.57 22.80
N ASP D 157 -1.15 44.15 23.25
CA ASP D 157 -1.59 45.50 22.89
C ASP D 157 -1.38 46.40 24.12
N GLU D 158 -0.75 47.59 23.92
CA GLU D 158 -0.49 48.57 24.98
C GLU D 158 -1.82 49.13 25.55
N LYS D 159 -2.83 49.30 24.69
CA LYS D 159 -4.19 49.78 25.01
C LYS D 159 -4.91 48.80 25.96
N MET D 160 -4.75 47.49 25.70
CA MET D 160 -5.34 46.42 26.49
C MET D 160 -4.28 45.68 27.28
N ALA D 161 -3.42 46.44 27.99
CA ALA D 161 -2.31 45.91 28.78
C ALA D 161 -2.78 45.13 30.00
N ALA D 162 -3.63 45.74 30.86
CA ALA D 162 -4.12 45.07 32.07
C ALA D 162 -5.49 44.35 31.88
N THR D 163 -5.69 43.71 30.72
CA THR D 163 -6.93 42.99 30.39
C THR D 163 -6.76 41.46 30.45
N GLN D 164 -7.87 40.73 30.64
CA GLN D 164 -7.90 39.27 30.65
C GLN D 164 -8.16 38.73 29.22
N THR D 165 -7.20 39.00 28.30
CA THR D 165 -7.23 38.58 26.90
C THR D 165 -5.80 38.24 26.41
N GLY D 166 -5.69 37.51 25.28
CA GLY D 166 -4.43 37.17 24.61
C GLY D 166 -3.70 38.42 24.15
N SER D 167 -4.50 39.51 23.94
CA SER D 167 -4.10 40.89 23.61
C SER D 167 -3.58 41.66 24.86
N GLY D 168 -3.74 41.05 26.05
CA GLY D 168 -3.29 41.57 27.34
C GLY D 168 -1.83 41.25 27.64
N SER D 169 -1.27 41.89 28.69
CA SER D 169 0.14 41.71 29.05
C SER D 169 0.45 41.83 30.56
N LYS D 170 0.31 43.06 31.11
CA LYS D 170 0.54 43.53 32.49
C LYS D 170 -0.10 42.66 33.60
N THR D 171 -1.23 41.98 33.30
CA THR D 171 -1.93 41.12 34.27
C THR D 171 -1.95 39.66 33.85
N ASP D 172 -1.84 38.79 34.86
CA ASP D 172 -1.84 37.31 34.78
C ASP D 172 -3.10 36.79 34.04
N LEU D 173 -2.92 35.85 33.11
CA LEU D 173 -4.04 35.21 32.40
C LEU D 173 -4.34 33.85 33.07
N PHE D 174 -5.28 33.84 34.07
CA PHE D 174 -5.73 32.66 34.84
C PHE D 174 -6.06 31.53 33.89
N VAL D 175 -5.83 30.27 34.33
CA VAL D 175 -6.08 29.10 33.49
C VAL D 175 -7.55 29.03 33.05
N HIS D 176 -7.73 28.77 31.74
CA HIS D 176 -9.02 28.56 31.09
C HIS D 176 -8.91 27.60 29.91
N THR D 177 -9.98 26.90 29.59
CA THR D 177 -10.06 26.10 28.38
C THR D 177 -10.58 27.13 27.38
N GLU D 178 -10.29 26.95 26.11
CA GLU D 178 -10.74 27.91 25.10
C GLU D 178 -12.27 27.90 24.92
N ASP D 179 -12.85 29.09 24.91
CA ASP D 179 -14.27 29.40 24.73
C ASP D 179 -15.20 28.55 25.58
N ALA D 180 -15.06 28.64 26.93
CA ALA D 180 -15.88 27.89 27.92
C ALA D 180 -17.37 28.22 27.83
N PHE D 181 -17.69 29.39 27.25
CA PHE D 181 -19.05 29.92 27.05
C PHE D 181 -19.76 29.33 25.80
N LEU D 182 -19.03 28.57 24.95
CA LEU D 182 -19.60 27.97 23.76
C LEU D 182 -19.76 26.46 23.97
N SER D 183 -20.89 25.89 23.51
CA SER D 183 -21.13 24.44 23.60
C SER D 183 -20.25 23.69 22.59
N ASN D 184 -19.79 24.40 21.52
CA ASN D 184 -18.96 23.90 20.41
C ASN D 184 -17.56 24.51 20.37
N GLN D 185 -16.95 24.66 21.56
CA GLN D 185 -15.59 25.18 21.76
C GLN D 185 -14.59 24.29 21.00
N ALA D 186 -13.41 24.81 20.69
CA ALA D 186 -12.37 24.04 19.98
C ALA D 186 -12.09 22.68 20.65
N ASP D 187 -11.79 21.67 19.85
CA ASP D 187 -11.46 20.34 20.35
C ASP D 187 -9.96 20.33 20.70
N PHE D 188 -9.14 20.90 19.79
CA PHE D 188 -7.69 21.00 19.88
C PHE D 188 -7.23 22.39 19.54
N LEU D 189 -6.12 22.81 20.17
CA LEU D 189 -5.48 24.11 19.97
C LEU D 189 -4.03 23.90 19.76
N SER D 190 -3.41 24.77 19.00
CA SER D 190 -1.95 24.81 18.83
C SER D 190 -1.53 26.27 19.08
N PHE D 191 -0.46 26.46 19.87
CA PHE D 191 0.12 27.76 20.17
C PHE D 191 1.56 27.71 19.67
N LEU D 192 1.83 28.32 18.51
CA LEU D 192 3.18 28.40 17.96
C LEU D 192 3.83 29.70 18.45
N TYR D 193 4.93 29.58 19.20
CA TYR D 193 5.64 30.73 19.73
C TYR D 193 6.69 31.18 18.74
N LEU D 194 6.50 32.38 18.17
CA LEU D 194 7.43 32.97 17.21
C LEU D 194 8.49 33.77 17.98
N ARG D 195 8.03 34.42 19.04
CA ARG D 195 8.81 35.29 19.90
C ARG D 195 8.30 35.23 21.35
N ASN D 196 9.22 34.96 22.31
CA ASN D 196 8.96 34.98 23.75
C ASN D 196 10.22 35.48 24.48
N GLU D 197 10.74 36.63 24.00
CA GLU D 197 11.95 37.24 24.52
C GLU D 197 11.73 37.84 25.91
N GLU D 198 10.46 38.05 26.31
CA GLU D 198 10.09 38.52 27.63
C GLU D 198 10.19 37.33 28.63
N ARG D 199 10.24 36.08 28.12
CA ARG D 199 10.38 34.83 28.90
C ARG D 199 9.16 34.57 29.80
N VAL D 200 7.96 34.77 29.21
CA VAL D 200 6.65 34.56 29.84
C VAL D 200 6.37 33.04 30.00
N PRO D 201 6.19 32.52 31.24
CA PRO D 201 5.88 31.09 31.35
C PRO D 201 4.48 30.81 30.81
N SER D 202 4.32 29.64 30.17
CA SER D 202 3.04 29.18 29.68
C SER D 202 2.47 28.27 30.76
N THR D 203 1.41 28.73 31.43
CA THR D 203 0.75 27.94 32.48
C THR D 203 -0.25 26.92 31.85
N LEU D 204 -0.25 25.71 32.38
CA LEU D 204 -1.13 24.64 31.93
C LEU D 204 -1.79 23.98 33.16
N TYR D 205 -3.05 23.59 33.00
CA TYR D 205 -3.78 22.91 34.07
C TYR D 205 -4.58 21.75 33.45
N SER D 206 -4.30 20.51 33.89
CA SER D 206 -4.98 19.32 33.42
C SER D 206 -5.94 18.76 34.45
N ILE D 207 -7.16 18.38 34.01
CA ILE D 207 -8.16 17.74 34.88
C ILE D 207 -7.63 16.35 35.36
N ARG D 208 -6.71 15.74 34.58
CA ARG D 208 -6.10 14.45 34.86
C ARG D 208 -5.08 14.50 36.02
N SER D 209 -4.61 15.70 36.36
CA SER D 209 -3.67 15.96 37.46
C SER D 209 -4.35 15.75 38.81
N HIS D 210 -5.69 15.75 38.82
CA HIS D 210 -6.52 15.52 40.00
C HIS D 210 -6.51 14.05 40.39
N GLY D 211 -6.27 13.18 39.41
CA GLY D 211 -6.29 11.74 39.60
C GLY D 211 -7.72 11.22 39.61
N LYS D 212 -7.98 10.23 40.44
CA LYS D 212 -9.28 9.59 40.59
C LYS D 212 -10.38 10.59 40.93
N MET D 213 -11.53 10.41 40.32
CA MET D 213 -12.76 11.14 40.57
C MET D 213 -13.06 11.17 42.09
N ASN D 214 -13.19 12.39 42.62
CA ASN D 214 -13.42 12.67 44.04
C ASN D 214 -14.74 13.48 44.22
N PRO D 215 -15.29 13.61 45.47
CA PRO D 215 -16.58 14.30 45.65
C PRO D 215 -16.65 15.76 45.25
N VAL D 216 -15.51 16.47 45.28
CA VAL D 216 -15.38 17.88 44.91
C VAL D 216 -15.60 18.02 43.40
N MET D 217 -14.98 17.12 42.64
CA MET D 217 -15.06 17.05 41.19
C MET D 217 -16.46 16.63 40.75
N LYS D 218 -17.11 15.69 41.48
CA LYS D 218 -18.44 15.16 41.15
C LYS D 218 -19.53 16.24 41.07
N LYS D 219 -19.43 17.26 41.91
CA LYS D 219 -20.37 18.38 41.95
C LYS D 219 -20.32 19.22 40.68
N LEU D 220 -19.18 19.19 39.94
CA LEU D 220 -18.98 19.93 38.68
C LEU D 220 -19.69 19.34 37.48
N PHE D 221 -20.21 18.10 37.62
CA PHE D 221 -21.02 17.42 36.61
C PHE D 221 -22.44 18.00 36.55
N GLU D 222 -22.85 18.74 37.59
CA GLU D 222 -24.17 19.37 37.67
C GLU D 222 -24.23 20.57 36.71
N PRO D 223 -25.28 20.71 35.85
CA PRO D 223 -25.31 21.87 34.95
C PRO D 223 -25.91 23.11 35.64
N ILE D 224 -25.25 23.52 36.74
CA ILE D 224 -25.66 24.61 37.61
C ILE D 224 -24.70 25.83 37.57
N TYR D 225 -23.73 25.82 36.63
CA TYR D 225 -22.69 26.85 36.53
C TYR D 225 -22.86 27.81 35.39
N GLN D 226 -22.60 29.08 35.66
CA GLN D 226 -22.63 30.16 34.67
C GLN D 226 -21.31 30.10 33.89
N CYS D 227 -21.38 30.26 32.56
CA CYS D 227 -20.18 30.27 31.71
C CYS D 227 -20.18 31.61 30.98
N PRO D 228 -19.81 32.75 31.63
CA PRO D 228 -19.86 34.04 30.93
C PRO D 228 -18.92 34.16 29.71
N LYS D 229 -19.28 35.03 28.74
CA LYS D 229 -18.48 35.32 27.54
C LYS D 229 -17.14 36.02 27.96
N ASP D 230 -16.01 35.75 27.22
CA ASP D 230 -14.64 36.22 27.53
C ASP D 230 -14.52 37.79 27.73
N ALA D 231 -13.44 38.24 28.43
CA ALA D 231 -13.22 39.64 28.84
C ALA D 231 -13.13 40.68 27.71
N ASN D 232 -12.98 40.23 26.43
CA ASN D 232 -12.94 41.10 25.24
C ASN D 232 -14.31 41.82 25.05
N TYR D 233 -15.39 41.22 25.58
CA TYR D 233 -16.76 41.70 25.56
C TYR D 233 -16.91 42.83 26.60
N ASN D 234 -17.21 44.04 26.13
CA ASN D 234 -17.32 45.22 26.98
C ASN D 234 -18.72 45.37 27.55
N SER D 241 -30.27 36.41 33.81
CA SER D 241 -29.08 35.56 33.87
C SER D 241 -29.13 34.43 32.85
N GLY D 242 -28.12 34.39 32.00
CA GLY D 242 -27.93 33.44 30.90
C GLY D 242 -28.03 31.94 31.19
N PRO D 243 -27.73 31.08 30.19
CA PRO D 243 -27.83 29.63 30.44
C PRO D 243 -26.66 29.09 31.25
N THR D 244 -26.91 27.97 31.93
CA THR D 244 -25.92 27.29 32.76
C THR D 244 -25.46 26.00 32.10
N ALA D 245 -24.25 25.54 32.46
CA ALA D 245 -23.65 24.31 31.98
C ALA D 245 -22.81 23.60 33.07
N SER D 246 -22.39 22.37 32.77
CA SER D 246 -21.57 21.54 33.63
C SER D 246 -20.12 21.92 33.43
N VAL D 247 -19.33 21.98 34.51
CA VAL D 247 -17.90 22.27 34.37
C VAL D 247 -17.19 20.96 33.86
N LEU D 248 -17.59 19.80 34.40
CA LEU D 248 -17.14 18.48 33.98
C LEU D 248 -18.24 17.77 33.20
N TYR D 249 -17.87 17.11 32.11
CA TYR D 249 -18.78 16.35 31.26
C TYR D 249 -18.03 15.13 30.67
N GLY D 250 -18.64 14.39 29.76
CA GLY D 250 -18.00 13.19 29.21
C GLY D 250 -18.11 12.00 30.15
N ASN D 251 -17.02 11.21 30.24
CA ASN D 251 -16.98 10.02 31.10
C ASN D 251 -16.91 10.42 32.56
N ARG D 252 -17.80 9.83 33.34
CA ARG D 252 -17.96 10.15 34.77
C ARG D 252 -16.71 9.86 35.61
N GLU D 253 -15.90 8.88 35.21
CA GLU D 253 -14.67 8.52 35.91
C GLU D 253 -13.49 9.34 35.45
N LEU D 254 -13.36 9.58 34.13
CA LEU D 254 -12.27 10.29 33.47
C LEU D 254 -12.88 11.41 32.62
N PRO D 255 -13.30 12.54 33.22
CA PRO D 255 -14.05 13.56 32.47
C PRO D 255 -13.29 14.53 31.59
N PHE D 256 -14.09 15.35 30.86
CA PHE D 256 -13.64 16.47 30.06
C PHE D 256 -14.01 17.73 30.87
N ILE D 257 -13.35 18.86 30.58
CA ILE D 257 -13.57 20.08 31.32
C ILE D 257 -13.82 21.33 30.43
N ARG D 258 -14.70 22.21 30.92
CA ARG D 258 -14.94 23.55 30.39
C ARG D 258 -14.80 24.46 31.61
N PHE D 259 -13.69 25.22 31.68
CA PHE D 259 -13.42 26.02 32.86
C PHE D 259 -12.72 27.32 32.53
N ASP D 260 -13.11 28.37 33.21
CA ASP D 260 -12.45 29.65 33.11
C ASP D 260 -12.52 30.26 34.50
N ALA D 261 -11.42 30.16 35.28
CA ALA D 261 -11.35 30.69 36.65
C ALA D 261 -11.65 32.19 36.71
N ALA D 262 -11.12 32.95 35.73
CA ALA D 262 -11.28 34.40 35.65
C ALA D 262 -12.74 34.82 35.44
N GLU D 263 -13.41 34.15 34.54
CA GLU D 263 -14.79 34.45 34.17
C GLU D 263 -15.86 33.79 35.05
N GLN D 264 -15.62 32.55 35.54
CA GLN D 264 -16.60 31.81 36.36
C GLN D 264 -16.42 32.00 37.88
N ILE D 265 -15.17 32.16 38.33
CA ILE D 265 -14.88 32.30 39.76
C ILE D 265 -14.54 33.75 40.15
N PHE D 266 -13.48 34.34 39.57
CA PHE D 266 -12.97 35.67 39.94
C PHE D 266 -13.55 36.87 39.20
N ASN D 267 -14.78 36.73 38.67
CA ASN D 267 -15.49 37.82 38.01
C ASN D 267 -16.70 38.12 38.89
N GLU D 268 -16.84 39.39 39.34
CA GLU D 268 -17.94 39.84 40.21
C GLU D 268 -19.31 39.61 39.55
N ASN D 269 -19.37 39.83 38.22
CA ASN D 269 -20.58 39.73 37.39
C ASN D 269 -20.84 38.32 36.85
N ALA D 270 -20.21 37.28 37.44
CA ALA D 270 -20.39 35.89 37.01
C ALA D 270 -21.85 35.45 37.17
N GLY D 271 -22.51 35.96 38.21
CA GLY D 271 -23.90 35.67 38.54
C GLY D 271 -24.12 34.24 38.99
N GLN D 272 -23.14 33.71 39.76
CA GLN D 272 -23.20 32.33 40.26
C GLN D 272 -24.09 32.23 41.46
N THR D 273 -24.69 31.04 41.66
CA THR D 273 -25.50 30.75 42.83
C THR D 273 -24.48 30.51 43.96
N SER D 274 -24.92 30.60 45.24
CA SER D 274 -24.02 30.35 46.36
C SER D 274 -23.53 28.88 46.34
N GLU D 275 -24.43 27.93 45.97
CA GLU D 275 -24.11 26.51 45.82
C GLU D 275 -23.05 26.34 44.72
N ALA D 276 -23.30 26.92 43.53
CA ALA D 276 -22.40 26.86 42.37
C ALA D 276 -21.01 27.49 42.65
N LEU D 277 -20.98 28.69 43.25
CA LEU D 277 -19.73 29.35 43.59
C LEU D 277 -18.92 28.57 44.63
N GLY D 278 -19.61 27.96 45.61
CA GLY D 278 -18.99 27.13 46.64
C GLY D 278 -18.32 25.90 46.04
N ASN D 279 -19.01 25.22 45.08
CA ASN D 279 -18.49 24.04 44.41
C ASN D 279 -17.27 24.40 43.55
N LEU D 280 -17.30 25.63 42.93
CA LEU D 280 -16.24 26.17 42.10
C LEU D 280 -15.06 26.57 42.97
N MET D 281 -15.32 27.05 44.18
CA MET D 281 -14.27 27.44 45.13
C MET D 281 -13.56 26.22 45.72
N ASP D 282 -14.34 25.19 46.07
CA ASP D 282 -13.82 23.93 46.58
C ASP D 282 -12.96 23.29 45.50
N PHE D 283 -13.39 23.37 44.23
CA PHE D 283 -12.66 22.86 43.08
C PHE D 283 -11.35 23.63 42.87
N TRP D 284 -11.43 24.97 42.82
CA TRP D 284 -10.29 25.86 42.62
C TRP D 284 -9.18 25.63 43.64
N ASP D 285 -9.52 25.40 44.93
CA ASP D 285 -8.57 25.11 46.00
C ASP D 285 -7.72 23.87 45.72
N GLU D 286 -8.34 22.88 45.07
CA GLU D 286 -7.72 21.63 44.70
C GLU D 286 -6.91 21.82 43.41
N ALA D 287 -7.56 22.42 42.38
CA ALA D 287 -7.00 22.69 41.05
C ALA D 287 -5.77 23.62 41.02
N LYS D 288 -5.73 24.69 41.86
CA LYS D 288 -4.64 25.65 41.82
C LYS D 288 -3.28 25.09 42.22
N THR D 289 -3.27 24.05 43.07
CA THR D 289 -2.03 23.39 43.51
C THR D 289 -1.44 22.56 42.33
N LEU D 290 -2.28 22.28 41.31
CA LEU D 290 -1.97 21.45 40.15
C LEU D 290 -1.56 22.21 38.89
N ILE D 291 -1.70 23.56 38.87
CA ILE D 291 -1.29 24.40 37.73
C ILE D 291 0.24 24.31 37.54
N ASN D 292 0.68 24.06 36.29
CA ASN D 292 2.09 23.91 35.91
C ASN D 292 2.59 25.12 35.14
N SER D 293 3.49 25.89 35.76
CA SER D 293 4.06 27.12 35.18
C SER D 293 5.54 26.94 34.80
N ASP D 294 6.04 25.70 34.85
CA ASP D 294 7.44 25.36 34.59
C ASP D 294 7.93 25.64 33.18
N TYR D 295 7.05 25.54 32.18
CA TYR D 295 7.48 25.74 30.81
C TYR D 295 7.51 27.19 30.32
N ILE D 296 8.72 27.64 29.94
CA ILE D 296 8.91 28.96 29.33
C ILE D 296 9.22 28.72 27.83
N PRO D 297 8.21 28.89 26.92
CA PRO D 297 8.48 28.62 25.50
C PRO D 297 9.54 29.49 24.87
N ASN D 298 10.38 28.88 24.02
CA ASN D 298 11.40 29.58 23.24
C ASN D 298 10.85 29.72 21.82
N SER D 299 11.52 30.53 21.01
CA SER D 299 11.15 30.76 19.62
C SER D 299 11.16 29.41 18.85
N GLY D 300 10.05 29.12 18.15
CA GLY D 300 9.85 27.91 17.37
C GLY D 300 9.20 26.76 18.10
N ASP D 301 8.86 26.95 19.39
CA ASP D 301 8.16 25.91 20.16
C ASP D 301 6.67 26.00 19.89
N LEU D 302 6.00 24.85 19.81
CA LEU D 302 4.56 24.79 19.64
C LEU D 302 3.97 23.95 20.78
N ILE D 303 2.89 24.42 21.40
CA ILE D 303 2.16 23.71 22.44
C ILE D 303 0.85 23.23 21.83
N PHE D 304 0.67 21.89 21.74
CA PHE D 304 -0.52 21.26 21.18
C PHE D 304 -1.39 20.76 22.34
N VAL D 305 -2.65 21.26 22.44
CA VAL D 305 -3.56 21.04 23.58
C VAL D 305 -4.89 20.38 23.19
N ASN D 306 -5.37 19.42 24.00
CA ASN D 306 -6.70 18.82 23.91
C ASN D 306 -7.53 19.73 24.81
N ASN D 307 -8.32 20.64 24.21
CA ASN D 307 -9.12 21.65 24.89
C ASN D 307 -10.23 21.08 25.82
N HIS D 308 -10.40 19.75 25.82
CA HIS D 308 -11.37 19.11 26.70
C HIS D 308 -10.68 18.53 27.94
N LEU D 309 -9.34 18.51 27.96
CA LEU D 309 -8.58 17.99 29.09
C LEU D 309 -7.70 19.05 29.77
N CYS D 310 -7.07 19.91 28.99
CA CYS D 310 -6.11 20.87 29.48
C CYS D 310 -6.48 22.35 29.27
N ALA D 311 -6.48 23.12 30.37
CA ALA D 311 -6.70 24.56 30.39
C ALA D 311 -5.34 25.24 30.23
N HIS D 312 -5.32 26.42 29.64
CA HIS D 312 -4.09 27.18 29.42
C HIS D 312 -4.19 28.59 29.99
N GLY D 313 -3.05 29.26 30.05
CA GLY D 313 -2.90 30.64 30.48
C GLY D 313 -1.46 31.10 30.25
N ARG D 314 -1.09 32.24 30.85
CA ARG D 314 0.26 32.84 30.81
C ARG D 314 0.37 33.88 31.93
N SER D 315 1.50 33.88 32.65
CA SER D 315 1.80 34.82 33.73
C SER D 315 1.84 36.27 33.23
N ALA D 316 1.78 37.24 34.16
CA ALA D 316 1.85 38.66 33.80
C ALA D 316 3.23 38.99 33.29
N PHE D 317 3.33 39.97 32.37
CA PHE D 317 4.60 40.39 31.79
C PHE D 317 4.59 41.82 31.23
N ILE D 318 5.74 42.49 31.25
CA ILE D 318 5.84 43.80 30.63
C ILE D 318 6.20 43.48 29.18
N ALA D 319 5.25 43.75 28.25
CA ALA D 319 5.29 43.49 26.81
C ALA D 319 6.47 44.10 26.07
N GLY D 320 7.56 43.36 26.00
CA GLY D 320 8.77 43.79 25.31
C GLY D 320 9.98 43.97 26.21
N GLN D 321 9.96 43.38 27.42
CA GLN D 321 11.10 43.47 28.33
C GLN D 321 11.30 42.19 29.17
N ARG D 322 12.57 41.77 29.27
CA ARG D 322 13.09 40.62 30.01
C ARG D 322 13.70 41.09 31.35
N ILE D 323 13.03 40.77 32.47
CA ILE D 323 13.46 41.16 33.82
C ILE D 323 14.38 40.10 34.44
N GLU D 324 15.53 40.53 35.00
CA GLU D 324 16.53 39.65 35.62
C GLU D 324 16.67 39.93 37.13
N ASN D 325 17.63 40.79 37.54
CA ASN D 325 17.87 41.19 38.94
C ASN D 325 17.47 42.66 39.17
N GLY D 326 16.88 43.25 38.14
CA GLY D 326 16.42 44.64 38.11
C GLY D 326 16.82 45.32 36.81
N GLU D 327 17.30 44.51 35.85
CA GLU D 327 17.78 44.96 34.55
C GLU D 327 16.70 44.90 33.46
N ILE D 328 16.22 46.09 33.03
CA ILE D 328 15.18 46.23 32.00
C ILE D 328 15.77 46.00 30.60
N ILE D 329 15.89 44.71 30.23
CA ILE D 329 16.41 44.29 28.93
C ILE D 329 15.33 44.51 27.87
N LYS D 330 15.55 45.49 26.98
CA LYS D 330 14.60 45.78 25.89
C LYS D 330 14.65 44.62 24.90
N CYS D 331 13.48 44.21 24.39
CA CYS D 331 13.39 43.13 23.42
C CYS D 331 12.19 43.30 22.50
N GLU D 332 12.08 42.44 21.46
CA GLU D 332 10.95 42.46 20.53
C GLU D 332 9.73 41.91 21.27
N ARG D 333 8.54 42.41 20.95
CA ARG D 333 7.32 42.00 21.66
C ARG D 333 6.87 40.59 21.29
N ARG D 334 6.26 39.90 22.28
CA ARG D 334 5.73 38.54 22.21
C ARG D 334 4.83 38.39 20.99
N GLN D 335 4.99 37.27 20.29
CA GLN D 335 4.22 36.96 19.11
C GLN D 335 4.04 35.46 19.09
N MET D 336 2.77 35.04 19.18
CA MET D 336 2.35 33.65 19.20
C MET D 336 1.23 33.49 18.15
N LEU D 337 1.14 32.29 17.52
CA LEU D 337 0.11 31.99 16.52
C LEU D 337 -0.81 30.90 17.04
N ARG D 338 -2.12 31.21 17.14
CA ARG D 338 -3.14 30.26 17.62
C ARG D 338 -4.01 29.71 16.50
N MET D 339 -4.15 28.39 16.47
CA MET D 339 -5.00 27.66 15.56
C MET D 339 -5.91 26.71 16.39
N MET D 340 -7.19 26.63 16.01
CA MET D 340 -8.20 25.84 16.71
C MET D 340 -8.84 24.90 15.74
N SER D 341 -9.23 23.70 16.22
CA SER D 341 -9.82 22.71 15.33
C SER D 341 -10.93 21.88 15.95
N LYS D 342 -11.80 21.29 15.10
CA LYS D 342 -12.88 20.41 15.51
C LYS D 342 -12.70 19.08 14.80
N THR D 343 -12.87 17.97 15.52
CA THR D 343 -12.73 16.61 14.95
C THR D 343 -13.92 16.15 14.12
N SER D 344 -15.08 16.84 14.23
CA SER D 344 -16.33 16.54 13.53
C SER D 344 -17.11 17.81 13.07
N LEU D 345 -17.27 17.96 11.74
CA LEU D 345 -18.04 19.03 11.13
C LEU D 345 -19.55 18.74 11.26
N ILE D 346 -19.92 17.46 11.45
CA ILE D 346 -21.30 16.98 11.61
C ILE D 346 -21.97 17.55 12.87
N HIS D 347 -21.29 17.44 14.05
CA HIS D 347 -21.85 17.77 15.36
C HIS D 347 -21.98 19.27 15.61
N ILE D 348 -21.21 20.09 14.87
CA ILE D 348 -21.26 21.56 14.92
C ILE D 348 -22.15 22.16 13.83
N ARG D 349 -22.64 21.34 12.91
CA ARG D 349 -23.38 21.79 11.73
C ARG D 349 -24.58 22.74 12.03
N SER D 350 -25.28 22.56 13.15
CA SER D 350 -26.40 23.44 13.50
C SER D 350 -25.97 24.90 13.80
N VAL D 351 -24.67 25.11 14.17
CA VAL D 351 -24.12 26.42 14.51
C VAL D 351 -23.15 27.00 13.44
N THR D 352 -22.88 26.27 12.36
CA THR D 352 -21.97 26.80 11.34
C THR D 352 -22.73 27.50 10.20
N ARG D 353 -22.01 28.40 9.45
CA ARG D 353 -22.53 29.12 8.29
C ARG D 353 -22.97 28.10 7.24
N THR D 354 -24.11 28.36 6.55
CA THR D 354 -24.60 27.45 5.51
C THR D 354 -23.53 27.24 4.43
N ASP D 355 -22.92 28.34 3.96
CA ASP D 355 -21.88 28.43 2.94
C ASP D 355 -20.50 27.90 3.37
N ASP D 356 -20.27 27.76 4.69
CA ASP D 356 -18.98 27.34 5.26
C ASP D 356 -19.15 26.46 6.54
N PRO D 357 -19.06 25.12 6.43
CA PRO D 357 -19.19 24.27 7.63
C PRO D 357 -18.01 24.34 8.62
N TYR D 358 -17.02 25.21 8.34
CA TYR D 358 -15.86 25.41 9.22
C TYR D 358 -15.98 26.72 10.00
N PHE D 359 -17.07 27.51 9.77
CA PHE D 359 -17.24 28.81 10.41
C PHE D 359 -18.37 28.76 11.42
N ILE D 360 -18.01 28.74 12.71
CA ILE D 360 -18.92 28.63 13.83
C ILE D 360 -19.49 29.99 14.24
N MET D 361 -20.82 30.09 14.14
CA MET D 361 -21.61 31.27 14.43
C MET D 361 -22.22 31.30 15.83
N GLU D 362 -21.85 30.33 16.69
CA GLU D 362 -22.35 30.24 18.05
C GLU D 362 -21.84 31.40 18.88
N GLU D 363 -22.74 31.97 19.72
CA GLU D 363 -22.50 33.10 20.61
C GLU D 363 -22.36 32.70 22.06
N HIS D 364 -23.34 31.93 22.59
CA HIS D 364 -23.34 31.52 23.99
C HIS D 364 -24.18 30.28 24.25
N LEU D 365 -23.52 29.16 24.64
CA LEU D 365 -24.11 27.86 25.02
C LEU D 365 -25.38 27.50 24.22
N GLY D 366 -25.21 27.29 22.92
CA GLY D 366 -26.29 26.95 22.01
C GLY D 366 -26.88 28.11 21.23
N LYS D 367 -26.87 29.33 21.80
CA LYS D 367 -27.40 30.54 21.15
C LYS D 367 -26.45 31.00 20.05
N ILE D 368 -27.03 31.36 18.89
CA ILE D 368 -26.29 31.80 17.71
C ILE D 368 -26.34 33.31 17.57
N PHE D 369 -25.19 33.87 17.14
CA PHE D 369 -25.00 35.30 16.87
C PHE D 369 -26.06 35.77 15.89
N ASP D 370 -26.82 36.80 16.32
CA ASP D 370 -27.86 37.38 15.51
C ASP D 370 -27.29 38.51 14.67
N LEU D 371 -27.29 38.32 13.34
CA LEU D 371 -26.78 39.29 12.36
C LEU D 371 -27.91 39.79 11.43
N ASP D 372 -28.66 40.76 11.98
CA ASP D 372 -29.85 41.43 11.46
C ASP D 372 -29.71 42.06 10.04
#